data_3VZ6
# 
_entry.id   3VZ6 
# 
_audit_conform.dict_name       mmcif_pdbx.dic 
_audit_conform.dict_version    5.381 
_audit_conform.dict_location   http://mmcif.pdb.org/dictionaries/ascii/mmcif_pdbx.dic 
# 
loop_
_database_2.database_id 
_database_2.database_code 
_database_2.pdbx_database_accession 
_database_2.pdbx_DOI 
PDB   3VZ6         pdb_00003vz6 10.2210/pdb3vz6/pdb 
RCSB  RCSB095683   ?            ?                   
WWPDB D_1000095683 ?            ?                   
# 
loop_
_pdbx_database_related.db_name 
_pdbx_database_related.db_id 
_pdbx_database_related.details 
_pdbx_database_related.content_type 
PDB 3VZ7 . unspecified 
PDB 3VZ8 . unspecified 
# 
_pdbx_database_status.status_code                     REL 
_pdbx_database_status.entry_id                        3VZ6 
_pdbx_database_status.recvd_initial_deposition_date   2012-10-09 
_pdbx_database_status.deposit_site                    PDBJ 
_pdbx_database_status.process_site                    PDBJ 
_pdbx_database_status.methods_development_category    ? 
_pdbx_database_status.status_code_sf                  REL 
_pdbx_database_status.status_code_mr                  ? 
_pdbx_database_status.SG_entry                        ? 
_pdbx_database_status.status_code_cs                  ? 
_pdbx_database_status.pdb_format_compatible           Y 
_pdbx_database_status.status_code_nmr_data            ? 
# 
loop_
_audit_author.name 
_audit_author.pdbx_ordinal 
'Saijo, S.' 1 
'Sato, T.'  2 
# 
_citation.id                        primary 
_citation.title                     
;Binding Energy(BE) from Crystal Packing of Mini-chaperones (mcpn) Provided Insights into the Allosteric Interaction of GroEL/ES Complex
;
_citation.journal_abbrev            'To be Published' 
_citation.journal_volume            ? 
_citation.page_first                ? 
_citation.page_last                 ? 
_citation.year                      ? 
_citation.journal_id_ASTM           ? 
_citation.country                   ? 
_citation.journal_id_ISSN           ? 
_citation.journal_id_CSD            0353 
_citation.book_publisher            ? 
_citation.pdbx_database_id_PubMed   ? 
_citation.pdbx_database_id_DOI      ? 
# 
loop_
_citation_author.citation_id 
_citation_author.name 
_citation_author.ordinal 
_citation_author.identifier_ORCID 
primary 'Saijo, S.' 1 ? 
primary 'Sato, T.'  2 ? 
# 
_cell.entry_id           3VZ6 
_cell.length_a           75.492 
_cell.length_b           79.900 
_cell.length_c           35.192 
_cell.angle_alpha        90.00 
_cell.angle_beta         90.00 
_cell.angle_gamma        90.00 
_cell.Z_PDB              4 
_cell.pdbx_unique_axis   ? 
_cell.length_a_esd       ? 
_cell.length_b_esd       ? 
_cell.length_c_esd       ? 
_cell.angle_alpha_esd    ? 
_cell.angle_beta_esd     ? 
_cell.angle_gamma_esd    ? 
# 
_symmetry.entry_id                         3VZ6 
_symmetry.space_group_name_H-M             'P 21 21 2' 
_symmetry.pdbx_full_space_group_name_H-M   ? 
_symmetry.cell_setting                     ? 
_symmetry.Int_Tables_number                18 
_symmetry.space_group_name_Hall            ? 
# 
loop_
_entity.id 
_entity.type 
_entity.src_method 
_entity.pdbx_description 
_entity.formula_weight 
_entity.pdbx_number_of_molecules 
_entity.pdbx_ec 
_entity.pdbx_mutation 
_entity.pdbx_fragment 
_entity.details 
1 polymer man '60 kDa chaperonin' 21601.775 1   ? ? 'Apical domain, UNP residues 191-376' ? 
2 water   nat water               18.015    122 ? ? ?                                     ? 
# 
_entity_name_com.entity_id   1 
_entity_name_com.name        'GroEL protein, Protein Cpn60' 
# 
_entity_poly.entity_id                      1 
_entity_poly.type                           'polypeptide(L)' 
_entity_poly.nstd_linkage                   no 
_entity_poly.nstd_monomer                   no 
_entity_poly.pdbx_seq_one_letter_code       
;HHHHHHIVLTGSAEGMQFDRGYLSPYFINKPETGAVELESPFILLADKKISNIREMLPVLEAVAKAGKPLLIIAEDVEGE
ALATLVVNTMRGIVKVAAVKAPGFGDRRKAMLQDIATLTGGTVISEEIGMELEKATLEDLGQAKRVVINKDTTTIIDGVG
EEAAIQGRVAQIRQQIEEATSDYDREKLQERVAKLAGGV
;
_entity_poly.pdbx_seq_one_letter_code_can   
;HHHHHHIVLTGSAEGMQFDRGYLSPYFINKPETGAVELESPFILLADKKISNIREMLPVLEAVAKAGKPLLIIAEDVEGE
ALATLVVNTMRGIVKVAAVKAPGFGDRRKAMLQDIATLTGGTVISEEIGMELEKATLEDLGQAKRVVINKDTTTIIDGVG
EEAAIQGRVAQIRQQIEEATSDYDREKLQERVAKLAGGV
;
_entity_poly.pdbx_strand_id                 A 
_entity_poly.pdbx_target_identifier         ? 
# 
loop_
_entity_poly_seq.entity_id 
_entity_poly_seq.num 
_entity_poly_seq.mon_id 
_entity_poly_seq.hetero 
1 1   HIS n 
1 2   HIS n 
1 3   HIS n 
1 4   HIS n 
1 5   HIS n 
1 6   HIS n 
1 7   ILE n 
1 8   VAL n 
1 9   LEU n 
1 10  THR n 
1 11  GLY n 
1 12  SER n 
1 13  ALA n 
1 14  GLU n 
1 15  GLY n 
1 16  MET n 
1 17  GLN n 
1 18  PHE n 
1 19  ASP n 
1 20  ARG n 
1 21  GLY n 
1 22  TYR n 
1 23  LEU n 
1 24  SER n 
1 25  PRO n 
1 26  TYR n 
1 27  PHE n 
1 28  ILE n 
1 29  ASN n 
1 30  LYS n 
1 31  PRO n 
1 32  GLU n 
1 33  THR n 
1 34  GLY n 
1 35  ALA n 
1 36  VAL n 
1 37  GLU n 
1 38  LEU n 
1 39  GLU n 
1 40  SER n 
1 41  PRO n 
1 42  PHE n 
1 43  ILE n 
1 44  LEU n 
1 45  LEU n 
1 46  ALA n 
1 47  ASP n 
1 48  LYS n 
1 49  LYS n 
1 50  ILE n 
1 51  SER n 
1 52  ASN n 
1 53  ILE n 
1 54  ARG n 
1 55  GLU n 
1 56  MET n 
1 57  LEU n 
1 58  PRO n 
1 59  VAL n 
1 60  LEU n 
1 61  GLU n 
1 62  ALA n 
1 63  VAL n 
1 64  ALA n 
1 65  LYS n 
1 66  ALA n 
1 67  GLY n 
1 68  LYS n 
1 69  PRO n 
1 70  LEU n 
1 71  LEU n 
1 72  ILE n 
1 73  ILE n 
1 74  ALA n 
1 75  GLU n 
1 76  ASP n 
1 77  VAL n 
1 78  GLU n 
1 79  GLY n 
1 80  GLU n 
1 81  ALA n 
1 82  LEU n 
1 83  ALA n 
1 84  THR n 
1 85  LEU n 
1 86  VAL n 
1 87  VAL n 
1 88  ASN n 
1 89  THR n 
1 90  MET n 
1 91  ARG n 
1 92  GLY n 
1 93  ILE n 
1 94  VAL n 
1 95  LYS n 
1 96  VAL n 
1 97  ALA n 
1 98  ALA n 
1 99  VAL n 
1 100 LYS n 
1 101 ALA n 
1 102 PRO n 
1 103 GLY n 
1 104 PHE n 
1 105 GLY n 
1 106 ASP n 
1 107 ARG n 
1 108 ARG n 
1 109 LYS n 
1 110 ALA n 
1 111 MET n 
1 112 LEU n 
1 113 GLN n 
1 114 ASP n 
1 115 ILE n 
1 116 ALA n 
1 117 THR n 
1 118 LEU n 
1 119 THR n 
1 120 GLY n 
1 121 GLY n 
1 122 THR n 
1 123 VAL n 
1 124 ILE n 
1 125 SER n 
1 126 GLU n 
1 127 GLU n 
1 128 ILE n 
1 129 GLY n 
1 130 MET n 
1 131 GLU n 
1 132 LEU n 
1 133 GLU n 
1 134 LYS n 
1 135 ALA n 
1 136 THR n 
1 137 LEU n 
1 138 GLU n 
1 139 ASP n 
1 140 LEU n 
1 141 GLY n 
1 142 GLN n 
1 143 ALA n 
1 144 LYS n 
1 145 ARG n 
1 146 VAL n 
1 147 VAL n 
1 148 ILE n 
1 149 ASN n 
1 150 LYS n 
1 151 ASP n 
1 152 THR n 
1 153 THR n 
1 154 THR n 
1 155 ILE n 
1 156 ILE n 
1 157 ASP n 
1 158 GLY n 
1 159 VAL n 
1 160 GLY n 
1 161 GLU n 
1 162 GLU n 
1 163 ALA n 
1 164 ALA n 
1 165 ILE n 
1 166 GLN n 
1 167 GLY n 
1 168 ARG n 
1 169 VAL n 
1 170 ALA n 
1 171 GLN n 
1 172 ILE n 
1 173 ARG n 
1 174 GLN n 
1 175 GLN n 
1 176 ILE n 
1 177 GLU n 
1 178 GLU n 
1 179 ALA n 
1 180 THR n 
1 181 SER n 
1 182 ASP n 
1 183 TYR n 
1 184 ASP n 
1 185 ARG n 
1 186 GLU n 
1 187 LYS n 
1 188 LEU n 
1 189 GLN n 
1 190 GLU n 
1 191 ARG n 
1 192 VAL n 
1 193 ALA n 
1 194 LYS n 
1 195 LEU n 
1 196 ALA n 
1 197 GLY n 
1 198 GLY n 
1 199 VAL n 
# 
_entity_src_gen.entity_id                          1 
_entity_src_gen.pdbx_src_id                        1 
_entity_src_gen.pdbx_alt_source_flag               sample 
_entity_src_gen.pdbx_seq_type                      ? 
_entity_src_gen.pdbx_beg_seq_num                   ? 
_entity_src_gen.pdbx_end_seq_num                   ? 
_entity_src_gen.gene_src_common_name               ? 
_entity_src_gen.gene_src_genus                     ? 
_entity_src_gen.pdbx_gene_src_gene                 'groL, groEL, mopA, b4143, JW4103' 
_entity_src_gen.gene_src_species                   ? 
_entity_src_gen.gene_src_strain                    K12 
_entity_src_gen.gene_src_tissue                    ? 
_entity_src_gen.gene_src_tissue_fraction           ? 
_entity_src_gen.gene_src_details                   ? 
_entity_src_gen.pdbx_gene_src_fragment             ? 
_entity_src_gen.pdbx_gene_src_scientific_name      'Escherichia coli' 
_entity_src_gen.pdbx_gene_src_ncbi_taxonomy_id     83333 
_entity_src_gen.pdbx_gene_src_variant              ? 
_entity_src_gen.pdbx_gene_src_cell_line            ? 
_entity_src_gen.pdbx_gene_src_atcc                 ? 
_entity_src_gen.pdbx_gene_src_organ                ? 
_entity_src_gen.pdbx_gene_src_organelle            ? 
_entity_src_gen.pdbx_gene_src_cell                 ? 
_entity_src_gen.pdbx_gene_src_cellular_location    ? 
_entity_src_gen.host_org_common_name               ? 
_entity_src_gen.pdbx_host_org_scientific_name      'Escherichia coli' 
_entity_src_gen.pdbx_host_org_ncbi_taxonomy_id     562 
_entity_src_gen.host_org_genus                     ? 
_entity_src_gen.pdbx_host_org_gene                 ? 
_entity_src_gen.pdbx_host_org_organ                ? 
_entity_src_gen.host_org_species                   ? 
_entity_src_gen.pdbx_host_org_tissue               ? 
_entity_src_gen.pdbx_host_org_tissue_fraction      ? 
_entity_src_gen.pdbx_host_org_strain               'BL21(DE3)' 
_entity_src_gen.pdbx_host_org_variant              ? 
_entity_src_gen.pdbx_host_org_cell_line            ? 
_entity_src_gen.pdbx_host_org_atcc                 ? 
_entity_src_gen.pdbx_host_org_culture_collection   ? 
_entity_src_gen.pdbx_host_org_cell                 ? 
_entity_src_gen.pdbx_host_org_organelle            ? 
_entity_src_gen.pdbx_host_org_cellular_location    ? 
_entity_src_gen.pdbx_host_org_vector_type          ? 
_entity_src_gen.pdbx_host_org_vector               ? 
_entity_src_gen.host_org_details                   ? 
_entity_src_gen.expression_system_id               ? 
_entity_src_gen.plasmid_name                       ? 
_entity_src_gen.plasmid_details                    ? 
_entity_src_gen.pdbx_description                   ? 
# 
_struct_ref.id                         1 
_struct_ref.db_name                    UNP 
_struct_ref.db_code                    CH60_ECOLI 
_struct_ref.pdbx_db_accession          P0A6F5 
_struct_ref.entity_id                  1 
_struct_ref.pdbx_seq_one_letter_code   
;EGMQFDRGYLSPYFINKPETGAVELESPFILLADKKISNIREMLPVLEAVAKAGKPLLIIAEDVEGEALATLVVNTMRGI
VKVAAVKAPGFGDRRKAMLQDIATLTGGTVISEEIGMELEKATLEDLGQAKRVVINKDTTTIIDGVGEEAAIQGRVAQIR
QQIEEATSDYDREKLQERVAKLAGGVAVIKVGAATEVEMKEKKARVEDALHATRAAVEEGVVAGGGVALIRVASKLADLR
GQNEDQNVGIKVALRAMEAPLRQIVLNCGEEPSVVANTVKGGDGNYGYNAATEEYGNMIDMGILDPTKVTRSALQYAASV
AGLMITTECMVTDLPKNDAADLGAAGGMGGMGGMGGMM
;
_struct_ref.pdbx_align_begin           191 
_struct_ref.pdbx_db_isoform            ? 
# 
_struct_ref_seq.align_id                      1 
_struct_ref_seq.ref_id                        1 
_struct_ref_seq.pdbx_PDB_id_code              3VZ6 
_struct_ref_seq.pdbx_strand_id                A 
_struct_ref_seq.seq_align_beg                 14 
_struct_ref_seq.pdbx_seq_align_beg_ins_code   ? 
_struct_ref_seq.seq_align_end                 199 
_struct_ref_seq.pdbx_seq_align_end_ins_code   ? 
_struct_ref_seq.pdbx_db_accession             P0A6F5 
_struct_ref_seq.db_align_beg                  191 
_struct_ref_seq.pdbx_db_align_beg_ins_code    ? 
_struct_ref_seq.db_align_end                  376 
_struct_ref_seq.pdbx_db_align_end_ins_code    ? 
_struct_ref_seq.pdbx_auth_seq_align_beg       191 
_struct_ref_seq.pdbx_auth_seq_align_end       376 
# 
loop_
_struct_ref_seq_dif.align_id 
_struct_ref_seq_dif.pdbx_pdb_id_code 
_struct_ref_seq_dif.mon_id 
_struct_ref_seq_dif.pdbx_pdb_strand_id 
_struct_ref_seq_dif.seq_num 
_struct_ref_seq_dif.pdbx_pdb_ins_code 
_struct_ref_seq_dif.pdbx_seq_db_name 
_struct_ref_seq_dif.pdbx_seq_db_accession_code 
_struct_ref_seq_dif.db_mon_id 
_struct_ref_seq_dif.pdbx_seq_db_seq_num 
_struct_ref_seq_dif.details 
_struct_ref_seq_dif.pdbx_auth_seq_num 
_struct_ref_seq_dif.pdbx_ordinal 
1 3VZ6 HIS A 1  ? UNP P0A6F5 ? ? 'expression tag' 178 1  
1 3VZ6 HIS A 2  ? UNP P0A6F5 ? ? 'expression tag' 179 2  
1 3VZ6 HIS A 3  ? UNP P0A6F5 ? ? 'expression tag' 180 3  
1 3VZ6 HIS A 4  ? UNP P0A6F5 ? ? 'expression tag' 181 4  
1 3VZ6 HIS A 5  ? UNP P0A6F5 ? ? 'expression tag' 182 5  
1 3VZ6 HIS A 6  ? UNP P0A6F5 ? ? 'expression tag' 183 6  
1 3VZ6 ILE A 7  ? UNP P0A6F5 ? ? 'SEE REMARK 999' 184 7  
1 3VZ6 VAL A 8  ? UNP P0A6F5 ? ? 'SEE REMARK 999' 185 8  
1 3VZ6 LEU A 9  ? UNP P0A6F5 ? ? 'SEE REMARK 999' 186 9  
1 3VZ6 THR A 10 ? UNP P0A6F5 ? ? 'SEE REMARK 999' 187 10 
1 3VZ6 GLY A 11 ? UNP P0A6F5 ? ? 'SEE REMARK 999' 188 11 
1 3VZ6 SER A 12 ? UNP P0A6F5 ? ? 'SEE REMARK 999' 189 12 
1 3VZ6 ALA A 13 ? UNP P0A6F5 ? ? 'SEE REMARK 999' 190 13 
# 
loop_
_chem_comp.id 
_chem_comp.type 
_chem_comp.mon_nstd_flag 
_chem_comp.name 
_chem_comp.pdbx_synonyms 
_chem_comp.formula 
_chem_comp.formula_weight 
ALA 'L-peptide linking' y ALANINE         ? 'C3 H7 N O2'     89.093  
ARG 'L-peptide linking' y ARGININE        ? 'C6 H15 N4 O2 1' 175.209 
ASN 'L-peptide linking' y ASPARAGINE      ? 'C4 H8 N2 O3'    132.118 
ASP 'L-peptide linking' y 'ASPARTIC ACID' ? 'C4 H7 N O4'     133.103 
GLN 'L-peptide linking' y GLUTAMINE       ? 'C5 H10 N2 O3'   146.144 
GLU 'L-peptide linking' y 'GLUTAMIC ACID' ? 'C5 H9 N O4'     147.129 
GLY 'peptide linking'   y GLYCINE         ? 'C2 H5 N O2'     75.067  
HIS 'L-peptide linking' y HISTIDINE       ? 'C6 H10 N3 O2 1' 156.162 
HOH non-polymer         . WATER           ? 'H2 O'           18.015  
ILE 'L-peptide linking' y ISOLEUCINE      ? 'C6 H13 N O2'    131.173 
LEU 'L-peptide linking' y LEUCINE         ? 'C6 H13 N O2'    131.173 
LYS 'L-peptide linking' y LYSINE          ? 'C6 H15 N2 O2 1' 147.195 
MET 'L-peptide linking' y METHIONINE      ? 'C5 H11 N O2 S'  149.211 
PHE 'L-peptide linking' y PHENYLALANINE   ? 'C9 H11 N O2'    165.189 
PRO 'L-peptide linking' y PROLINE         ? 'C5 H9 N O2'     115.130 
SER 'L-peptide linking' y SERINE          ? 'C3 H7 N O3'     105.093 
THR 'L-peptide linking' y THREONINE       ? 'C4 H9 N O3'     119.119 
TYR 'L-peptide linking' y TYROSINE        ? 'C9 H11 N O3'    181.189 
VAL 'L-peptide linking' y VALINE          ? 'C5 H11 N O2'    117.146 
# 
_exptl.entry_id          3VZ6 
_exptl.method            'X-RAY DIFFRACTION' 
_exptl.crystals_number   1 
# 
_exptl_crystal.id                    1 
_exptl_crystal.density_meas          ? 
_exptl_crystal.density_Matthews      2.55 
_exptl_crystal.density_percent_sol   51.85 
_exptl_crystal.description           ? 
_exptl_crystal.F_000                 ? 
_exptl_crystal.preparation           ? 
# 
_exptl_crystal_grow.crystal_id      1 
_exptl_crystal_grow.method          'VAPOR DIFFUSION, HANGING DROP' 
_exptl_crystal_grow.temp            288 
_exptl_crystal_grow.temp_details    ? 
_exptl_crystal_grow.pH              7.7 
_exptl_crystal_grow.pdbx_details    '0.1M Tris-HCl,1M NaCl, pH 7.7, VAPOR DIFFUSION, HANGING DROP, temperature 288K' 
_exptl_crystal_grow.pdbx_pH_range   . 
# 
_diffrn.id                     1 
_diffrn.ambient_temp           100 
_diffrn.ambient_temp_details   ? 
_diffrn.crystal_id             1 
# 
_diffrn_detector.diffrn_id              1 
_diffrn_detector.detector               CCD 
_diffrn_detector.type                   'ADSC QUANTUM 4r' 
_diffrn_detector.pdbx_collection_date   2001-02-28 
_diffrn_detector.details                ? 
# 
_diffrn_radiation.diffrn_id                        1 
_diffrn_radiation.wavelength_id                    1 
_diffrn_radiation.pdbx_monochromatic_or_laue_m_l   M 
_diffrn_radiation.monochromator                    'Si(111)' 
_diffrn_radiation.pdbx_diffrn_protocol             'SINGLE WAVELENGTH' 
_diffrn_radiation.pdbx_scattering_type             x-ray 
# 
_diffrn_radiation_wavelength.id           1 
_diffrn_radiation_wavelength.wavelength   1 
_diffrn_radiation_wavelength.wt           1.0 
# 
_diffrn_source.diffrn_id                   1 
_diffrn_source.source                      SYNCHROTRON 
_diffrn_source.type                        'PHOTON FACTORY BEAMLINE BL-6A' 
_diffrn_source.pdbx_synchrotron_site       'Photon Factory' 
_diffrn_source.pdbx_synchrotron_beamline   BL-6A 
_diffrn_source.pdbx_wavelength             ? 
_diffrn_source.pdbx_wavelength_list        1 
# 
_reflns.entry_id                     3VZ6 
_reflns.observed_criterion_sigma_I   1 
_reflns.observed_criterion_sigma_F   1 
_reflns.d_resolution_low             40 
_reflns.d_resolution_high            1.5 
_reflns.number_obs                   31276 
_reflns.number_all                   31276 
_reflns.percent_possible_obs         90.0 
_reflns.pdbx_Rmerge_I_obs            ? 
_reflns.pdbx_Rsym_value              ? 
_reflns.pdbx_netI_over_sigmaI        ? 
_reflns.B_iso_Wilson_estimate        19.8 
_reflns.pdbx_redundancy              ? 
_reflns.R_free_details               ? 
_reflns.limit_h_max                  ? 
_reflns.limit_h_min                  ? 
_reflns.limit_k_max                  ? 
_reflns.limit_k_min                  ? 
_reflns.limit_l_max                  ? 
_reflns.limit_l_min                  ? 
_reflns.observed_criterion_F_max     ? 
_reflns.observed_criterion_F_min     ? 
_reflns.pdbx_chi_squared             ? 
_reflns.pdbx_scaling_rejects         ? 
_reflns.pdbx_ordinal                 1 
_reflns.pdbx_diffrn_id               1 
# 
_reflns_shell.d_res_high                  1.5 
_reflns_shell.d_res_low                   1.59 
_reflns_shell.percent_possible_all        90.0 
_reflns_shell.Rmerge_I_obs                ? 
_reflns_shell.pdbx_Rsym_value             ? 
_reflns_shell.meanI_over_sigI_obs         ? 
_reflns_shell.pdbx_redundancy             ? 
_reflns_shell.percent_possible_obs        ? 
_reflns_shell.number_unique_all           ? 
_reflns_shell.number_measured_all         ? 
_reflns_shell.number_measured_obs         ? 
_reflns_shell.number_unique_obs           ? 
_reflns_shell.pdbx_chi_squared            ? 
_reflns_shell.pdbx_rejects                ? 
_reflns_shell.pdbx_netI_over_sigmaI_obs   ? 
_reflns_shell.number_possible             ? 
_reflns_shell.Rmerge_F_all                ? 
_reflns_shell.Rmerge_F_obs                ? 
_reflns_shell.Rmerge_I_all                ? 
_reflns_shell.meanI_over_sigI_all         ? 
_reflns_shell.pdbx_Rrim_I_all             ? 
_reflns_shell.pdbx_Rpim_I_all             ? 
_reflns_shell.pdbx_ordinal                1 
_reflns_shell.pdbx_diffrn_id              1 
# 
_refine.entry_id                                 3VZ6 
_refine.ls_number_reflns_obs                     31276 
_refine.ls_number_reflns_all                     31276 
_refine.pdbx_ls_sigma_I                          ? 
_refine.pdbx_ls_sigma_F                          0.0 
_refine.pdbx_data_cutoff_high_absF               111318.78 
_refine.pdbx_data_cutoff_low_absF                0.000000 
_refine.pdbx_data_cutoff_high_rms_absF           ? 
_refine.ls_d_res_low                             39.95 
_refine.ls_d_res_high                            1.50 
_refine.ls_percent_reflns_obs                    90.0 
_refine.ls_R_factor_obs                          0.268 
_refine.ls_R_factor_all                          ? 
_refine.ls_R_factor_R_work                       0.268 
_refine.ls_R_factor_R_free                       0.288 
_refine.ls_R_factor_R_free_error                 0.007 
_refine.ls_R_factor_R_free_error_details         ? 
_refine.ls_percent_reflns_R_free                 5.0 
_refine.ls_number_reflns_R_free                  1553 
_refine.ls_number_parameters                     ? 
_refine.ls_number_restraints                     ? 
_refine.occupancy_min                            ? 
_refine.occupancy_max                            ? 
_refine.correlation_coeff_Fo_to_Fc               ? 
_refine.correlation_coeff_Fo_to_Fc_free          ? 
_refine.B_iso_mean                               20.8 
_refine.aniso_B[1][1]                            -5.15 
_refine.aniso_B[2][2]                            5.91 
_refine.aniso_B[3][3]                            -0.76 
_refine.aniso_B[1][2]                            0.00 
_refine.aniso_B[1][3]                            0.00 
_refine.aniso_B[2][3]                            0.00 
_refine.solvent_model_details                    'FLAT MODEL' 
_refine.solvent_model_param_ksol                 0.38 
_refine.solvent_model_param_bsol                 39.6905 
_refine.pdbx_solvent_vdw_probe_radii             ? 
_refine.pdbx_solvent_ion_probe_radii             ? 
_refine.pdbx_solvent_shrinkage_radii             ? 
_refine.pdbx_ls_cross_valid_method               THROUGHOUT 
_refine.details                                  'BULK SOLVENT MODEL USED' 
_refine.pdbx_starting_model                      1KID 
_refine.pdbx_method_to_determine_struct          'MOLECULAR REPLACEMENT' 
_refine.pdbx_isotropic_thermal_model             RESTRAINED 
_refine.pdbx_stereochemistry_target_values       'Engh & Huber' 
_refine.pdbx_stereochem_target_val_spec_case     ? 
_refine.pdbx_R_Free_selection_details            RANDOM 
_refine.pdbx_overall_ESU_R                       ? 
_refine.pdbx_overall_ESU_R_Free                  ? 
_refine.overall_SU_ML                            ? 
_refine.pdbx_overall_phase_error                 ? 
_refine.overall_SU_B                             ? 
_refine.overall_SU_R_Cruickshank_DPI             ? 
_refine.ls_redundancy_reflns_obs                 ? 
_refine.B_iso_min                                ? 
_refine.B_iso_max                                ? 
_refine.overall_SU_R_free                        ? 
_refine.ls_wR_factor_R_free                      ? 
_refine.ls_wR_factor_R_work                      ? 
_refine.overall_FOM_free_R_set                   ? 
_refine.overall_FOM_work_R_set                   ? 
_refine.pdbx_diffrn_id                           1 
_refine.pdbx_refine_id                           'X-RAY DIFFRACTION' 
_refine.pdbx_TLS_residual_ADP_flag               ? 
_refine.pdbx_overall_SU_R_free_Cruickshank_DPI   ? 
_refine.pdbx_overall_SU_R_Blow_DPI               ? 
_refine.pdbx_overall_SU_R_free_Blow_DPI          ? 
# 
_refine_analyze.entry_id                        3VZ6 
_refine_analyze.Luzzati_coordinate_error_obs    0.25 
_refine_analyze.Luzzati_sigma_a_obs             0.22 
_refine_analyze.Luzzati_d_res_low_obs           5.00 
_refine_analyze.Luzzati_coordinate_error_free   0.27 
_refine_analyze.Luzzati_sigma_a_free            0.21 
_refine_analyze.Luzzati_d_res_low_free          ? 
_refine_analyze.number_disordered_residues      ? 
_refine_analyze.occupancy_sum_hydrogen          ? 
_refine_analyze.occupancy_sum_non_hydrogen      ? 
_refine_analyze.pdbx_Luzzati_d_res_high_obs     ? 
_refine_analyze.pdbx_refine_id                  'X-RAY DIFFRACTION' 
# 
_refine_hist.pdbx_refine_id                   'X-RAY DIFFRACTION' 
_refine_hist.cycle_id                         LAST 
_refine_hist.pdbx_number_atoms_protein        1455 
_refine_hist.pdbx_number_atoms_nucleic_acid   0 
_refine_hist.pdbx_number_atoms_ligand         0 
_refine_hist.number_atoms_solvent             122 
_refine_hist.number_atoms_total               1577 
_refine_hist.d_res_high                       1.50 
_refine_hist.d_res_low                        39.95 
# 
loop_
_refine_ls_restr.type 
_refine_ls_restr.dev_ideal 
_refine_ls_restr.dev_ideal_target 
_refine_ls_restr.weight 
_refine_ls_restr.number 
_refine_ls_restr.pdbx_restraint_function 
_refine_ls_restr.pdbx_refine_id 
c_bond_d                0.005 ? ? ? ? 'X-RAY DIFFRACTION' 
c_bond_d_na             ?     ? ? ? ? 'X-RAY DIFFRACTION' 
c_bond_d_prot           ?     ? ? ? ? 'X-RAY DIFFRACTION' 
c_angle_d               ?     ? ? ? ? 'X-RAY DIFFRACTION' 
c_angle_d_na            ?     ? ? ? ? 'X-RAY DIFFRACTION' 
c_angle_d_prot          ?     ? ? ? ? 'X-RAY DIFFRACTION' 
c_angle_deg             1.2   ? ? ? ? 'X-RAY DIFFRACTION' 
c_angle_deg_na          ?     ? ? ? ? 'X-RAY DIFFRACTION' 
c_angle_deg_prot        ?     ? ? ? ? 'X-RAY DIFFRACTION' 
c_dihedral_angle_d      22.4  ? ? ? ? 'X-RAY DIFFRACTION' 
c_dihedral_angle_d_na   ?     ? ? ? ? 'X-RAY DIFFRACTION' 
c_dihedral_angle_d_prot ?     ? ? ? ? 'X-RAY DIFFRACTION' 
c_improper_angle_d      0.76  ? ? ? ? 'X-RAY DIFFRACTION' 
c_improper_angle_d_na   ?     ? ? ? ? 'X-RAY DIFFRACTION' 
c_improper_angle_d_prot ?     ? ? ? ? 'X-RAY DIFFRACTION' 
c_mcbond_it             ?     ? ? ? ? 'X-RAY DIFFRACTION' 
c_mcangle_it            ?     ? ? ? ? 'X-RAY DIFFRACTION' 
c_scbond_it             ?     ? ? ? ? 'X-RAY DIFFRACTION' 
c_scangle_it            ?     ? ? ? ? 'X-RAY DIFFRACTION' 
# 
_refine_ls_shell.pdbx_refine_id                   'X-RAY DIFFRACTION' 
_refine_ls_shell.pdbx_total_number_of_bins_used   6 
_refine_ls_shell.d_res_high                       1.50 
_refine_ls_shell.d_res_low                        1.59 
_refine_ls_shell.number_reflns_R_work             3018 
_refine_ls_shell.R_factor_R_work                  0.359 
_refine_ls_shell.percent_reflns_obs               55.2 
_refine_ls_shell.R_factor_R_free                  0.340 
_refine_ls_shell.R_factor_R_free_error            0.027 
_refine_ls_shell.percent_reflns_R_free            4.9 
_refine_ls_shell.number_reflns_R_free             156 
_refine_ls_shell.number_reflns_all                ? 
_refine_ls_shell.R_factor_all                     ? 
_refine_ls_shell.number_reflns_obs                ? 
_refine_ls_shell.redundancy_reflns_obs            ? 
# 
loop_
_pdbx_xplor_file.pdbx_refine_id 
_pdbx_xplor_file.serial_no 
_pdbx_xplor_file.param_file 
_pdbx_xplor_file.topol_file 
'X-RAY DIFFRACTION' 1 protein_rep.param  protein.top      
'X-RAY DIFFRACTION' 2 dna-rna_rep.param  dna-rna.top      
'X-RAY DIFFRACTION' 3 water_rep.param    water.top        
'X-RAY DIFFRACTION' 4 ion.param          ion.top          
'X-RAY DIFFRACTION' 5 carbohydrate.param carbohydrate.top 
# 
_struct_ncs_dom.id            1 
_struct_ncs_dom.details       ? 
_struct_ncs_dom.pdbx_ens_id   1 
# 
_struct_ncs_ens.id        1 
_struct_ncs_ens.details   ? 
# 
_struct.entry_id                  3VZ6 
_struct.title                     
;Crystal Structure Analysis of the Mini-chaperonines, variant with Gly 184 replaced with Ile and Leu 185 replaced Val and Val 186 replaced with Leu.
;
_struct.pdbx_model_details        ? 
_struct.pdbx_CASP_flag            ? 
_struct.pdbx_model_type_details   ? 
# 
_struct_keywords.entry_id        3VZ6 
_struct_keywords.pdbx_keywords   CHAPERONE 
_struct_keywords.text            'Chaperonin, HSP60, GroEL, Cell division, ATP-binding, Phosphorylation, CHAPERONE' 
# 
loop_
_struct_asym.id 
_struct_asym.pdbx_blank_PDB_chainid_flag 
_struct_asym.pdbx_modified 
_struct_asym.entity_id 
_struct_asym.details 
A N N 1 ? 
B N N 2 ? 
# 
_struct_biol.id        1 
_struct_biol.details   ? 
# 
loop_
_struct_conf.conf_type_id 
_struct_conf.id 
_struct_conf.pdbx_PDB_helix_id 
_struct_conf.beg_label_comp_id 
_struct_conf.beg_label_asym_id 
_struct_conf.beg_label_seq_id 
_struct_conf.pdbx_beg_PDB_ins_code 
_struct_conf.end_label_comp_id 
_struct_conf.end_label_asym_id 
_struct_conf.end_label_seq_id 
_struct_conf.pdbx_end_PDB_ins_code 
_struct_conf.beg_auth_comp_id 
_struct_conf.beg_auth_asym_id 
_struct_conf.beg_auth_seq_id 
_struct_conf.end_auth_comp_id 
_struct_conf.end_auth_asym_id 
_struct_conf.end_auth_seq_id 
_struct_conf.pdbx_PDB_helix_class 
_struct_conf.details 
_struct_conf.pdbx_PDB_helix_length 
HELX_P HELX_P1  1  SER A 24  ? ILE A 28  ? SER A 201 ILE A 205 5 ? 5  
HELX_P HELX_P2  2  ASN A 52  ? GLU A 55  ? ASN A 229 GLU A 232 5 ? 4  
HELX_P HELX_P3  3  MET A 56  ? GLY A 67  ? MET A 233 GLY A 244 1 ? 12 
HELX_P HELX_P4  4  GLU A 78  ? ARG A 91  ? GLU A 255 ARG A 268 1 ? 14 
HELX_P HELX_P5  5  PHE A 104 ? GLY A 120 ? PHE A 281 GLY A 297 1 ? 17 
HELX_P HELX_P6  6  SER A 125 ? GLY A 129 ? SER A 302 GLY A 306 5 ? 5  
HELX_P HELX_P7  7  GLU A 131 ? ALA A 135 ? GLU A 308 ALA A 312 5 ? 5  
HELX_P HELX_P8  8  THR A 136 ? LEU A 140 ? THR A 313 LEU A 317 5 ? 5  
HELX_P HELX_P9  9  GLU A 161 ? ALA A 179 ? GLU A 338 ALA A 356 1 ? 19 
HELX_P HELX_P10 10 SER A 181 ? VAL A 199 ? SER A 358 VAL A 376 1 ? 19 
# 
_struct_conf_type.id          HELX_P 
_struct_conf_type.criteria    ? 
_struct_conf_type.reference   ? 
# 
loop_
_struct_sheet.id 
_struct_sheet.type 
_struct_sheet.number_strands 
_struct_sheet.details 
A ? 4 ? 
B ? 6 ? 
C ? 2 ? 
# 
loop_
_struct_sheet_order.sheet_id 
_struct_sheet_order.range_id_1 
_struct_sheet_order.range_id_2 
_struct_sheet_order.offset 
_struct_sheet_order.sense 
A 1 2 ? anti-parallel 
A 2 3 ? anti-parallel 
A 3 4 ? anti-parallel 
B 1 2 ? anti-parallel 
B 2 3 ? anti-parallel 
B 3 4 ? anti-parallel 
B 4 5 ? parallel      
B 5 6 ? parallel      
C 1 2 ? parallel      
# 
loop_
_struct_sheet_range.sheet_id 
_struct_sheet_range.id 
_struct_sheet_range.beg_label_comp_id 
_struct_sheet_range.beg_label_asym_id 
_struct_sheet_range.beg_label_seq_id 
_struct_sheet_range.pdbx_beg_PDB_ins_code 
_struct_sheet_range.end_label_comp_id 
_struct_sheet_range.end_label_asym_id 
_struct_sheet_range.end_label_seq_id 
_struct_sheet_range.pdbx_end_PDB_ins_code 
_struct_sheet_range.beg_auth_comp_id 
_struct_sheet_range.beg_auth_asym_id 
_struct_sheet_range.beg_auth_seq_id 
_struct_sheet_range.end_auth_comp_id 
_struct_sheet_range.end_auth_asym_id 
_struct_sheet_range.end_auth_seq_id 
A 1 MET A 16  ? PHE A 18  ? MET A 193 PHE A 195 
A 2 THR A 153 ? GLY A 158 ? THR A 330 GLY A 335 
A 3 GLY A 141 ? ILE A 148 ? GLY A 318 ILE A 325 
A 4 VAL A 36  ? GLU A 39  ? VAL A 213 GLU A 216 
B 1 MET A 16  ? PHE A 18  ? MET A 193 PHE A 195 
B 2 THR A 153 ? GLY A 158 ? THR A 330 GLY A 335 
B 3 GLY A 141 ? ILE A 148 ? GLY A 318 ILE A 325 
B 4 PHE A 42  ? LEU A 45  ? PHE A 219 LEU A 222 
B 5 LEU A 70  ? ALA A 74  ? LEU A 247 ALA A 251 
B 6 VAL A 96  ? LYS A 100 ? VAL A 273 LYS A 277 
C 1 LYS A 49  ? ILE A 50  ? LYS A 226 ILE A 227 
C 2 ASP A 76  ? VAL A 77  ? ASP A 253 VAL A 254 
# 
loop_
_pdbx_struct_sheet_hbond.sheet_id 
_pdbx_struct_sheet_hbond.range_id_1 
_pdbx_struct_sheet_hbond.range_id_2 
_pdbx_struct_sheet_hbond.range_1_label_atom_id 
_pdbx_struct_sheet_hbond.range_1_label_comp_id 
_pdbx_struct_sheet_hbond.range_1_label_asym_id 
_pdbx_struct_sheet_hbond.range_1_label_seq_id 
_pdbx_struct_sheet_hbond.range_1_PDB_ins_code 
_pdbx_struct_sheet_hbond.range_1_auth_atom_id 
_pdbx_struct_sheet_hbond.range_1_auth_comp_id 
_pdbx_struct_sheet_hbond.range_1_auth_asym_id 
_pdbx_struct_sheet_hbond.range_1_auth_seq_id 
_pdbx_struct_sheet_hbond.range_2_label_atom_id 
_pdbx_struct_sheet_hbond.range_2_label_comp_id 
_pdbx_struct_sheet_hbond.range_2_label_asym_id 
_pdbx_struct_sheet_hbond.range_2_label_seq_id 
_pdbx_struct_sheet_hbond.range_2_PDB_ins_code 
_pdbx_struct_sheet_hbond.range_2_auth_atom_id 
_pdbx_struct_sheet_hbond.range_2_auth_comp_id 
_pdbx_struct_sheet_hbond.range_2_auth_asym_id 
_pdbx_struct_sheet_hbond.range_2_auth_seq_id 
A 1 2 N MET A 16  ? N MET A 193 O ILE A 155 ? O ILE A 332 
A 2 3 O ILE A 156 ? O ILE A 333 N ARG A 145 ? N ARG A 322 
A 3 4 O ILE A 148 ? O ILE A 325 N VAL A 36  ? N VAL A 213 
B 1 2 N MET A 16  ? N MET A 193 O ILE A 155 ? O ILE A 332 
B 2 3 O ILE A 156 ? O ILE A 333 N ARG A 145 ? N ARG A 322 
B 3 4 O GLY A 141 ? O GLY A 318 N ILE A 43  ? N ILE A 220 
B 4 5 N LEU A 44  ? N LEU A 221 O ILE A 73  ? O ILE A 250 
B 5 6 N ILE A 72  ? N ILE A 249 O ALA A 97  ? O ALA A 274 
C 1 2 N ILE A 50  ? N ILE A 227 O ASP A 76  ? O ASP A 253 
# 
_atom_sites.entry_id                    3VZ6 
_atom_sites.fract_transf_matrix[1][1]   0.00190271 
_atom_sites.fract_transf_matrix[1][2]   0.01222484 
_atom_sites.fract_transf_matrix[1][3]   0.00473176 
_atom_sites.fract_transf_matrix[2][1]   -0.01235828 
_atom_sites.fract_transf_matrix[2][2]   0.00136968 
_atom_sites.fract_transf_matrix[2][3]   0.00143078 
_atom_sites.fract_transf_matrix[3][1]   0.00188712 
_atom_sites.fract_transf_matrix[3][2]   -0.01048952 
_atom_sites.fract_transf_matrix[3][3]   0.02634156 
_atom_sites.fract_transf_vector[1]      0.219844 
_atom_sites.fract_transf_vector[2]      0.174124 
_atom_sites.fract_transf_vector[3]      0.081853 
# 
loop_
_atom_type.symbol 
C 
N 
O 
S 
# 
loop_
_atom_site.group_PDB 
_atom_site.id 
_atom_site.type_symbol 
_atom_site.label_atom_id 
_atom_site.label_alt_id 
_atom_site.label_comp_id 
_atom_site.label_asym_id 
_atom_site.label_entity_id 
_atom_site.label_seq_id 
_atom_site.pdbx_PDB_ins_code 
_atom_site.Cartn_x 
_atom_site.Cartn_y 
_atom_site.Cartn_z 
_atom_site.occupancy 
_atom_site.B_iso_or_equiv 
_atom_site.pdbx_formal_charge 
_atom_site.auth_seq_id 
_atom_site.auth_comp_id 
_atom_site.auth_asym_id 
_atom_site.auth_atom_id 
_atom_site.pdbx_PDB_model_num 
ATOM   1    N N   . ILE A 1 7   ? -18.077 -22.418 5.258   1.00 41.40 ? 184 ILE A N   1 
ATOM   2    C CA  . ILE A 1 7   ? -19.188 -21.760 4.519   1.00 41.41 ? 184 ILE A CA  1 
ATOM   3    C C   . ILE A 1 7   ? -18.637 -20.879 3.396   1.00 41.10 ? 184 ILE A C   1 
ATOM   4    O O   . ILE A 1 7   ? -17.629 -20.187 3.564   1.00 38.52 ? 184 ILE A O   1 
ATOM   5    C CB  . ILE A 1 7   ? -20.057 -20.899 5.473   1.00 42.35 ? 184 ILE A CB  1 
ATOM   6    C CG1 . ILE A 1 7   ? -21.289 -20.377 4.733   1.00 43.38 ? 184 ILE A CG1 1 
ATOM   7    C CG2 . ILE A 1 7   ? -19.242 -19.739 6.024   1.00 43.00 ? 184 ILE A CG2 1 
ATOM   8    C CD1 . ILE A 1 7   ? -22.248 -19.600 5.612   1.00 43.05 ? 184 ILE A CD1 1 
ATOM   9    N N   . VAL A 1 8   ? -19.309 -20.913 2.250   1.00 40.85 ? 185 VAL A N   1 
ATOM   10   C CA  . VAL A 1 8   ? -18.898 -20.142 1.082   1.00 41.85 ? 185 VAL A CA  1 
ATOM   11   C C   . VAL A 1 8   ? -19.163 -18.645 1.224   1.00 42.62 ? 185 VAL A C   1 
ATOM   12   O O   . VAL A 1 8   ? -20.119 -18.231 1.880   1.00 42.41 ? 185 VAL A O   1 
ATOM   13   C CB  . VAL A 1 8   ? -19.604 -20.658 -0.188  1.00 41.53 ? 185 VAL A CB  1 
ATOM   14   C CG1 . VAL A 1 8   ? -19.121 -22.063 -0.515  1.00 41.41 ? 185 VAL A CG1 1 
ATOM   15   C CG2 . VAL A 1 8   ? -21.107 -20.666 0.023   1.00 42.50 ? 185 VAL A CG2 1 
ATOM   16   N N   . LEU A 1 9   ? -18.310 -17.840 0.599   1.00 43.80 ? 186 LEU A N   1 
ATOM   17   C CA  . LEU A 1 9   ? -18.433 -16.388 0.650   1.00 46.26 ? 186 LEU A CA  1 
ATOM   18   C C   . LEU A 1 9   ? -18.946 -15.790 -0.655  1.00 47.48 ? 186 LEU A C   1 
ATOM   19   O O   . LEU A 1 9   ? -19.263 -16.512 -1.600  1.00 48.64 ? 186 LEU A O   1 
ATOM   20   C CB  . LEU A 1 9   ? -17.082 -15.759 0.993   1.00 46.53 ? 186 LEU A CB  1 
ATOM   21   C CG  . LEU A 1 9   ? -16.618 -15.838 2.448   1.00 47.73 ? 186 LEU A CG  1 
ATOM   22   C CD1 . LEU A 1 9   ? -16.620 -17.277 2.942   1.00 48.65 ? 186 LEU A CD1 1 
ATOM   23   C CD2 . LEU A 1 9   ? -15.229 -15.235 2.548   1.00 48.21 ? 186 LEU A CD2 1 
ATOM   24   N N   . THR A 1 10  ? -19.023 -14.462 -0.692  1.00 49.06 ? 187 THR A N   1 
ATOM   25   C CA  . THR A 1 10  ? -19.492 -13.741 -1.872  1.00 49.76 ? 187 THR A CA  1 
ATOM   26   C C   . THR A 1 10  ? -18.955 -12.306 -1.888  1.00 50.41 ? 187 THR A C   1 
ATOM   27   O O   . THR A 1 10  ? -19.635 -11.379 -1.450  1.00 51.17 ? 187 THR A O   1 
ATOM   28   C CB  . THR A 1 10  ? -21.036 -13.687 -1.913  1.00 49.44 ? 187 THR A CB  1 
ATOM   29   O OG1 . THR A 1 10  ? -21.570 -15.015 -1.810  1.00 49.37 ? 187 THR A OG1 1 
ATOM   30   C CG2 . THR A 1 10  ? -21.509 -13.055 -3.215  1.00 49.50 ? 187 THR A CG2 1 
ATOM   31   N N   . GLY A 1 11  ? -17.735 -12.130 -2.392  1.00 50.69 ? 188 GLY A N   1 
ATOM   32   C CA  . GLY A 1 11  ? -17.139 -10.804 -2.452  1.00 50.44 ? 188 GLY A CA  1 
ATOM   33   C C   . GLY A 1 11  ? -17.110 -10.253 -3.866  1.00 50.26 ? 188 GLY A C   1 
ATOM   34   O O   . GLY A 1 11  ? -18.004 -9.502  -4.263  1.00 50.49 ? 188 GLY A O   1 
ATOM   35   N N   . SER A 1 12  ? -16.069 -10.614 -4.614  1.00 49.57 ? 189 SER A N   1 
ATOM   36   C CA  . SER A 1 12  ? -15.899 -10.201 -6.009  1.00 48.69 ? 189 SER A CA  1 
ATOM   37   C C   . SER A 1 12  ? -15.411 -8.772  -6.266  1.00 47.95 ? 189 SER A C   1 
ATOM   38   O O   . SER A 1 12  ? -15.256 -8.373  -7.422  1.00 47.97 ? 189 SER A O   1 
ATOM   39   C CB  . SER A 1 12  ? -17.201 -10.430 -6.780  1.00 48.86 ? 189 SER A CB  1 
ATOM   40   O OG  . SER A 1 12  ? -17.600 -11.788 -6.719  1.00 49.58 ? 189 SER A OG  1 
ATOM   41   N N   . ALA A 1 13  ? -15.168 -8.007  -5.204  1.00 46.55 ? 190 ALA A N   1 
ATOM   42   C CA  . ALA A 1 13  ? -14.696 -6.628  -5.348  1.00 44.35 ? 190 ALA A CA  1 
ATOM   43   C C   . ALA A 1 13  ? -14.421 -5.985  -3.991  1.00 42.27 ? 190 ALA A C   1 
ATOM   44   O O   . ALA A 1 13  ? -14.242 -4.769  -3.893  1.00 41.28 ? 190 ALA A O   1 
ATOM   45   C CB  . ALA A 1 13  ? -15.727 -5.799  -6.114  1.00 44.97 ? 190 ALA A CB  1 
ATOM   46   N N   . GLU A 1 14  ? -14.392 -6.810  -2.949  1.00 39.56 ? 191 GLU A N   1 
ATOM   47   C CA  . GLU A 1 14  ? -14.152 -6.338  -1.589  1.00 36.73 ? 191 GLU A CA  1 
ATOM   48   C C   . GLU A 1 14  ? -12.793 -5.660  -1.473  1.00 32.06 ? 191 GLU A C   1 
ATOM   49   O O   . GLU A 1 14  ? -12.644 -4.668  -0.758  1.00 31.91 ? 191 GLU A O   1 
ATOM   50   C CB  . GLU A 1 14  ? -14.230 -7.513  -0.611  1.00 39.47 ? 191 GLU A CB  1 
ATOM   51   C CG  . GLU A 1 14  ? -15.542 -8.277  -0.681  1.00 43.03 ? 191 GLU A CG  1 
ATOM   52   C CD  . GLU A 1 14  ? -16.731 -7.441  -0.244  1.00 44.74 ? 191 GLU A CD  1 
ATOM   53   O OE1 . GLU A 1 14  ? -17.881 -7.876  -0.472  1.00 45.79 ? 191 GLU A OE1 1 
ATOM   54   O OE2 . GLU A 1 14  ? -16.516 -6.353  0.332   1.00 46.16 ? 191 GLU A OE2 1 
ATOM   55   N N   . GLY A 1 15  ? -11.808 -6.203  -2.178  1.00 27.20 ? 192 GLY A N   1 
ATOM   56   C CA  . GLY A 1 15  ? -10.472 -5.641  -2.146  1.00 21.09 ? 192 GLY A CA  1 
ATOM   57   C C   . GLY A 1 15  ? -9.648  -6.151  -0.982  1.00 18.79 ? 192 GLY A C   1 
ATOM   58   O O   . GLY A 1 15  ? -10.165 -6.838  -0.089  1.00 16.85 ? 192 GLY A O   1 
ATOM   59   N N   . MET A 1 16  ? -8.355  -5.839  -1.011  1.00 15.55 ? 193 MET A N   1 
ATOM   60   C CA  . MET A 1 16  ? -7.441  -6.221  0.059   1.00 16.08 ? 193 MET A CA  1 
ATOM   61   C C   . MET A 1 16  ? -7.504  -5.093  1.075   1.00 14.54 ? 193 MET A C   1 
ATOM   62   O O   . MET A 1 16  ? -7.213  -3.935  0.755   1.00 13.97 ? 193 MET A O   1 
ATOM   63   C CB  . MET A 1 16  ? -6.008  -6.350  -0.461  1.00 16.69 ? 193 MET A CB  1 
ATOM   64   C CG  . MET A 1 16  ? -4.986  -6.525  0.654   1.00 16.36 ? 193 MET A CG  1 
ATOM   65   S SD  . MET A 1 16  ? -3.276  -6.413  0.079   1.00 19.61 ? 193 MET A SD  1 
ATOM   66   C CE  . MET A 1 16  ? -3.007  -8.092  -0.485  1.00 19.12 ? 193 MET A CE  1 
ATOM   67   N N   . GLN A 1 17  ? -7.879  -5.422  2.301   1.00 15.65 ? 194 GLN A N   1 
ATOM   68   C CA  . GLN A 1 17  ? -7.993  -4.396  3.320   1.00 16.41 ? 194 GLN A CA  1 
ATOM   69   C C   . GLN A 1 17  ? -7.076  -4.614  4.505   1.00 15.73 ? 194 GLN A C   1 
ATOM   70   O O   . GLN A 1 17  ? -6.827  -5.752  4.912   1.00 16.11 ? 194 GLN A O   1 
ATOM   71   C CB  . GLN A 1 17  ? -9.444  -4.316  3.804   1.00 20.25 ? 194 GLN A CB  1 
ATOM   72   C CG  . GLN A 1 17  ? -9.666  -3.334  4.946   1.00 24.70 ? 194 GLN A CG  1 
ATOM   73   C CD  . GLN A 1 17  ? -11.110 -3.293  5.401   1.00 27.24 ? 194 GLN A CD  1 
ATOM   74   O OE1 . GLN A 1 17  ? -12.004 -2.924  4.638   1.00 31.16 ? 194 GLN A OE1 1 
ATOM   75   N NE2 . GLN A 1 17  ? -11.348 -3.675  6.650   1.00 29.20 ? 194 GLN A NE2 1 
ATOM   76   N N   . PHE A 1 18  ? -6.540  -3.515  5.033   1.00 14.65 ? 195 PHE A N   1 
ATOM   77   C CA  . PHE A 1 18  ? -5.699  -3.583  6.219   1.00 13.51 ? 195 PHE A CA  1 
ATOM   78   C C   . PHE A 1 18  ? -6.051  -2.453  7.183   1.00 14.70 ? 195 PHE A C   1 
ATOM   79   O O   . PHE A 1 18  ? -6.553  -1.402  6.778   1.00 13.18 ? 195 PHE A O   1 
ATOM   80   C CB  . PHE A 1 18  ? -4.194  -3.628  5.873   1.00 12.41 ? 195 PHE A CB  1 
ATOM   81   C CG  . PHE A 1 18  ? -3.681  -2.462  5.081   1.00 12.40 ? 195 PHE A CG  1 
ATOM   82   C CD1 . PHE A 1 18  ? -3.069  -1.384  5.717   1.00 11.97 ? 195 PHE A CD1 1 
ATOM   83   C CD2 . PHE A 1 18  ? -3.702  -2.495  3.689   1.00 12.45 ? 195 PHE A CD2 1 
ATOM   84   C CE1 . PHE A 1 18  ? -2.474  -0.358  4.975   1.00 13.74 ? 195 PHE A CE1 1 
ATOM   85   C CE2 . PHE A 1 18  ? -3.113  -1.477  2.934   1.00 13.00 ? 195 PHE A CE2 1 
ATOM   86   C CZ  . PHE A 1 18  ? -2.497  -0.409  3.571   1.00 12.22 ? 195 PHE A CZ  1 
ATOM   87   N N   . ASP A 1 19  ? -5.799  -2.697  8.466   1.00 14.74 ? 196 ASP A N   1 
ATOM   88   C CA  . ASP A 1 19  ? -6.159  -1.782  9.543   1.00 15.72 ? 196 ASP A CA  1 
ATOM   89   C C   . ASP A 1 19  ? -5.322  -0.541  9.810   1.00 14.92 ? 196 ASP A C   1 
ATOM   90   O O   . ASP A 1 19  ? -4.893  -0.301  10.940  1.00 14.58 ? 196 ASP A O   1 
ATOM   91   C CB  . ASP A 1 19  ? -6.309  -2.596  10.833  1.00 19.54 ? 196 ASP A CB  1 
ATOM   92   C CG  . ASP A 1 19  ? -7.358  -3.692  10.707  1.00 24.31 ? 196 ASP A CG  1 
ATOM   93   O OD1 . ASP A 1 19  ? -7.200  -4.758  11.348  1.00 26.05 ? 196 ASP A OD1 1 
ATOM   94   O OD2 . ASP A 1 19  ? -8.349  -3.485  9.969   1.00 26.84 ? 196 ASP A OD2 1 
ATOM   95   N N   . ARG A 1 20  ? -5.097  0.248   8.766   1.00 12.77 ? 197 ARG A N   1 
ATOM   96   C CA  . ARG A 1 20  ? -4.362  1.499   8.893   1.00 13.04 ? 197 ARG A CA  1 
ATOM   97   C C   . ARG A 1 20  ? -5.179  2.536   8.139   1.00 14.55 ? 197 ARG A C   1 
ATOM   98   O O   . ARG A 1 20  ? -5.616  2.280   7.012   1.00 14.15 ? 197 ARG A O   1 
ATOM   99   C CB  . ARG A 1 20  ? -2.970  1.395   8.261   1.00 14.86 ? 197 ARG A CB  1 
ATOM   100  C CG  . ARG A 1 20  ? -2.057  0.385   8.891   1.00 15.06 ? 197 ARG A CG  1 
ATOM   101  C CD  . ARG A 1 20  ? -1.744  0.735   10.323  1.00 16.54 ? 197 ARG A CD  1 
ATOM   102  N NE  . ARG A 1 20  ? -0.817  -0.237  10.882  1.00 20.78 ? 197 ARG A NE  1 
ATOM   103  C CZ  . ARG A 1 20  ? -0.629  -0.434  12.179  1.00 24.37 ? 197 ARG A CZ  1 
ATOM   104  N NH1 . ARG A 1 20  ? -1.311  0.280   13.066  1.00 25.79 ? 197 ARG A NH1 1 
ATOM   105  N NH2 . ARG A 1 20  ? 0.234   -1.358  12.586  1.00 26.67 ? 197 ARG A NH2 1 
ATOM   106  N N   . GLY A 1 21  ? -5.387  3.696   8.760   1.00 13.78 ? 198 GLY A N   1 
ATOM   107  C CA  . GLY A 1 21  ? -6.150  4.758   8.123   1.00 13.45 ? 198 GLY A CA  1 
ATOM   108  C C   . GLY A 1 21  ? -5.287  5.908   7.629   1.00 11.26 ? 198 GLY A C   1 
ATOM   109  O O   . GLY A 1 21  ? -4.053  5.837   7.667   1.00 12.05 ? 198 GLY A O   1 
ATOM   110  N N   . TYR A 1 22  ? -5.924  6.979   7.164   1.00 12.98 ? 199 TYR A N   1 
ATOM   111  C CA  . TYR A 1 22  ? -5.174  8.125   6.662   1.00 13.51 ? 199 TYR A CA  1 
ATOM   112  C C   . TYR A 1 22  ? -4.323  8.796   7.742   1.00 13.02 ? 199 TYR A C   1 
ATOM   113  O O   . TYR A 1 22  ? -4.695  8.841   8.917   1.00 13.29 ? 199 TYR A O   1 
ATOM   114  C CB  . TYR A 1 22  ? -6.122  9.152   6.006   1.00 13.66 ? 199 TYR A CB  1 
ATOM   115  C CG  . TYR A 1 22  ? -7.307  9.588   6.848   1.00 12.55 ? 199 TYR A CG  1 
ATOM   116  C CD1 . TYR A 1 22  ? -7.139  10.421  7.959   1.00 12.59 ? 199 TYR A CD1 1 
ATOM   117  C CD2 . TYR A 1 22  ? -8.595  9.174   6.530   1.00 12.76 ? 199 TYR A CD2 1 
ATOM   118  C CE1 . TYR A 1 22  ? -8.229  10.825  8.731   1.00 15.76 ? 199 TYR A CE1 1 
ATOM   119  C CE2 . TYR A 1 22  ? -9.690  9.574   7.288   1.00 13.27 ? 199 TYR A CE2 1 
ATOM   120  C CZ  . TYR A 1 22  ? -9.505  10.394  8.389   1.00 13.17 ? 199 TYR A CZ  1 
ATOM   121  O OH  . TYR A 1 22  ? -10.593 10.765  9.153   1.00 15.50 ? 199 TYR A OH  1 
ATOM   122  N N   . LEU A 1 23  ? -3.163  9.297   7.326   1.00 11.95 ? 200 LEU A N   1 
ATOM   123  C CA  . LEU A 1 23  ? -2.253  9.971   8.234   1.00 11.61 ? 200 LEU A CA  1 
ATOM   124  C C   . LEU A 1 23  ? -2.622  11.439  8.375   1.00 13.24 ? 200 LEU A C   1 
ATOM   125  O O   . LEU A 1 23  ? -2.140  12.120  9.277   1.00 12.08 ? 200 LEU A O   1 
ATOM   126  C CB  . LEU A 1 23  ? -0.806  9.807   7.755   1.00 10.36 ? 200 LEU A CB  1 
ATOM   127  C CG  . LEU A 1 23  ? -0.268  8.398   8.012   1.00 12.45 ? 200 LEU A CG  1 
ATOM   128  C CD1 . LEU A 1 23  ? 1.046   8.170   7.255   1.00 14.88 ? 200 LEU A CD1 1 
ATOM   129  C CD2 . LEU A 1 23  ? -0.072  8.211   9.525   1.00 13.43 ? 200 LEU A CD2 1 
ATOM   130  N N   . SER A 1 24  ? -3.476  11.927  7.481   1.00 12.15 ? 201 SER A N   1 
ATOM   131  C CA  . SER A 1 24  ? -3.930  13.314  7.577   1.00 11.79 ? 201 SER A CA  1 
ATOM   132  C C   . SER A 1 24  ? -5.374  13.450  7.137   1.00 12.43 ? 201 SER A C   1 
ATOM   133  O O   . SER A 1 24  ? -5.767  12.941  6.090   1.00 10.37 ? 201 SER A O   1 
ATOM   134  C CB  . SER A 1 24  ? -3.084  14.251  6.728   1.00 12.10 ? 201 SER A CB  1 
ATOM   135  O OG  . SER A 1 24  ? -3.585  15.574  6.863   1.00 12.14 ? 201 SER A OG  1 
ATOM   136  N N   . PRO A 1 25  ? -6.184  14.148  7.937   1.00 13.05 ? 202 PRO A N   1 
ATOM   137  C CA  . PRO A 1 25  ? -7.592  14.324  7.573   1.00 12.20 ? 202 PRO A CA  1 
ATOM   138  C C   . PRO A 1 25  ? -7.726  15.106  6.264   1.00 13.27 ? 202 PRO A C   1 
ATOM   139  O O   . PRO A 1 25  ? -8.754  15.035  5.590   1.00 14.30 ? 202 PRO A O   1 
ATOM   140  C CB  . PRO A 1 25  ? -8.164  15.078  8.776   1.00 14.86 ? 202 PRO A CB  1 
ATOM   141  C CG  . PRO A 1 25  ? -6.998  15.861  9.274   1.00 18.68 ? 202 PRO A CG  1 
ATOM   142  C CD  . PRO A 1 25  ? -5.868  14.855  9.188   1.00 14.56 ? 202 PRO A CD  1 
ATOM   143  N N   . TYR A 1 26  ? -6.680  15.842  5.896   1.00 11.53 ? 203 TYR A N   1 
ATOM   144  C CA  . TYR A 1 26  ? -6.716  16.620  4.665   1.00 10.75 ? 203 TYR A CA  1 
ATOM   145  C C   . TYR A 1 26  ? -6.596  15.760  3.412   1.00 9.60  ? 203 TYR A C   1 
ATOM   146  O O   . TYR A 1 26  ? -6.654  16.273  2.293   1.00 13.60 ? 203 TYR A O   1 
ATOM   147  C CB  . TYR A 1 26  ? -5.634  17.709  4.685   1.00 11.93 ? 203 TYR A CB  1 
ATOM   148  C CG  . TYR A 1 26  ? -5.984  18.858  5.606   1.00 13.76 ? 203 TYR A CG  1 
ATOM   149  C CD1 . TYR A 1 26  ? -7.072  19.689  5.335   1.00 14.99 ? 203 TYR A CD1 1 
ATOM   150  C CD2 . TYR A 1 26  ? -5.247  19.091  6.765   1.00 14.79 ? 203 TYR A CD2 1 
ATOM   151  C CE1 . TYR A 1 26  ? -7.415  20.722  6.199   1.00 14.85 ? 203 TYR A CE1 1 
ATOM   152  C CE2 . TYR A 1 26  ? -5.580  20.115  7.632   1.00 16.20 ? 203 TYR A CE2 1 
ATOM   153  C CZ  . TYR A 1 26  ? -6.664  20.930  7.349   1.00 16.16 ? 203 TYR A CZ  1 
ATOM   154  O OH  . TYR A 1 26  ? -6.991  21.941  8.222   1.00 14.73 ? 203 TYR A OH  1 
ATOM   155  N N   . PHE A 1 27  ? -6.426  14.452  3.591   1.00 11.59 ? 204 PHE A N   1 
ATOM   156  C CA  . PHE A 1 27  ? -6.351  13.560  2.437   1.00 11.75 ? 204 PHE A CA  1 
ATOM   157  C C   . PHE A 1 27  ? -7.764  13.155  2.008   1.00 11.64 ? 204 PHE A C   1 
ATOM   158  O O   . PHE A 1 27  ? -7.955  12.640  0.905   1.00 12.16 ? 204 PHE A O   1 
ATOM   159  C CB  . PHE A 1 27  ? -5.567  12.288  2.764   1.00 8.57  ? 204 PHE A CB  1 
ATOM   160  C CG  . PHE A 1 27  ? -4.091  12.509  2.974   1.00 9.35  ? 204 PHE A CG  1 
ATOM   161  C CD1 . PHE A 1 27  ? -3.391  13.414  2.187   1.00 10.48 ? 204 PHE A CD1 1 
ATOM   162  C CD2 . PHE A 1 27  ? -3.408  11.786  3.945   1.00 10.32 ? 204 PHE A CD2 1 
ATOM   163  C CE1 . PHE A 1 27  ? -2.019  13.606  2.364   1.00 10.97 ? 204 PHE A CE1 1 
ATOM   164  C CE2 . PHE A 1 27  ? -2.036  11.964  4.134   1.00 9.16  ? 204 PHE A CE2 1 
ATOM   165  C CZ  . PHE A 1 27  ? -1.344  12.879  3.336   1.00 9.86  ? 204 PHE A CZ  1 
ATOM   166  N N   . ILE A 1 28  ? -8.736  13.390  2.883   1.00 12.62 ? 205 ILE A N   1 
ATOM   167  C CA  . ILE A 1 28  ? -10.133 13.037  2.620   1.00 12.52 ? 205 ILE A CA  1 
ATOM   168  C C   . ILE A 1 28  ? -10.683 13.785  1.408   1.00 14.94 ? 205 ILE A C   1 
ATOM   169  O O   . ILE A 1 28  ? -10.550 15.005  1.312   1.00 15.23 ? 205 ILE A O   1 
ATOM   170  C CB  . ILE A 1 28  ? -11.038 13.353  3.845   1.00 12.82 ? 205 ILE A CB  1 
ATOM   171  C CG1 . ILE A 1 28  ? -10.670 12.440  5.023   1.00 12.10 ? 205 ILE A CG1 1 
ATOM   172  C CG2 . ILE A 1 28  ? -12.526 13.158  3.475   1.00 12.35 ? 205 ILE A CG2 1 
ATOM   173  C CD1 . ILE A 1 28  ? -11.282 12.881  6.333   1.00 11.64 ? 205 ILE A CD1 1 
ATOM   174  N N   . ASN A 1 29  ? -11.294 13.056  0.478   1.00 13.99 ? 206 ASN A N   1 
ATOM   175  C CA  . ASN A 1 29  ? -11.866 13.704  -0.695  1.00 15.33 ? 206 ASN A CA  1 
ATOM   176  C C   . ASN A 1 29  ? -13.328 13.323  -0.919  1.00 17.16 ? 206 ASN A C   1 
ATOM   177  O O   . ASN A 1 29  ? -13.913 13.647  -1.955  1.00 17.91 ? 206 ASN A O   1 
ATOM   178  C CB  . ASN A 1 29  ? -11.029 13.429  -1.949  1.00 16.54 ? 206 ASN A CB  1 
ATOM   179  C CG  . ASN A 1 29  ? -10.877 11.956  -2.247  1.00 15.72 ? 206 ASN A CG  1 
ATOM   180  O OD1 . ASN A 1 29  ? -11.583 11.117  -1.689  1.00 16.73 ? 206 ASN A OD1 1 
ATOM   181  N ND2 . ASN A 1 29  ? -9.958  11.634  -3.143  1.00 19.14 ? 206 ASN A ND2 1 
ATOM   182  N N   . LYS A 1 30  ? -13.895 12.623  0.060   1.00 15.65 ? 207 LYS A N   1 
ATOM   183  C CA  . LYS A 1 30  ? -15.306 12.238  0.063   1.00 17.39 ? 207 LYS A CA  1 
ATOM   184  C C   . LYS A 1 30  ? -15.773 12.725  1.434   1.00 18.28 ? 207 LYS A C   1 
ATOM   185  O O   . LYS A 1 30  ? -15.899 11.950  2.379   1.00 17.79 ? 207 LYS A O   1 
ATOM   186  C CB  . LYS A 1 30  ? -15.463 10.717  -0.058  1.00 19.09 ? 207 LYS A CB  1 
ATOM   187  C CG  . LYS A 1 30  ? -15.081 10.174  -1.426  1.00 19.83 ? 207 LYS A CG  1 
ATOM   188  C CD  . LYS A 1 30  ? -16.040 10.696  -2.484  1.00 22.68 ? 207 LYS A CD  1 
ATOM   189  C CE  . LYS A 1 30  ? -15.725 10.155  -3.857  1.00 25.00 ? 207 LYS A CE  1 
ATOM   190  N NZ  . LYS A 1 30  ? -16.695 10.689  -4.858  1.00 23.21 ? 207 LYS A NZ  1 
ATOM   191  N N   . PRO A 1 31  ? -16.016 14.038  1.558   1.00 18.91 ? 208 PRO A N   1 
ATOM   192  C CA  . PRO A 1 31  ? -16.455 14.664  2.812   1.00 20.40 ? 208 PRO A CA  1 
ATOM   193  C C   . PRO A 1 31  ? -17.700 14.087  3.474   1.00 20.61 ? 208 PRO A C   1 
ATOM   194  O O   . PRO A 1 31  ? -17.809 14.070  4.702   1.00 19.97 ? 208 PRO A O   1 
ATOM   195  C CB  . PRO A 1 31  ? -16.619 16.134  2.425   1.00 21.12 ? 208 PRO A CB  1 
ATOM   196  C CG  . PRO A 1 31  ? -16.984 16.075  0.979   1.00 20.46 ? 208 PRO A CG  1 
ATOM   197  C CD  . PRO A 1 31  ? -16.053 15.002  0.446   1.00 17.75 ? 208 PRO A CD  1 
ATOM   198  N N   . GLU A 1 32  ? -18.628 13.604  2.654   1.00 21.22 ? 209 GLU A N   1 
ATOM   199  C CA  . GLU A 1 32  ? -19.874 13.032  3.144   1.00 23.21 ? 209 GLU A CA  1 
ATOM   200  C C   . GLU A 1 32  ? -19.619 11.746  3.919   1.00 23.05 ? 209 GLU A C   1 
ATOM   201  O O   . GLU A 1 32  ? -20.367 11.408  4.836   1.00 24.40 ? 209 GLU A O   1 
ATOM   202  C CB  . GLU A 1 32  ? -20.810 12.718  1.973   1.00 24.67 ? 209 GLU A CB  1 
ATOM   203  C CG  . GLU A 1 32  ? -20.884 13.777  0.875   1.00 28.01 ? 209 GLU A CG  1 
ATOM   204  C CD  . GLU A 1 32  ? -19.565 13.994  0.133   1.00 30.73 ? 209 GLU A CD  1 
ATOM   205  O OE1 . GLU A 1 32  ? -18.802 13.015  -0.089  1.00 26.35 ? 209 GLU A OE1 1 
ATOM   206  O OE2 . GLU A 1 32  ? -19.302 15.159  -0.242  1.00 33.54 ? 209 GLU A OE2 1 
ATOM   207  N N   . THR A 1 33  ? -18.562 11.027  3.540   1.00 21.36 ? 210 THR A N   1 
ATOM   208  C CA  . THR A 1 33  ? -18.223 9.765   4.191   1.00 21.37 ? 210 THR A CA  1 
ATOM   209  C C   . THR A 1 33  ? -16.925 9.807   4.992   1.00 20.84 ? 210 THR A C   1 
ATOM   210  O O   . THR A 1 33  ? -16.621 8.872   5.739   1.00 22.37 ? 210 THR A O   1 
ATOM   211  C CB  . THR A 1 33  ? -18.114 8.622   3.160   1.00 19.83 ? 210 THR A CB  1 
ATOM   212  O OG1 . THR A 1 33  ? -17.083 8.917   2.210   1.00 18.29 ? 210 THR A OG1 1 
ATOM   213  C CG2 . THR A 1 33  ? -19.433 8.452   2.430   1.00 19.96 ? 210 THR A CG2 1 
ATOM   214  N N   . GLY A 1 34  ? -16.166 10.884  4.834   1.00 21.10 ? 211 GLY A N   1 
ATOM   215  C CA  . GLY A 1 34  ? -14.916 11.009  5.557   1.00 19.67 ? 211 GLY A CA  1 
ATOM   216  C C   . GLY A 1 34  ? -13.869 10.051  5.033   1.00 18.92 ? 211 GLY A C   1 
ATOM   217  O O   . GLY A 1 34  ? -12.974 9.633   5.770   1.00 19.18 ? 211 GLY A O   1 
ATOM   218  N N   . ALA A 1 35  ? -13.974 9.711   3.753   1.00 17.28 ? 212 ALA A N   1 
ATOM   219  C CA  . ALA A 1 35  ? -13.031 8.788   3.141   1.00 15.33 ? 212 ALA A CA  1 
ATOM   220  C C   . ALA A 1 35  ? -12.169 9.404   2.053   1.00 14.51 ? 212 ALA A C   1 
ATOM   221  O O   . ALA A 1 35  ? -12.426 10.506  1.560   1.00 11.69 ? 212 ALA A O   1 
ATOM   222  C CB  . ALA A 1 35  ? -13.784 7.601   2.561   1.00 16.77 ? 212 ALA A CB  1 
ATOM   223  N N   . VAL A 1 36  ? -11.129 8.662   1.694   1.00 13.35 ? 213 VAL A N   1 
ATOM   224  C CA  . VAL A 1 36  ? -10.235 9.045   0.619   1.00 12.73 ? 213 VAL A CA  1 
ATOM   225  C C   . VAL A 1 36  ? -10.505 7.991   -0.448  1.00 12.69 ? 213 VAL A C   1 
ATOM   226  O O   . VAL A 1 36  ? -10.437 6.796   -0.165  1.00 13.16 ? 213 VAL A O   1 
ATOM   227  C CB  . VAL A 1 36  ? -8.740  8.917   1.001   1.00 13.63 ? 213 VAL A CB  1 
ATOM   228  C CG1 . VAL A 1 36  ? -7.883  9.460   -0.128  1.00 14.51 ? 213 VAL A CG1 1 
ATOM   229  C CG2 . VAL A 1 36  ? -8.443  9.665   2.285   1.00 11.22 ? 213 VAL A CG2 1 
ATOM   230  N N   . GLU A 1 37  ? -10.844 8.423   -1.654  1.00 11.84 ? 214 GLU A N   1 
ATOM   231  C CA  . GLU A 1 37  ? -11.062 7.490   -2.753  1.00 15.05 ? 214 GLU A CA  1 
ATOM   232  C C   . GLU A 1 37  ? -10.162 7.920   -3.896  1.00 12.87 ? 214 GLU A C   1 
ATOM   233  O O   . GLU A 1 37  ? -10.300 9.025   -4.421  1.00 13.89 ? 214 GLU A O   1 
ATOM   234  C CB  . GLU A 1 37  ? -12.535 7.477   -3.190  1.00 17.49 ? 214 GLU A CB  1 
ATOM   235  C CG  . GLU A 1 37  ? -13.458 6.871   -2.147  1.00 20.50 ? 214 GLU A CG  1 
ATOM   236  C CD  . GLU A 1 37  ? -14.862 6.595   -2.659  1.00 23.26 ? 214 GLU A CD  1 
ATOM   237  O OE1 . GLU A 1 37  ? -15.142 6.848   -3.851  1.00 24.79 ? 214 GLU A OE1 1 
ATOM   238  O OE2 . GLU A 1 37  ? -15.691 6.116   -1.853  1.00 25.31 ? 214 GLU A OE2 1 
ATOM   239  N N   . LEU A 1 38  ? -9.213  7.055   -4.256  1.00 12.46 ? 215 LEU A N   1 
ATOM   240  C CA  . LEU A 1 38  ? -8.274  7.349   -5.333  1.00 13.53 ? 215 LEU A CA  1 
ATOM   241  C C   . LEU A 1 38  ? -8.536  6.424   -6.508  1.00 13.50 ? 215 LEU A C   1 
ATOM   242  O O   . LEU A 1 38  ? -8.588  5.208   -6.340  1.00 13.31 ? 215 LEU A O   1 
ATOM   243  C CB  . LEU A 1 38  ? -6.831  7.158   -4.852  1.00 13.65 ? 215 LEU A CB  1 
ATOM   244  C CG  . LEU A 1 38  ? -6.392  7.950   -3.617  1.00 13.07 ? 215 LEU A CG  1 
ATOM   245  C CD1 . LEU A 1 38  ? -4.917  7.658   -3.323  1.00 15.22 ? 215 LEU A CD1 1 
ATOM   246  C CD2 . LEU A 1 38  ? -6.608  9.434   -3.856  1.00 15.35 ? 215 LEU A CD2 1 
ATOM   247  N N   . GLU A 1 39  ? -8.707  7.012   -7.694  1.00 14.35 ? 216 GLU A N   1 
ATOM   248  C CA  . GLU A 1 39  ? -8.964  6.259   -8.916  1.00 15.86 ? 216 GLU A CA  1 
ATOM   249  C C   . GLU A 1 39  ? -7.677  6.010   -9.693  1.00 15.38 ? 216 GLU A C   1 
ATOM   250  O O   . GLU A 1 39  ? -6.926  6.950   -9.973  1.00 14.61 ? 216 GLU A O   1 
ATOM   251  C CB  . GLU A 1 39  ? -9.951  7.021   -9.806  1.00 18.70 ? 216 GLU A CB  1 
ATOM   252  C CG  . GLU A 1 39  ? -11.363 7.103   -9.242  1.00 23.66 ? 216 GLU A CG  1 
ATOM   253  C CD  . GLU A 1 39  ? -11.999 5.732   -9.063  1.00 26.99 ? 216 GLU A CD  1 
ATOM   254  O OE1 . GLU A 1 39  ? -11.969 4.929   -10.022 1.00 30.70 ? 216 GLU A OE1 1 
ATOM   255  O OE2 . GLU A 1 39  ? -12.532 5.462   -7.967  1.00 31.05 ? 216 GLU A OE2 1 
ATOM   256  N N   . SER A 1 40  ? -7.445  4.748   -10.050 1.00 14.90 ? 217 SER A N   1 
ATOM   257  C CA  . SER A 1 40  ? -6.255  4.322   -10.793 1.00 14.82 ? 217 SER A CA  1 
ATOM   258  C C   . SER A 1 40  ? -4.978  4.889   -10.177 1.00 14.34 ? 217 SER A C   1 
ATOM   259  O O   . SER A 1 40  ? -4.182  5.531   -10.847 1.00 15.68 ? 217 SER A O   1 
ATOM   260  C CB  . SER A 1 40  ? -6.358  4.758   -12.255 1.00 17.83 ? 217 SER A CB  1 
ATOM   261  O OG  . SER A 1 40  ? -7.484  4.159   -12.871 1.00 22.70 ? 217 SER A OG  1 
ATOM   262  N N   . PRO A 1 41  ? -4.756  4.631   -8.887  1.00 14.40 ? 218 PRO A N   1 
ATOM   263  C CA  . PRO A 1 41  ? -3.561  5.150   -8.226  1.00 12.72 ? 218 PRO A CA  1 
ATOM   264  C C   . PRO A 1 41  ? -2.279  4.355   -8.391  1.00 12.68 ? 218 PRO A C   1 
ATOM   265  O O   . PRO A 1 41  ? -2.309  3.159   -8.684  1.00 13.43 ? 218 PRO A O   1 
ATOM   266  C CB  . PRO A 1 41  ? -3.980  5.175   -6.762  1.00 13.38 ? 218 PRO A CB  1 
ATOM   267  C CG  . PRO A 1 41  ? -4.811  3.909   -6.662  1.00 13.04 ? 218 PRO A CG  1 
ATOM   268  C CD  . PRO A 1 41  ? -5.671  4.002   -7.917  1.00 14.70 ? 218 PRO A CD  1 
ATOM   269  N N   . PHE A 1 42  ? -1.158  5.051   -8.214  1.00 12.03 ? 219 PHE A N   1 
ATOM   270  C CA  . PHE A 1 42  ? 0.160   4.429   -8.190  1.00 12.97 ? 219 PHE A CA  1 
ATOM   271  C C   . PHE A 1 42  ? 0.284   4.148   -6.693  1.00 12.93 ? 219 PHE A C   1 
ATOM   272  O O   . PHE A 1 42  ? -0.353  4.824   -5.881  1.00 12.65 ? 219 PHE A O   1 
ATOM   273  C CB  . PHE A 1 42  ? 1.257   5.418   -8.564  1.00 13.94 ? 219 PHE A CB  1 
ATOM   274  C CG  . PHE A 1 42  ? 1.504   5.528   -10.031 1.00 14.74 ? 219 PHE A CG  1 
ATOM   275  C CD1 . PHE A 1 42  ? 1.284   6.731   -10.697 1.00 17.67 ? 219 PHE A CD1 1 
ATOM   276  C CD2 . PHE A 1 42  ? 2.014   4.447   -10.744 1.00 18.72 ? 219 PHE A CD2 1 
ATOM   277  C CE1 . PHE A 1 42  ? 1.569   6.859   -12.053 1.00 18.20 ? 219 PHE A CE1 1 
ATOM   278  C CE2 . PHE A 1 42  ? 2.305   4.566   -12.108 1.00 20.00 ? 219 PHE A CE2 1 
ATOM   279  C CZ  . PHE A 1 42  ? 2.083   5.774   -12.759 1.00 20.31 ? 219 PHE A CZ  1 
ATOM   280  N N   . ILE A 1 43  ? 1.103   3.174   -6.322  1.00 12.37 ? 220 ILE A N   1 
ATOM   281  C CA  . ILE A 1 43  ? 1.269   2.851   -4.914  1.00 11.77 ? 220 ILE A CA  1 
ATOM   282  C C   . ILE A 1 43  ? 2.742   2.744   -4.578  1.00 12.54 ? 220 ILE A C   1 
ATOM   283  O O   . ILE A 1 43  ? 3.456   1.929   -5.151  1.00 14.41 ? 220 ILE A O   1 
ATOM   284  C CB  . ILE A 1 43  ? 0.558   1.530   -4.566  1.00 12.07 ? 220 ILE A CB  1 
ATOM   285  C CG1 . ILE A 1 43  ? -0.948  1.694   -4.793  1.00 14.64 ? 220 ILE A CG1 1 
ATOM   286  C CG2 . ILE A 1 43  ? 0.838   1.143   -3.109  1.00 12.37 ? 220 ILE A CG2 1 
ATOM   287  C CD1 . ILE A 1 43  ? -1.746  0.422   -4.629  1.00 15.24 ? 220 ILE A CD1 1 
ATOM   288  N N   . LEU A 1 44  ? 3.188   3.588   -3.651  1.00 11.92 ? 221 LEU A N   1 
ATOM   289  C CA  . LEU A 1 44  ? 4.578   3.594   -3.222  1.00 12.01 ? 221 LEU A CA  1 
ATOM   290  C C   . LEU A 1 44  ? 4.698   2.839   -1.907  1.00 12.17 ? 221 LEU A C   1 
ATOM   291  O O   . LEU A 1 44  ? 3.982   3.129   -0.949  1.00 13.85 ? 221 LEU A O   1 
ATOM   292  C CB  . LEU A 1 44  ? 5.077   5.039   -3.054  1.00 14.37 ? 221 LEU A CB  1 
ATOM   293  C CG  . LEU A 1 44  ? 6.481   5.219   -2.457  1.00 16.83 ? 221 LEU A CG  1 
ATOM   294  C CD1 . LEU A 1 44  ? 7.495   4.399   -3.228  1.00 21.56 ? 221 LEU A CD1 1 
ATOM   295  C CD2 . LEU A 1 44  ? 6.853   6.691   -2.488  1.00 18.90 ? 221 LEU A CD2 1 
ATOM   296  N N   . LEU A 1 45  ? 5.597   1.861   -1.873  1.00 11.71 ? 222 LEU A N   1 
ATOM   297  C CA  . LEU A 1 45  ? 5.811   1.064   -0.671  1.00 11.70 ? 222 LEU A CA  1 
ATOM   298  C C   . LEU A 1 45  ? 7.257   1.210   -0.208  1.00 13.59 ? 222 LEU A C   1 
ATOM   299  O O   . LEU A 1 45  ? 8.174   1.091   -1.015  1.00 13.97 ? 222 LEU A O   1 
ATOM   300  C CB  . LEU A 1 45  ? 5.501   -0.406  -0.968  1.00 13.70 ? 222 LEU A CB  1 
ATOM   301  C CG  . LEU A 1 45  ? 4.084   -0.641  -1.504  1.00 17.57 ? 222 LEU A CG  1 
ATOM   302  C CD1 . LEU A 1 45  ? 4.163   -1.285  -2.873  1.00 20.93 ? 222 LEU A CD1 1 
ATOM   303  C CD2 . LEU A 1 45  ? 3.291   -1.514  -0.537  1.00 19.10 ? 222 LEU A CD2 1 
ATOM   304  N N   . ALA A 1 46  ? 7.454   1.479   1.084   1.00 13.76 ? 223 ALA A N   1 
ATOM   305  C CA  . ALA A 1 46  ? 8.800   1.626   1.643   1.00 15.53 ? 223 ALA A CA  1 
ATOM   306  C C   . ALA A 1 46  ? 8.822   1.096   3.079   1.00 17.04 ? 223 ALA A C   1 
ATOM   307  O O   . ALA A 1 46  ? 7.849   1.250   3.824   1.00 16.32 ? 223 ALA A O   1 
ATOM   308  C CB  . ALA A 1 46  ? 9.225   3.082   1.611   1.00 15.28 ? 223 ALA A CB  1 
ATOM   309  N N   . ASP A 1 47  ? 9.934   0.474   3.465   1.00 17.42 ? 224 ASP A N   1 
ATOM   310  C CA  . ASP A 1 47  ? 10.069  -0.091  4.803   1.00 19.98 ? 224 ASP A CA  1 
ATOM   311  C C   . ASP A 1 47  ? 10.737  0.869   5.771   1.00 20.93 ? 224 ASP A C   1 
ATOM   312  O O   . ASP A 1 47  ? 11.413  0.443   6.712   1.00 21.37 ? 224 ASP A O   1 
ATOM   313  C CB  . ASP A 1 47  ? 10.881  -1.392  4.759   1.00 21.43 ? 224 ASP A CB  1 
ATOM   314  C CG  . ASP A 1 47  ? 12.318  -1.165  4.321   1.00 23.81 ? 224 ASP A CG  1 
ATOM   315  O OD1 . ASP A 1 47  ? 13.176  -2.051  4.552   1.00 24.74 ? 224 ASP A OD1 1 
ATOM   316  O OD2 . ASP A 1 47  ? 12.586  -0.095  3.736   1.00 24.10 ? 224 ASP A OD2 1 
ATOM   317  N N   . LYS A 1 48  ? 10.566  2.165   5.540   1.00 20.05 ? 225 LYS A N   1 
ATOM   318  C CA  . LYS A 1 48  ? 11.159  3.153   6.428   1.00 20.91 ? 225 LYS A CA  1 
ATOM   319  C C   . LYS A 1 48  ? 10.228  4.341   6.607   1.00 20.96 ? 225 LYS A C   1 
ATOM   320  O O   . LYS A 1 48  ? 9.179   4.423   5.974   1.00 19.65 ? 225 LYS A O   1 
ATOM   321  C CB  . LYS A 1 48  ? 12.499  3.645   5.880   1.00 21.87 ? 225 LYS A CB  1 
ATOM   322  C CG  . LYS A 1 48  ? 12.379  4.612   4.720   1.00 22.43 ? 225 LYS A CG  1 
ATOM   323  C CD  . LYS A 1 48  ? 13.688  5.344   4.510   1.00 23.99 ? 225 LYS A CD  1 
ATOM   324  C CE  . LYS A 1 48  ? 13.558  6.445   3.482   1.00 25.50 ? 225 LYS A CE  1 
ATOM   325  N NZ  . LYS A 1 48  ? 14.855  7.161   3.341   1.00 27.31 ? 225 LYS A NZ  1 
ATOM   326  N N   . LYS A 1 49  ? 10.636  5.252   7.481   1.00 20.11 ? 226 LYS A N   1 
ATOM   327  C CA  . LYS A 1 49  ? 9.886   6.458   7.782   1.00 23.01 ? 226 LYS A CA  1 
ATOM   328  C C   . LYS A 1 49  ? 10.321  7.536   6.792   1.00 22.30 ? 226 LYS A C   1 
ATOM   329  O O   . LYS A 1 49  ? 11.500  7.628   6.443   1.00 22.84 ? 226 LYS A O   1 
ATOM   330  C CB  . LYS A 1 49  ? 10.209  6.893   9.215   1.00 24.55 ? 226 LYS A CB  1 
ATOM   331  C CG  . LYS A 1 49  ? 9.202   7.821   9.867   1.00 28.33 ? 226 LYS A CG  1 
ATOM   332  C CD  . LYS A 1 49  ? 9.455   7.908   11.372  1.00 31.07 ? 226 LYS A CD  1 
ATOM   333  C CE  . LYS A 1 49  ? 9.382   6.527   12.026  1.00 31.72 ? 226 LYS A CE  1 
ATOM   334  N NZ  . LYS A 1 49  ? 9.583   6.576   13.505  1.00 35.34 ? 226 LYS A NZ  1 
ATOM   335  N N   . ILE A 1 50  ? 9.372   8.339   6.327   1.00 21.79 ? 227 ILE A N   1 
ATOM   336  C CA  . ILE A 1 50  ? 9.691   9.415   5.397   1.00 23.38 ? 227 ILE A CA  1 
ATOM   337  C C   . ILE A 1 50  ? 9.973   10.662  6.223   1.00 24.00 ? 227 ILE A C   1 
ATOM   338  O O   . ILE A 1 50  ? 9.070   11.207  6.855   1.00 24.84 ? 227 ILE A O   1 
ATOM   339  C CB  . ILE A 1 50  ? 8.525   9.691   4.444   1.00 22.33 ? 227 ILE A CB  1 
ATOM   340  C CG1 . ILE A 1 50  ? 8.237   8.439   3.615   1.00 24.54 ? 227 ILE A CG1 1 
ATOM   341  C CG2 . ILE A 1 50  ? 8.862   10.869  3.543   1.00 22.75 ? 227 ILE A CG2 1 
ATOM   342  C CD1 . ILE A 1 50  ? 6.931   8.494   2.864   1.00 25.89 ? 227 ILE A CD1 1 
ATOM   343  N N   . SER A 1 51  ? 11.231  11.095  6.209   1.00 26.27 ? 228 SER A N   1 
ATOM   344  C CA  . SER A 1 51  ? 11.687  12.262  6.962   1.00 29.79 ? 228 SER A CA  1 
ATOM   345  C C   . SER A 1 51  ? 11.455  13.564  6.211   1.00 30.68 ? 228 SER A C   1 
ATOM   346  O O   . SER A 1 51  ? 10.791  14.474  6.704   1.00 31.12 ? 228 SER A O   1 
ATOM   347  C CB  . SER A 1 51  ? 13.180  12.126  7.260   1.00 30.87 ? 228 SER A CB  1 
ATOM   348  O OG  . SER A 1 51  ? 13.490  10.832  7.741   1.00 34.98 ? 228 SER A OG  1 
ATOM   349  N N   . ASN A 1 52  ? 12.033  13.653  5.021   1.00 31.73 ? 229 ASN A N   1 
ATOM   350  C CA  . ASN A 1 52  ? 11.886  14.836  4.188   1.00 33.44 ? 229 ASN A CA  1 
ATOM   351  C C   . ASN A 1 52  ? 11.324  14.438  2.835   1.00 32.43 ? 229 ASN A C   1 
ATOM   352  O O   . ASN A 1 52  ? 11.680  13.399  2.280   1.00 31.00 ? 229 ASN A O   1 
ATOM   353  C CB  . ASN A 1 52  ? 13.235  15.540  4.017   1.00 35.70 ? 229 ASN A CB  1 
ATOM   354  C CG  . ASN A 1 52  ? 14.359  14.575  3.709   1.00 37.92 ? 229 ASN A CG  1 
ATOM   355  O OD1 . ASN A 1 52  ? 14.308  13.834  2.727   1.00 40.26 ? 229 ASN A OD1 1 
ATOM   356  N ND2 . ASN A 1 52  ? 15.387  14.580  4.550   1.00 39.13 ? 229 ASN A ND2 1 
ATOM   357  N N   . ILE A 1 53  ? 10.439  15.272  2.311   1.00 32.31 ? 230 ILE A N   1 
ATOM   358  C CA  . ILE A 1 53  ? 9.801   15.010  1.034   1.00 32.04 ? 230 ILE A CA  1 
ATOM   359  C C   . ILE A 1 53  ? 10.793  15.050  -0.132  1.00 31.81 ? 230 ILE A C   1 
ATOM   360  O O   . ILE A 1 53  ? 10.565  14.436  -1.173  1.00 30.70 ? 230 ILE A O   1 
ATOM   361  C CB  . ILE A 1 53  ? 8.671   16.032  0.787   1.00 33.47 ? 230 ILE A CB  1 
ATOM   362  C CG1 . ILE A 1 53  ? 7.824   15.593  -0.406  1.00 33.64 ? 230 ILE A CG1 1 
ATOM   363  C CG2 . ILE A 1 53  ? 9.262   17.420  0.575   1.00 33.93 ? 230 ILE A CG2 1 
ATOM   364  C CD1 . ILE A 1 53  ? 7.094   14.286  -0.178  1.00 36.13 ? 230 ILE A CD1 1 
ATOM   365  N N   . ARG A 1 54  ? 11.900  15.761  0.054   1.00 32.09 ? 231 ARG A N   1 
ATOM   366  C CA  . ARG A 1 54  ? 12.911  15.892  -0.993  1.00 33.48 ? 231 ARG A CA  1 
ATOM   367  C C   . ARG A 1 54  ? 13.384  14.550  -1.544  1.00 31.92 ? 231 ARG A C   1 
ATOM   368  O O   . ARG A 1 54  ? 13.591  14.406  -2.752  1.00 31.39 ? 231 ARG A O   1 
ATOM   369  C CB  . ARG A 1 54  ? 14.122  16.668  -0.466  1.00 35.01 ? 231 ARG A CB  1 
ATOM   370  C CG  . ARG A 1 54  ? 14.884  15.927  0.619   1.00 39.19 ? 231 ARG A CG  1 
ATOM   371  C CD  . ARG A 1 54  ? 16.193  16.617  0.968   1.00 42.64 ? 231 ARG A CD  1 
ATOM   372  N NE  . ARG A 1 54  ? 17.072  15.749  1.749   1.00 46.41 ? 231 ARG A NE  1 
ATOM   373  C CZ  . ARG A 1 54  ? 17.558  14.588  1.313   1.00 47.73 ? 231 ARG A CZ  1 
ATOM   374  N NH1 . ARG A 1 54  ? 17.255  14.148  0.098   1.00 47.93 ? 231 ARG A NH1 1 
ATOM   375  N NH2 . ARG A 1 54  ? 18.352  13.867  2.093   1.00 49.14 ? 231 ARG A NH2 1 
ATOM   376  N N   . GLU A 1 55  ? 13.559  13.572  -0.662  1.00 31.80 ? 232 GLU A N   1 
ATOM   377  C CA  . GLU A 1 55  ? 14.021  12.254  -1.082  1.00 32.57 ? 232 GLU A CA  1 
ATOM   378  C C   . GLU A 1 55  ? 12.982  11.512  -1.913  1.00 31.90 ? 232 GLU A C   1 
ATOM   379  O O   . GLU A 1 55  ? 13.264  10.457  -2.478  1.00 31.52 ? 232 GLU A O   1 
ATOM   380  C CB  . GLU A 1 55  ? 14.407  11.410  0.134   1.00 34.58 ? 232 GLU A CB  1 
ATOM   381  C CG  . GLU A 1 55  ? 13.327  11.295  1.194   1.00 37.58 ? 232 GLU A CG  1 
ATOM   382  C CD  . GLU A 1 55  ? 13.729  10.378  2.336   1.00 40.46 ? 232 GLU A CD  1 
ATOM   383  O OE1 . GLU A 1 55  ? 12.995  10.328  3.349   1.00 41.67 ? 232 GLU A OE1 1 
ATOM   384  O OE2 . GLU A 1 55  ? 14.777  9.705   2.219   1.00 41.18 ? 232 GLU A OE2 1 
ATOM   385  N N   . MET A 1 56  ? 11.783  12.076  -1.992  1.00 30.96 ? 233 MET A N   1 
ATOM   386  C CA  . MET A 1 56  ? 10.701  11.461  -2.746  1.00 30.49 ? 233 MET A CA  1 
ATOM   387  C C   . MET A 1 56  ? 10.304  12.305  -3.960  1.00 29.82 ? 233 MET A C   1 
ATOM   388  O O   . MET A 1 56  ? 9.413   11.928  -4.720  1.00 28.91 ? 233 MET A O   1 
ATOM   389  C CB  . MET A 1 56  ? 9.496   11.276  -1.826  1.00 31.70 ? 233 MET A CB  1 
ATOM   390  C CG  . MET A 1 56  ? 8.340   10.521  -2.433  1.00 33.09 ? 233 MET A CG  1 
ATOM   391  S SD  . MET A 1 56  ? 6.940   10.541  -1.316  1.00 32.36 ? 233 MET A SD  1 
ATOM   392  C CE  . MET A 1 56  ? 7.394   9.280   -0.191  1.00 35.29 ? 233 MET A CE  1 
ATOM   393  N N   . LEU A 1 57  ? 10.974  13.439  -4.142  1.00 28.19 ? 234 LEU A N   1 
ATOM   394  C CA  . LEU A 1 57  ? 10.676  14.343  -5.253  1.00 28.14 ? 234 LEU A CA  1 
ATOM   395  C C   . LEU A 1 57  ? 10.705  13.725  -6.655  1.00 26.30 ? 234 LEU A C   1 
ATOM   396  O O   . LEU A 1 57  ? 9.829   14.000  -7.473  1.00 26.43 ? 234 LEU A O   1 
ATOM   397  C CB  . LEU A 1 57  ? 11.621  15.551  -5.226  1.00 29.96 ? 234 LEU A CB  1 
ATOM   398  C CG  . LEU A 1 57  ? 11.485  16.570  -4.094  1.00 32.94 ? 234 LEU A CG  1 
ATOM   399  C CD1 . LEU A 1 57  ? 12.489  17.693  -4.318  1.00 35.01 ? 234 LEU A CD1 1 
ATOM   400  C CD2 . LEU A 1 57  ? 10.074  17.138  -4.054  1.00 34.49 ? 234 LEU A CD2 1 
ATOM   401  N N   . PRO A 1 58  ? 11.721  12.900  -6.960  1.00 25.21 ? 235 PRO A N   1 
ATOM   402  C CA  . PRO A 1 58  ? 11.785  12.291  -8.291  1.00 24.89 ? 235 PRO A CA  1 
ATOM   403  C C   . PRO A 1 58  ? 10.512  11.525  -8.654  1.00 24.15 ? 235 PRO A C   1 
ATOM   404  O O   . PRO A 1 58  ? 9.914   11.769  -9.702  1.00 23.31 ? 235 PRO A O   1 
ATOM   405  C CB  . PRO A 1 58  ? 13.005  11.379  -8.191  1.00 26.21 ? 235 PRO A CB  1 
ATOM   406  C CG  . PRO A 1 58  ? 13.884  12.121  -7.238  1.00 24.49 ? 235 PRO A CG  1 
ATOM   407  C CD  . PRO A 1 58  ? 12.912  12.550  -6.168  1.00 23.63 ? 235 PRO A CD  1 
ATOM   408  N N   . VAL A 1 59  ? 10.096  10.603  -7.790  1.00 23.87 ? 236 VAL A N   1 
ATOM   409  C CA  . VAL A 1 59  ? 8.884   9.828   -8.055  1.00 23.63 ? 236 VAL A CA  1 
ATOM   410  C C   . VAL A 1 59  ? 7.635   10.700  -7.958  1.00 22.36 ? 236 VAL A C   1 
ATOM   411  O O   . VAL A 1 59  ? 6.700   10.550  -8.737  1.00 21.16 ? 236 VAL A O   1 
ATOM   412  C CB  . VAL A 1 59  ? 8.729   8.640   -7.071  1.00 25.41 ? 236 VAL A CB  1 
ATOM   413  C CG1 . VAL A 1 59  ? 9.669   7.524   -7.454  1.00 29.56 ? 236 VAL A CG1 1 
ATOM   414  C CG2 . VAL A 1 59  ? 9.004   9.096   -5.653  1.00 26.31 ? 236 VAL A CG2 1 
ATOM   415  N N   . LEU A 1 60  ? 7.629   11.618  -6.999  1.00 21.18 ? 237 LEU A N   1 
ATOM   416  C CA  . LEU A 1 60  ? 6.487   12.503  -6.812  1.00 21.53 ? 237 LEU A CA  1 
ATOM   417  C C   . LEU A 1 60  ? 6.296   13.376  -8.056  1.00 20.99 ? 237 LEU A C   1 
ATOM   418  O O   . LEU A 1 60  ? 5.176   13.595  -8.515  1.00 19.67 ? 237 LEU A O   1 
ATOM   419  C CB  . LEU A 1 60  ? 6.719   13.365  -5.576  1.00 22.41 ? 237 LEU A CB  1 
ATOM   420  C CG  . LEU A 1 60  ? 5.507   13.883  -4.809  1.00 24.08 ? 237 LEU A CG  1 
ATOM   421  C CD1 . LEU A 1 60  ? 4.559   12.743  -4.465  1.00 22.68 ? 237 LEU A CD1 1 
ATOM   422  C CD2 . LEU A 1 60  ? 5.997   14.554  -3.542  1.00 23.45 ? 237 LEU A CD2 1 
ATOM   423  N N   . GLU A 1 61  ? 7.398   13.874  -8.606  1.00 20.18 ? 238 GLU A N   1 
ATOM   424  C CA  . GLU A 1 61  ? 7.313   14.702  -9.798  1.00 22.04 ? 238 GLU A CA  1 
ATOM   425  C C   . GLU A 1 61  ? 6.819   13.839  -10.960 1.00 20.65 ? 238 GLU A C   1 
ATOM   426  O O   . GLU A 1 61  ? 6.029   14.283  -11.791 1.00 21.16 ? 238 GLU A O   1 
ATOM   427  C CB  . GLU A 1 61  ? 8.687   15.285  -10.139 1.00 23.60 ? 238 GLU A CB  1 
ATOM   428  C CG  . GLU A 1 61  ? 8.656   16.344  -11.232 1.00 29.74 ? 238 GLU A CG  1 
ATOM   429  C CD  . GLU A 1 61  ? 8.204   17.708  -10.727 1.00 31.69 ? 238 GLU A CD  1 
ATOM   430  O OE1 . GLU A 1 61  ? 7.993   18.611  -11.566 1.00 36.01 ? 238 GLU A OE1 1 
ATOM   431  O OE2 . GLU A 1 61  ? 8.071   17.884  -9.495  1.00 33.81 ? 238 GLU A OE2 1 
ATOM   432  N N   . ALA A 1 62  ? 7.282   12.594  -11.003 1.00 20.82 ? 239 ALA A N   1 
ATOM   433  C CA  . ALA A 1 62  ? 6.895   11.679  -12.066 1.00 18.32 ? 239 ALA A CA  1 
ATOM   434  C C   . ALA A 1 62  ? 5.405   11.346  -12.032 1.00 17.49 ? 239 ALA A C   1 
ATOM   435  O O   . ALA A 1 62  ? 4.745   11.307  -13.071 1.00 18.12 ? 239 ALA A O   1 
ATOM   436  C CB  . ALA A 1 62  ? 7.718   10.405  -11.977 1.00 19.75 ? 239 ALA A CB  1 
ATOM   437  N N   . VAL A 1 63  ? 4.884   11.086  -10.840 1.00 16.72 ? 240 VAL A N   1 
ATOM   438  C CA  . VAL A 1 63  ? 3.473   10.770  -10.705 1.00 16.34 ? 240 VAL A CA  1 
ATOM   439  C C   . VAL A 1 63  ? 2.628   11.987  -11.078 1.00 16.90 ? 240 VAL A C   1 
ATOM   440  O O   . VAL A 1 63  ? 1.573   11.852  -11.694 1.00 18.16 ? 240 VAL A O   1 
ATOM   441  C CB  . VAL A 1 63  ? 3.136   10.311  -9.263  1.00 17.61 ? 240 VAL A CB  1 
ATOM   442  C CG1 . VAL A 1 63  ? 3.790   8.965   -8.988  1.00 15.67 ? 240 VAL A CG1 1 
ATOM   443  C CG2 . VAL A 1 63  ? 3.614   11.333  -8.262  1.00 20.55 ? 240 VAL A CG2 1 
ATOM   444  N N   . ALA A 1 64  ? 3.099   13.175  -10.711 1.00 18.37 ? 241 ALA A N   1 
ATOM   445  C CA  . ALA A 1 64  ? 2.385   14.406  -11.019 1.00 18.51 ? 241 ALA A CA  1 
ATOM   446  C C   . ALA A 1 64  ? 2.216   14.537  -12.531 1.00 19.76 ? 241 ALA A C   1 
ATOM   447  O O   . ALA A 1 64  ? 1.123   14.818  -13.024 1.00 19.70 ? 241 ALA A O   1 
ATOM   448  C CB  . ALA A 1 64  ? 3.153   15.616  -10.469 1.00 16.93 ? 241 ALA A CB  1 
ATOM   449  N N   . LYS A 1 65  ? 3.310   14.324  -13.256 1.00 22.04 ? 242 LYS A N   1 
ATOM   450  C CA  . LYS A 1 65  ? 3.306   14.407  -14.713 1.00 25.21 ? 242 LYS A CA  1 
ATOM   451  C C   . LYS A 1 65  ? 2.349   13.379  -15.315 1.00 25.30 ? 242 LYS A C   1 
ATOM   452  O O   . LYS A 1 65  ? 1.635   13.666  -16.278 1.00 26.11 ? 242 LYS A O   1 
ATOM   453  C CB  . LYS A 1 65  ? 4.717   14.163  -15.254 1.00 27.78 ? 242 LYS A CB  1 
ATOM   454  C CG  . LYS A 1 65  ? 5.749   15.187  -14.811 1.00 31.30 ? 242 LYS A CG  1 
ATOM   455  C CD  . LYS A 1 65  ? 7.129   14.850  -15.368 1.00 34.02 ? 242 LYS A CD  1 
ATOM   456  C CE  . LYS A 1 65  ? 8.193   15.829  -14.885 1.00 36.15 ? 242 LYS A CE  1 
ATOM   457  N NZ  . LYS A 1 65  ? 7.919   17.225  -15.323 1.00 36.12 ? 242 LYS A NZ  1 
ATOM   458  N N   . ALA A 1 66  ? 2.344   12.179  -14.743 1.00 24.95 ? 243 ALA A N   1 
ATOM   459  C CA  . ALA A 1 66  ? 1.483   11.103  -15.216 1.00 23.84 ? 243 ALA A CA  1 
ATOM   460  C C   . ALA A 1 66  ? 0.005   11.415  -14.997 1.00 23.70 ? 243 ALA A C   1 
ATOM   461  O O   . ALA A 1 66  ? -0.859  10.871  -15.680 1.00 24.82 ? 243 ALA A O   1 
ATOM   462  C CB  . ALA A 1 66  ? 1.856   9.795   -14.522 1.00 23.29 ? 243 ALA A CB  1 
ATOM   463  N N   . GLY A 1 67  ? -0.287  12.289  -14.041 1.00 22.42 ? 244 GLY A N   1 
ATOM   464  C CA  . GLY A 1 67  ? -1.668  12.649  -13.782 1.00 22.62 ? 244 GLY A CA  1 
ATOM   465  C C   . GLY A 1 67  ? -2.479  11.608  -13.036 1.00 21.71 ? 244 GLY A C   1 
ATOM   466  O O   . GLY A 1 67  ? -3.703  11.539  -13.180 1.00 24.18 ? 244 GLY A O   1 
ATOM   467  N N   . LYS A 1 68  ? -1.811  10.780  -12.244 1.00 20.93 ? 245 LYS A N   1 
ATOM   468  C CA  . LYS A 1 68  ? -2.516  9.774   -11.466 1.00 17.97 ? 245 LYS A CA  1 
ATOM   469  C C   . LYS A 1 68  ? -2.234  10.020  -9.992  1.00 17.79 ? 245 LYS A C   1 
ATOM   470  O O   . LYS A 1 68  ? -1.190  10.578  -9.637  1.00 18.26 ? 245 LYS A O   1 
ATOM   471  C CB  . LYS A 1 68  ? -2.077  8.359   -11.856 1.00 19.75 ? 245 LYS A CB  1 
ATOM   472  C CG  . LYS A 1 68  ? -2.296  8.039   -13.326 1.00 20.26 ? 245 LYS A CG  1 
ATOM   473  C CD  . LYS A 1 68  ? -2.743  6.607   -13.541 1.00 24.13 ? 245 LYS A CD  1 
ATOM   474  C CE  . LYS A 1 68  ? -1.760  5.586   -12.992 1.00 21.61 ? 245 LYS A CE  1 
ATOM   475  N NZ  . LYS A 1 68  ? -2.396  4.239   -13.028 1.00 21.89 ? 245 LYS A NZ  1 
ATOM   476  N N   . PRO A 1 69  ? -3.169  9.614   -9.118  1.00 15.82 ? 246 PRO A N   1 
ATOM   477  C CA  . PRO A 1 69  ? -3.021  9.792   -7.670  1.00 15.42 ? 246 PRO A CA  1 
ATOM   478  C C   . PRO A 1 69  ? -1.984  8.816   -7.141  1.00 13.51 ? 246 PRO A C   1 
ATOM   479  O O   . PRO A 1 69  ? -1.641  7.840   -7.811  1.00 13.61 ? 246 PRO A O   1 
ATOM   480  C CB  . PRO A 1 69  ? -4.412  9.468   -7.116  1.00 15.62 ? 246 PRO A CB  1 
ATOM   481  C CG  . PRO A 1 69  ? -5.305  9.269   -8.333  1.00 19.96 ? 246 PRO A CG  1 
ATOM   482  C CD  . PRO A 1 69  ? -4.385  8.849   -9.428  1.00 16.44 ? 246 PRO A CD  1 
ATOM   483  N N   . LEU A 1 70  ? -1.502  9.078   -5.934  1.00 13.58 ? 247 LEU A N   1 
ATOM   484  C CA  . LEU A 1 70  ? -0.506  8.218   -5.319  1.00 12.75 ? 247 LEU A CA  1 
ATOM   485  C C   . LEU A 1 70  ? -0.846  7.862   -3.887  1.00 11.84 ? 247 LEU A C   1 
ATOM   486  O O   . LEU A 1 70  ? -1.138  8.737   -3.075  1.00 13.19 ? 247 LEU A O   1 
ATOM   487  C CB  . LEU A 1 70  ? 0.864   8.899   -5.340  1.00 13.59 ? 247 LEU A CB  1 
ATOM   488  C CG  . LEU A 1 70  ? 1.957   8.215   -4.516  1.00 11.96 ? 247 LEU A CG  1 
ATOM   489  C CD1 . LEU A 1 70  ? 2.374   6.907   -5.186  1.00 15.23 ? 247 LEU A CD1 1 
ATOM   490  C CD2 . LEU A 1 70  ? 3.153   9.154   -4.378  1.00 11.70 ? 247 LEU A CD2 1 
ATOM   491  N N   . LEU A 1 71  ? -0.840  6.569   -3.589  1.00 10.98 ? 248 LEU A N   1 
ATOM   492  C CA  . LEU A 1 71  ? -1.057  6.101   -2.226  1.00 10.92 ? 248 LEU A CA  1 
ATOM   493  C C   . LEU A 1 71  ? 0.337   5.765   -1.735  1.00 12.20 ? 248 LEU A C   1 
ATOM   494  O O   . LEU A 1 71  ? 1.073   5.032   -2.407  1.00 12.69 ? 248 LEU A O   1 
ATOM   495  C CB  . LEU A 1 71  ? -1.908  4.833   -2.190  1.00 12.91 ? 248 LEU A CB  1 
ATOM   496  C CG  . LEU A 1 71  ? -1.867  4.107   -0.840  1.00 12.30 ? 248 LEU A CG  1 
ATOM   497  C CD1 . LEU A 1 71  ? -2.553  4.965   0.226   1.00 11.11 ? 248 LEU A CD1 1 
ATOM   498  C CD2 . LEU A 1 71  ? -2.567  2.753   -0.963  1.00 12.99 ? 248 LEU A CD2 1 
ATOM   499  N N   . ILE A 1 72  ? 0.697   6.303   -0.574  1.00 10.59 ? 249 ILE A N   1 
ATOM   500  C CA  . ILE A 1 72  ? 2.002   6.062   0.021   1.00 10.66 ? 249 ILE A CA  1 
ATOM   501  C C   . ILE A 1 72  ? 1.827   5.186   1.257   1.00 11.59 ? 249 ILE A C   1 
ATOM   502  O O   . ILE A 1 72  ? 1.083   5.538   2.168   1.00 12.44 ? 249 ILE A O   1 
ATOM   503  C CB  . ILE A 1 72  ? 2.665   7.385   0.446   1.00 11.52 ? 249 ILE A CB  1 
ATOM   504  C CG1 . ILE A 1 72  ? 2.897   8.252   -0.784  1.00 10.41 ? 249 ILE A CG1 1 
ATOM   505  C CG2 . ILE A 1 72  ? 3.982   7.110   1.164   1.00 11.87 ? 249 ILE A CG2 1 
ATOM   506  C CD1 . ILE A 1 72  ? 3.340   9.673   -0.470  1.00 16.32 ? 249 ILE A CD1 1 
ATOM   507  N N   . ILE A 1 73  ? 2.495   4.036   1.266   1.00 10.77 ? 250 ILE A N   1 
ATOM   508  C CA  . ILE A 1 73  ? 2.432   3.101   2.384   1.00 11.28 ? 250 ILE A CA  1 
ATOM   509  C C   . ILE A 1 73  ? 3.844   2.977   2.940   1.00 13.03 ? 250 ILE A C   1 
ATOM   510  O O   . ILE A 1 73  ? 4.696   2.328   2.332   1.00 14.43 ? 250 ILE A O   1 
ATOM   511  C CB  . ILE A 1 73  ? 1.956   1.702   1.924   1.00 10.90 ? 250 ILE A CB  1 
ATOM   512  C CG1 . ILE A 1 73  ? 0.656   1.826   1.128   1.00 12.18 ? 250 ILE A CG1 1 
ATOM   513  C CG2 . ILE A 1 73  ? 1.740   0.805   3.142   1.00 11.87 ? 250 ILE A CG2 1 
ATOM   514  C CD1 . ILE A 1 73  ? 0.147   0.497   0.580   1.00 12.86 ? 250 ILE A CD1 1 
ATOM   515  N N   . ALA A 1 74  ? 4.083   3.588   4.097   1.00 13.01 ? 251 ALA A N   1 
ATOM   516  C CA  . ALA A 1 74  ? 5.411   3.572   4.706   1.00 13.78 ? 251 ALA A CA  1 
ATOM   517  C C   . ALA A 1 74  ? 5.334   3.339   6.208   1.00 14.07 ? 251 ALA A C   1 
ATOM   518  O O   . ALA A 1 74  ? 4.253   3.164   6.761   1.00 14.03 ? 251 ALA A O   1 
ATOM   519  C CB  . ALA A 1 74  ? 6.121   4.888   4.414   1.00 16.11 ? 251 ALA A CB  1 
ATOM   520  N N   . GLU A 1 75  ? 6.486   3.336   6.874   1.00 15.30 ? 252 GLU A N   1 
ATOM   521  C CA  . GLU A 1 75  ? 6.506   3.119   8.316   1.00 17.05 ? 252 GLU A CA  1 
ATOM   522  C C   . GLU A 1 75  ? 5.781   4.270   9.006   1.00 17.45 ? 252 GLU A C   1 
ATOM   523  O O   . GLU A 1 75  ? 5.020   4.065   9.955   1.00 19.16 ? 252 GLU A O   1 
ATOM   524  C CB  . GLU A 1 75  ? 7.947   3.017   8.807   1.00 20.11 ? 252 GLU A CB  1 
ATOM   525  C CG  . GLU A 1 75  ? 8.079   2.821   10.298  1.00 24.17 ? 252 GLU A CG  1 
ATOM   526  C CD  . GLU A 1 75  ? 9.475   2.387   10.687  1.00 27.33 ? 252 GLU A CD  1 
ATOM   527  O OE1 . GLU A 1 75  ? 9.863   2.594   11.857  1.00 31.71 ? 252 GLU A OE1 1 
ATOM   528  O OE2 . GLU A 1 75  ? 10.182  1.829   9.817   1.00 28.92 ? 252 GLU A OE2 1 
ATOM   529  N N   . ASP A 1 76  ? 6.015   5.481   8.514   1.00 17.37 ? 253 ASP A N   1 
ATOM   530  C CA  . ASP A 1 76  ? 5.367   6.674   9.047   1.00 18.03 ? 253 ASP A CA  1 
ATOM   531  C C   . ASP A 1 76  ? 5.842   7.855   8.208   1.00 17.76 ? 253 ASP A C   1 
ATOM   532  O O   . ASP A 1 76  ? 6.792   7.735   7.435   1.00 17.33 ? 253 ASP A O   1 
ATOM   533  C CB  . ASP A 1 76  ? 5.748   6.878   10.521  1.00 19.54 ? 253 ASP A CB  1 
ATOM   534  C CG  . ASP A 1 76  ? 4.795   7.821   11.258  1.00 23.22 ? 253 ASP A CG  1 
ATOM   535  O OD1 . ASP A 1 76  ? 3.745   8.207   10.693  1.00 22.97 ? 253 ASP A OD1 1 
ATOM   536  O OD2 . ASP A 1 76  ? 5.099   8.172   12.418  1.00 23.88 ? 253 ASP A OD2 1 
ATOM   537  N N   . VAL A 1 77  ? 5.170   8.991   8.347   1.00 18.15 ? 254 VAL A N   1 
ATOM   538  C CA  . VAL A 1 77  ? 5.555   10.191  7.618   1.00 19.56 ? 254 VAL A CA  1 
ATOM   539  C C   . VAL A 1 77  ? 5.729   11.309  8.634   1.00 20.33 ? 254 VAL A C   1 
ATOM   540  O O   . VAL A 1 77  ? 4.779   11.669  9.320   1.00 20.79 ? 254 VAL A O   1 
ATOM   541  C CB  . VAL A 1 77  ? 4.479   10.612  6.606   1.00 20.38 ? 254 VAL A CB  1 
ATOM   542  C CG1 . VAL A 1 77  ? 4.926   11.866  5.869   1.00 20.34 ? 254 VAL A CG1 1 
ATOM   543  C CG2 . VAL A 1 77  ? 4.213   9.478   5.635   1.00 19.26 ? 254 VAL A CG2 1 
ATOM   544  N N   . GLU A 1 78  ? 6.948   11.837  8.729   1.00 21.37 ? 255 GLU A N   1 
ATOM   545  C CA  . GLU A 1 78  ? 7.279   12.910  9.664   1.00 23.53 ? 255 GLU A CA  1 
ATOM   546  C C   . GLU A 1 78  ? 6.383   14.125  9.458   1.00 22.21 ? 255 GLU A C   1 
ATOM   547  O O   . GLU A 1 78  ? 5.945   14.401  8.344   1.00 20.31 ? 255 GLU A O   1 
ATOM   548  C CB  . GLU A 1 78  ? 8.740   13.336  9.482   1.00 27.36 ? 255 GLU A CB  1 
ATOM   549  C CG  . GLU A 1 78  ? 9.757   12.211  9.565   1.00 33.46 ? 255 GLU A CG  1 
ATOM   550  C CD  . GLU A 1 78  ? 9.958   11.701  10.972  1.00 36.27 ? 255 GLU A CD  1 
ATOM   551  O OE1 . GLU A 1 78  ? 9.018   11.093  11.527  1.00 39.36 ? 255 GLU A OE1 1 
ATOM   552  O OE2 . GLU A 1 78  ? 11.061  11.913  11.523  1.00 37.45 ? 255 GLU A OE2 1 
ATOM   553  N N   . GLY A 1 79  ? 6.135   14.857  10.540  1.00 20.73 ? 256 GLY A N   1 
ATOM   554  C CA  . GLY A 1 79  ? 5.286   16.033  10.466  1.00 20.45 ? 256 GLY A CA  1 
ATOM   555  C C   . GLY A 1 79  ? 5.565   16.972  9.302   1.00 21.43 ? 256 GLY A C   1 
ATOM   556  O O   . GLY A 1 79  ? 4.642   17.383  8.594   1.00 18.95 ? 256 GLY A O   1 
ATOM   557  N N   . GLU A 1 80  ? 6.838   17.302  9.102   1.00 20.07 ? 257 GLU A N   1 
ATOM   558  C CA  . GLU A 1 80  ? 7.269   18.208  8.040   1.00 21.73 ? 257 GLU A CA  1 
ATOM   559  C C   . GLU A 1 80  ? 6.926   17.678  6.652   1.00 19.83 ? 257 GLU A C   1 
ATOM   560  O O   . GLU A 1 80  ? 6.384   18.402  5.808   1.00 18.55 ? 257 GLU A O   1 
ATOM   561  C CB  . GLU A 1 80  ? 8.782   18.415  8.129   1.00 25.60 ? 257 GLU A CB  1 
ATOM   562  C CG  . GLU A 1 80  ? 9.292   19.648  7.418   1.00 30.06 ? 257 GLU A CG  1 
ATOM   563  C CD  . GLU A 1 80  ? 8.986   20.918  8.183   1.00 32.57 ? 257 GLU A CD  1 
ATOM   564  O OE1 . GLU A 1 80  ? 9.290   20.966  9.395   1.00 34.06 ? 257 GLU A OE1 1 
ATOM   565  O OE2 . GLU A 1 80  ? 8.454   21.869  7.574   1.00 33.80 ? 257 GLU A OE2 1 
ATOM   566  N N   . ALA A 1 81  ? 7.260   16.413  6.417   1.00 17.63 ? 258 ALA A N   1 
ATOM   567  C CA  . ALA A 1 81  ? 7.001   15.779  5.128   1.00 15.54 ? 258 ALA A CA  1 
ATOM   568  C C   . ALA A 1 81  ? 5.496   15.650  4.891   1.00 15.02 ? 258 ALA A C   1 
ATOM   569  O O   . ALA A 1 81  ? 5.019   15.830  3.763   1.00 13.40 ? 258 ALA A O   1 
ATOM   570  C CB  . ALA A 1 81  ? 7.664   14.406  5.085   1.00 16.19 ? 258 ALA A CB  1 
ATOM   571  N N   . LEU A 1 82  ? 4.755   15.347  5.950   1.00 13.81 ? 259 LEU A N   1 
ATOM   572  C CA  . LEU A 1 82  ? 3.303   15.201  5.838   1.00 12.76 ? 259 LEU A CA  1 
ATOM   573  C C   . LEU A 1 82  ? 2.678   16.541  5.444   1.00 13.72 ? 259 LEU A C   1 
ATOM   574  O O   . LEU A 1 82  ? 1.778   16.598  4.609   1.00 13.63 ? 259 LEU A O   1 
ATOM   575  C CB  . LEU A 1 82  ? 2.711   14.722  7.163   1.00 13.97 ? 259 LEU A CB  1 
ATOM   576  C CG  . LEU A 1 82  ? 1.222   14.368  7.145   1.00 12.28 ? 259 LEU A CG  1 
ATOM   577  C CD1 . LEU A 1 82  ? 0.996   13.171  6.232   1.00 15.55 ? 259 LEU A CD1 1 
ATOM   578  C CD2 . LEU A 1 82  ? 0.754   14.045  8.561   1.00 15.31 ? 259 LEU A CD2 1 
ATOM   579  N N   . ALA A 1 83  ? 3.171   17.618  6.043   1.00 13.65 ? 260 ALA A N   1 
ATOM   580  C CA  . ALA A 1 83  ? 2.664   18.948  5.742   1.00 13.85 ? 260 ALA A CA  1 
ATOM   581  C C   . ALA A 1 83  ? 2.877   19.253  4.271   1.00 15.25 ? 260 ALA A C   1 
ATOM   582  O O   . ALA A 1 83  ? 2.014   19.835  3.617   1.00 13.74 ? 260 ALA A O   1 
ATOM   583  C CB  . ALA A 1 83  ? 3.382   19.988  6.594   1.00 13.86 ? 260 ALA A CB  1 
ATOM   584  N N   . THR A 1 84  ? 4.037   18.860  3.753   1.00 13.16 ? 261 THR A N   1 
ATOM   585  C CA  . THR A 1 84  ? 4.336   19.112  2.355   1.00 14.94 ? 261 THR A CA  1 
ATOM   586  C C   . THR A 1 84  ? 3.383   18.351  1.446   1.00 12.01 ? 261 THR A C   1 
ATOM   587  O O   . THR A 1 84  ? 2.913   18.886  0.448   1.00 15.53 ? 261 THR A O   1 
ATOM   588  C CB  . THR A 1 84  ? 5.791   18.727  2.021   1.00 14.14 ? 261 THR A CB  1 
ATOM   589  O OG1 . THR A 1 84  ? 6.679   19.572  2.762   1.00 19.94 ? 261 THR A OG1 1 
ATOM   590  C CG2 . THR A 1 84  ? 6.060   18.901  0.527   1.00 15.49 ? 261 THR A CG2 1 
ATOM   591  N N   . LEU A 1 85  ? 3.099   17.099  1.791   1.00 12.02 ? 262 LEU A N   1 
ATOM   592  C CA  . LEU A 1 85  ? 2.187   16.294  0.993   1.00 11.43 ? 262 LEU A CA  1 
ATOM   593  C C   . LEU A 1 85  ? 0.806   16.932  1.009   1.00 12.09 ? 262 LEU A C   1 
ATOM   594  O O   . LEU A 1 85  ? 0.148   17.040  -0.029  1.00 12.66 ? 262 LEU A O   1 
ATOM   595  C CB  . LEU A 1 85  ? 2.110   14.873  1.552   1.00 10.73 ? 262 LEU A CB  1 
ATOM   596  C CG  . LEU A 1 85  ? 3.378   14.029  1.399   1.00 12.70 ? 262 LEU A CG  1 
ATOM   597  C CD1 . LEU A 1 85  ? 3.191   12.691  2.114   1.00 12.40 ? 262 LEU A CD1 1 
ATOM   598  C CD2 . LEU A 1 85  ? 3.676   13.828  -0.082  1.00 14.06 ? 262 LEU A CD2 1 
ATOM   599  N N   . VAL A 1 86  ? 0.381   17.365  2.195   1.00 11.13 ? 263 VAL A N   1 
ATOM   600  C CA  . VAL A 1 86  ? -0.924  17.999  2.353   1.00 11.26 ? 263 VAL A CA  1 
ATOM   601  C C   . VAL A 1 86  ? -1.089  19.252  1.485   1.00 11.73 ? 263 VAL A C   1 
ATOM   602  O O   . VAL A 1 86  ? -2.105  19.394  0.806   1.00 12.55 ? 263 VAL A O   1 
ATOM   603  C CB  . VAL A 1 86  ? -1.205  18.340  3.835   1.00 10.51 ? 263 VAL A CB  1 
ATOM   604  C CG1 . VAL A 1 86  ? -2.359  19.332  3.939   1.00 12.22 ? 263 VAL A CG1 1 
ATOM   605  C CG2 . VAL A 1 86  ? -1.571  17.063  4.599   1.00 11.17 ? 263 VAL A CG2 1 
ATOM   606  N N   . VAL A 1 87  ? -0.098  20.144  1.491   1.00 11.05 ? 264 VAL A N   1 
ATOM   607  C CA  . VAL A 1 87  ? -0.172  21.366  0.686   1.00 12.55 ? 264 VAL A CA  1 
ATOM   608  C C   . VAL A 1 87  ? -0.278  21.044  -0.802  1.00 14.14 ? 264 VAL A C   1 
ATOM   609  O O   . VAL A 1 87  ? -1.107  21.603  -1.516  1.00 13.57 ? 264 VAL A O   1 
ATOM   610  C CB  . VAL A 1 87  ? 1.072   22.282  0.923   1.00 13.54 ? 264 VAL A CB  1 
ATOM   611  C CG1 . VAL A 1 87  ? 2.338   21.495  0.779   1.00 19.77 ? 264 VAL A CG1 1 
ATOM   612  C CG2 . VAL A 1 87  ? 1.090   23.437  -0.070  1.00 13.82 ? 264 VAL A CG2 1 
ATOM   613  N N   . ASN A 1 88  ? 0.571   20.137  -1.262  1.00 13.16 ? 265 ASN A N   1 
ATOM   614  C CA  . ASN A 1 88  ? 0.564   19.747  -2.654  1.00 13.96 ? 265 ASN A CA  1 
ATOM   615  C C   . ASN A 1 88  ? -0.770  19.152  -3.089  1.00 12.30 ? 265 ASN A C   1 
ATOM   616  O O   . ASN A 1 88  ? -1.286  19.509  -4.142  1.00 12.89 ? 265 ASN A O   1 
ATOM   617  C CB  . ASN A 1 88  ? 1.705   18.761  -2.919  1.00 14.04 ? 265 ASN A CB  1 
ATOM   618  C CG  . ASN A 1 88  ? 3.023   19.468  -3.180  1.00 16.53 ? 265 ASN A CG  1 
ATOM   619  O OD1 . ASN A 1 88  ? 3.236   20.011  -4.264  1.00 18.60 ? 265 ASN A OD1 1 
ATOM   620  N ND2 . ASN A 1 88  ? 3.903   19.482  -2.186  1.00 18.22 ? 265 ASN A ND2 1 
ATOM   621  N N   . THR A 1 89  ? -1.347  18.270  -2.280  1.00 13.12 ? 266 THR A N   1 
ATOM   622  C CA  . THR A 1 89  ? -2.613  17.663  -2.665  1.00 13.59 ? 266 THR A CA  1 
ATOM   623  C C   . THR A 1 89  ? -3.789  18.620  -2.539  1.00 13.79 ? 266 THR A C   1 
ATOM   624  O O   . THR A 1 89  ? -4.708  18.590  -3.353  1.00 11.35 ? 266 THR A O   1 
ATOM   625  C CB  . THR A 1 89  ? -2.887  16.393  -1.856  1.00 15.61 ? 266 THR A CB  1 
ATOM   626  O OG1 . THR A 1 89  ? -1.708  15.587  -1.842  1.00 23.60 ? 266 THR A OG1 1 
ATOM   627  C CG2 . THR A 1 89  ? -3.995  15.592  -2.505  1.00 11.80 ? 266 THR A CG2 1 
ATOM   628  N N   . MET A 1 90  ? -3.767  19.479  -1.531  1.00 12.58 ? 267 MET A N   1 
ATOM   629  C CA  . MET A 1 90  ? -4.858  20.440  -1.386  1.00 14.04 ? 267 MET A CA  1 
ATOM   630  C C   . MET A 1 90  ? -4.883  21.369  -2.601  1.00 14.19 ? 267 MET A C   1 
ATOM   631  O O   . MET A 1 90  ? -5.950  21.744  -3.085  1.00 16.41 ? 267 MET A O   1 
ATOM   632  C CB  . MET A 1 90  ? -4.685  21.275  -0.117  1.00 11.49 ? 267 MET A CB  1 
ATOM   633  C CG  . MET A 1 90  ? -4.891  20.505  1.169   1.00 14.88 ? 267 MET A CG  1 
ATOM   634  S SD  . MET A 1 90  ? -4.820  21.593  2.596   1.00 19.35 ? 267 MET A SD  1 
ATOM   635  C CE  . MET A 1 90  ? -6.068  22.844  2.082   1.00 13.65 ? 267 MET A CE  1 
ATOM   636  N N   . ARG A 1 91  ? -3.701  21.723  -3.094  1.00 12.44 ? 268 ARG A N   1 
ATOM   637  C CA  . ARG A 1 91  ? -3.581  22.625  -4.235  1.00 11.95 ? 268 ARG A CA  1 
ATOM   638  C C   . ARG A 1 91  ? -3.769  21.944  -5.585  1.00 12.30 ? 268 ARG A C   1 
ATOM   639  O O   . ARG A 1 91  ? -3.841  22.617  -6.616  1.00 13.60 ? 268 ARG A O   1 
ATOM   640  C CB  . ARG A 1 91  ? -2.229  23.337  -4.175  1.00 10.90 ? 268 ARG A CB  1 
ATOM   641  C CG  . ARG A 1 91  ? -2.127  24.275  -2.980  1.00 12.82 ? 268 ARG A CG  1 
ATOM   642  C CD  . ARG A 1 91  ? -0.728  24.852  -2.776  1.00 13.53 ? 268 ARG A CD  1 
ATOM   643  N NE  . ARG A 1 91  ? -0.265  25.632  -3.913  1.00 17.82 ? 268 ARG A NE  1 
ATOM   644  C CZ  . ARG A 1 91  ? 0.771   26.460  -3.869  1.00 17.54 ? 268 ARG A CZ  1 
ATOM   645  N NH1 . ARG A 1 91  ? 1.443   26.623  -2.735  1.00 18.73 ? 268 ARG A NH1 1 
ATOM   646  N NH2 . ARG A 1 91  ? 1.156   27.100  -4.967  1.00 21.19 ? 268 ARG A NH2 1 
ATOM   647  N N   . GLY A 1 92  ? -3.850  20.617  -5.572  1.00 13.60 ? 269 GLY A N   1 
ATOM   648  C CA  . GLY A 1 92  ? -4.048  19.866  -6.803  1.00 15.16 ? 269 GLY A CA  1 
ATOM   649  C C   . GLY A 1 92  ? -2.812  19.621  -7.654  1.00 15.82 ? 269 GLY A C   1 
ATOM   650  O O   . GLY A 1 92  ? -2.935  19.196  -8.805  1.00 18.16 ? 269 GLY A O   1 
ATOM   651  N N   . ILE A 1 93  ? -1.632  19.885  -7.101  1.00 15.83 ? 270 ILE A N   1 
ATOM   652  C CA  . ILE A 1 93  ? -0.369  19.692  -7.819  1.00 16.90 ? 270 ILE A CA  1 
ATOM   653  C C   . ILE A 1 93  ? -0.095  18.204  -8.017  1.00 18.87 ? 270 ILE A C   1 
ATOM   654  O O   . ILE A 1 93  ? 0.305   17.770  -9.098  1.00 19.44 ? 270 ILE A O   1 
ATOM   655  C CB  . ILE A 1 93  ? 0.805   20.332  -7.052  1.00 18.47 ? 270 ILE A CB  1 
ATOM   656  C CG1 . ILE A 1 93  ? 0.637   21.852  -7.045  1.00 17.52 ? 270 ILE A CG1 1 
ATOM   657  C CG2 . ILE A 1 93  ? 2.127   19.946  -7.697  1.00 19.23 ? 270 ILE A CG2 1 
ATOM   658  C CD1 . ILE A 1 93  ? 1.553   22.574  -6.088  1.00 20.95 ? 270 ILE A CD1 1 
ATOM   659  N N   . VAL A 1 94  ? -0.311  17.439  -6.953  1.00 17.46 ? 271 VAL A N   1 
ATOM   660  C CA  . VAL A 1 94  ? -0.145  15.993  -6.968  1.00 19.71 ? 271 VAL A CA  1 
ATOM   661  C C   . VAL A 1 94  ? -1.176  15.465  -5.980  1.00 18.99 ? 271 VAL A C   1 
ATOM   662  O O   . VAL A 1 94  ? -1.245  15.941  -4.843  1.00 17.68 ? 271 VAL A O   1 
ATOM   663  C CB  . VAL A 1 94  ? 1.273   15.559  -6.512  1.00 22.37 ? 271 VAL A CB  1 
ATOM   664  C CG1 . VAL A 1 94  ? 2.296   15.989  -7.523  1.00 25.21 ? 271 VAL A CG1 1 
ATOM   665  C CG2 . VAL A 1 94  ? 1.609   16.168  -5.172  1.00 24.89 ? 271 VAL A CG2 1 
ATOM   666  N N   . LYS A 1 95  ? -1.998  14.521  -6.425  1.00 17.52 ? 272 LYS A N   1 
ATOM   667  C CA  . LYS A 1 95  ? -3.033  13.921  -5.576  1.00 18.35 ? 272 LYS A CA  1 
ATOM   668  C C   . LYS A 1 95  ? -2.434  12.766  -4.779  1.00 16.05 ? 272 LYS A C   1 
ATOM   669  O O   . LYS A 1 95  ? -2.000  11.767  -5.355  1.00 16.53 ? 272 LYS A O   1 
ATOM   670  C CB  . LYS A 1 95  ? -4.181  13.389  -6.435  1.00 20.17 ? 272 LYS A CB  1 
ATOM   671  C CG  . LYS A 1 95  ? -5.439  14.239  -6.467  1.00 26.78 ? 272 LYS A CG  1 
ATOM   672  C CD  . LYS A 1 95  ? -5.173  15.673  -6.891  1.00 27.70 ? 272 LYS A CD  1 
ATOM   673  C CE  . LYS A 1 95  ? -5.036  16.584  -5.687  1.00 27.86 ? 272 LYS A CE  1 
ATOM   674  N NZ  . LYS A 1 95  ? -6.313  16.724  -4.909  1.00 28.21 ? 272 LYS A NZ  1 
ATOM   675  N N   . VAL A 1 96  ? -2.419  12.885  -3.455  1.00 15.32 ? 273 VAL A N   1 
ATOM   676  C CA  . VAL A 1 96  ? -1.831  11.832  -2.643  1.00 15.10 ? 273 VAL A CA  1 
ATOM   677  C C   . VAL A 1 96  ? -2.558  11.567  -1.335  1.00 15.28 ? 273 VAL A C   1 
ATOM   678  O O   . VAL A 1 96  ? -3.389  12.353  -0.883  1.00 15.38 ? 273 VAL A O   1 
ATOM   679  C CB  . VAL A 1 96  ? -0.352  12.159  -2.294  1.00 18.01 ? 273 VAL A CB  1 
ATOM   680  C CG1 . VAL A 1 96  ? 0.391   12.630  -3.524  1.00 18.07 ? 273 VAL A CG1 1 
ATOM   681  C CG2 . VAL A 1 96  ? -0.293  13.219  -1.207  1.00 18.66 ? 273 VAL A CG2 1 
ATOM   682  N N   . ALA A 1 97  ? -2.228  10.425  -0.748  1.00 12.69 ? 274 ALA A N   1 
ATOM   683  C CA  . ALA A 1 97  ? -2.742  9.997   0.537   1.00 13.69 ? 274 ALA A CA  1 
ATOM   684  C C   . ALA A 1 97  ? -1.646  9.094   1.083   1.00 12.87 ? 274 ALA A C   1 
ATOM   685  O O   . ALA A 1 97  ? -1.002  8.372   0.325   1.00 14.43 ? 274 ALA A O   1 
ATOM   686  C CB  . ALA A 1 97  ? -4.049  9.228   0.374   1.00 10.95 ? 274 ALA A CB  1 
ATOM   687  N N   . ALA A 1 98  ? -1.410  9.150   2.386   1.00 11.21 ? 275 ALA A N   1 
ATOM   688  C CA  . ALA A 1 98  ? -0.380  8.323   2.989   1.00 12.33 ? 275 ALA A CA  1 
ATOM   689  C C   . ALA A 1 98  ? -0.977  7.592   4.170   1.00 11.80 ? 275 ALA A C   1 
ATOM   690  O O   . ALA A 1 98  ? -1.858  8.129   4.861   1.00 12.34 ? 275 ALA A O   1 
ATOM   691  C CB  . ALA A 1 98  ? 0.798   9.194   3.442   1.00 10.93 ? 275 ALA A CB  1 
ATOM   692  N N   . VAL A 1 99  ? -0.516  6.361   4.380   1.00 10.81 ? 276 VAL A N   1 
ATOM   693  C CA  . VAL A 1 99  ? -0.968  5.523   5.486   1.00 11.30 ? 276 VAL A CA  1 
ATOM   694  C C   . VAL A 1 99  ? 0.220   4.728   5.998   1.00 11.89 ? 276 VAL A C   1 
ATOM   695  O O   . VAL A 1 99  ? 1.219   4.577   5.296   1.00 12.27 ? 276 VAL A O   1 
ATOM   696  C CB  . VAL A 1 99  ? -2.052  4.504   5.045   1.00 11.07 ? 276 VAL A CB  1 
ATOM   697  C CG1 . VAL A 1 99  ? -3.280  5.241   4.505   1.00 10.72 ? 276 VAL A CG1 1 
ATOM   698  C CG2 . VAL A 1 99  ? -1.480  3.551   3.996   1.00 14.42 ? 276 VAL A CG2 1 
ATOM   699  N N   . LYS A 1 100 ? 0.116   4.222   7.221   1.00 13.16 ? 277 LYS A N   1 
ATOM   700  C CA  . LYS A 1 100 ? 1.190   3.415   7.779   1.00 14.59 ? 277 LYS A CA  1 
ATOM   701  C C   . LYS A 1 100 ? 1.078   1.998   7.221   1.00 12.90 ? 277 LYS A C   1 
ATOM   702  O O   . LYS A 1 100 ? -0.005  1.548   6.841   1.00 13.70 ? 277 LYS A O   1 
ATOM   703  C CB  . LYS A 1 100 ? 1.102   3.408   9.310   1.00 14.73 ? 277 LYS A CB  1 
ATOM   704  C CG  . LYS A 1 100 ? 1.288   4.795   9.915   1.00 18.35 ? 277 LYS A CG  1 
ATOM   705  C CD  . LYS A 1 100 ? 1.045   4.830   11.417  1.00 24.39 ? 277 LYS A CD  1 
ATOM   706  C CE  . LYS A 1 100 ? 2.290   4.469   12.198  1.00 27.18 ? 277 LYS A CE  1 
ATOM   707  N NZ  . LYS A 1 100 ? 2.759   3.087   11.911  1.00 28.91 ? 277 LYS A NZ  1 
ATOM   708  N N   . ALA A 1 101 ? 2.209   1.305   7.143   1.00 13.14 ? 278 ALA A N   1 
ATOM   709  C CA  . ALA A 1 101 ? 2.227   -0.061  6.649   1.00 12.24 ? 278 ALA A CA  1 
ATOM   710  C C   . ALA A 1 101 ? 1.489   -0.934  7.658   1.00 14.10 ? 278 ALA A C   1 
ATOM   711  O O   . ALA A 1 101 ? 1.510   -0.663  8.857   1.00 14.16 ? 278 ALA A O   1 
ATOM   712  C CB  . ALA A 1 101 ? 3.666   -0.533  6.486   1.00 13.86 ? 278 ALA A CB  1 
ATOM   713  N N   . PRO A 1 102 ? 0.833   -2.001  7.188   1.00 13.91 ? 279 PRO A N   1 
ATOM   714  C CA  . PRO A 1 102 ? 0.092   -2.890  8.086   1.00 15.62 ? 279 PRO A CA  1 
ATOM   715  C C   . PRO A 1 102 ? 0.960   -3.668  9.075   1.00 15.28 ? 279 PRO A C   1 
ATOM   716  O O   . PRO A 1 102 ? 2.120   -3.973  8.797   1.00 16.38 ? 279 PRO A O   1 
ATOM   717  C CB  . PRO A 1 102 ? -0.636  -3.820  7.114   1.00 15.53 ? 279 PRO A CB  1 
ATOM   718  C CG  . PRO A 1 102 ? 0.331   -3.927  5.977   1.00 15.17 ? 279 PRO A CG  1 
ATOM   719  C CD  . PRO A 1 102 ? 0.794   -2.499  5.798   1.00 14.65 ? 279 PRO A CD  1 
ATOM   720  N N   . GLY A 1 103 ? 0.379   -3.973  10.230  1.00 15.93 ? 280 GLY A N   1 
ATOM   721  C CA  . GLY A 1 103 ? 1.057   -4.753  11.255  1.00 16.28 ? 280 GLY A CA  1 
ATOM   722  C C   . GLY A 1 103 ? 2.337   -4.224  11.868  1.00 15.64 ? 280 GLY A C   1 
ATOM   723  O O   . GLY A 1 103 ? 2.548   -3.016  11.966  1.00 15.01 ? 280 GLY A O   1 
ATOM   724  N N   . PHE A 1 104 ? 3.188   -5.155  12.297  1.00 15.53 ? 281 PHE A N   1 
ATOM   725  C CA  . PHE A 1 104 ? 4.460   -4.812  12.920  1.00 17.53 ? 281 PHE A CA  1 
ATOM   726  C C   . PHE A 1 104 ? 5.497   -5.912  12.731  1.00 18.02 ? 281 PHE A C   1 
ATOM   727  O O   . PHE A 1 104 ? 5.184   -7.034  12.315  1.00 16.09 ? 281 PHE A O   1 
ATOM   728  C CB  . PHE A 1 104 ? 4.260   -4.574  14.422  1.00 18.38 ? 281 PHE A CB  1 
ATOM   729  C CG  . PHE A 1 104 ? 4.079   -5.839  15.213  1.00 19.00 ? 281 PHE A CG  1 
ATOM   730  C CD1 . PHE A 1 104 ? 5.178   -6.499  15.759  1.00 19.53 ? 281 PHE A CD1 1 
ATOM   731  C CD2 . PHE A 1 104 ? 2.816   -6.398  15.372  1.00 17.39 ? 281 PHE A CD2 1 
ATOM   732  C CE1 . PHE A 1 104 ? 5.022   -7.700  16.445  1.00 18.15 ? 281 PHE A CE1 1 
ATOM   733  C CE2 . PHE A 1 104 ? 2.650   -7.598  16.057  1.00 19.76 ? 281 PHE A CE2 1 
ATOM   734  C CZ  . PHE A 1 104 ? 3.753   -8.251  16.595  1.00 18.37 ? 281 PHE A CZ  1 
ATOM   735  N N   . GLY A 1 105 ? 6.738   -5.573  13.054  1.00 18.78 ? 282 GLY A N   1 
ATOM   736  C CA  . GLY A 1 105 ? 7.822   -6.528  12.961  1.00 19.51 ? 282 GLY A CA  1 
ATOM   737  C C   . GLY A 1 105 ? 7.948   -7.246  11.635  1.00 20.01 ? 282 GLY A C   1 
ATOM   738  O O   . GLY A 1 105 ? 7.764   -6.658  10.564  1.00 19.34 ? 282 GLY A O   1 
ATOM   739  N N   . ASP A 1 106 ? 8.262   -8.531  11.713  1.00 20.88 ? 283 ASP A N   1 
ATOM   740  C CA  . ASP A 1 106 ? 8.447   -9.330  10.515  1.00 22.48 ? 283 ASP A CA  1 
ATOM   741  C C   . ASP A 1 106 ? 7.181   -9.511  9.692   1.00 20.45 ? 283 ASP A C   1 
ATOM   742  O O   . ASP A 1 106 ? 7.250   -9.607  8.467   1.00 21.34 ? 283 ASP A O   1 
ATOM   743  C CB  . ASP A 1 106 ? 9.041   -10.694 10.876  1.00 25.54 ? 283 ASP A CB  1 
ATOM   744  C CG  . ASP A 1 106 ? 10.449  -10.584 11.435  1.00 28.41 ? 283 ASP A CG  1 
ATOM   745  O OD1 . ASP A 1 106 ? 11.234  -9.768  10.904  1.00 30.31 ? 283 ASP A OD1 1 
ATOM   746  O OD2 . ASP A 1 106 ? 10.773  -11.315 12.396  1.00 31.35 ? 283 ASP A OD2 1 
ATOM   747  N N   . ARG A 1 107 ? 6.028   -9.550  10.351  1.00 20.37 ? 284 ARG A N   1 
ATOM   748  C CA  . ARG A 1 107 ? 4.778   -9.723  9.621   1.00 18.48 ? 284 ARG A CA  1 
ATOM   749  C C   . ARG A 1 107 ? 4.490   -8.473  8.805   1.00 18.04 ? 284 ARG A C   1 
ATOM   750  O O   . ARG A 1 107 ? 3.881   -8.545  7.737   1.00 14.93 ? 284 ARG A O   1 
ATOM   751  C CB  . ARG A 1 107 ? 3.620   -10.019 10.574  1.00 20.06 ? 284 ARG A CB  1 
ATOM   752  C CG  . ARG A 1 107 ? 2.329   -10.382 9.848   1.00 18.57 ? 284 ARG A CG  1 
ATOM   753  C CD  . ARG A 1 107 ? 1.507   -11.368 10.664  1.00 21.32 ? 284 ARG A CD  1 
ATOM   754  N NE  . ARG A 1 107 ? 0.283   -11.770 9.985   1.00 19.13 ? 284 ARG A NE  1 
ATOM   755  C CZ  . ARG A 1 107 ? -0.812  -11.022 9.901   1.00 17.23 ? 284 ARG A CZ  1 
ATOM   756  N NH1 . ARG A 1 107 ? -0.852  -9.818  10.456  1.00 19.19 ? 284 ARG A NH1 1 
ATOM   757  N NH2 . ARG A 1 107 ? -1.875  -11.483 9.256   1.00 14.70 ? 284 ARG A NH2 1 
ATOM   758  N N   . ARG A 1 108 ? 4.918   -7.319  9.309   1.00 17.10 ? 285 ARG A N   1 
ATOM   759  C CA  . ARG A 1 108 ? 4.713   -6.086  8.559   1.00 17.11 ? 285 ARG A CA  1 
ATOM   760  C C   . ARG A 1 108 ? 5.493   -6.166  7.251   1.00 15.90 ? 285 ARG A C   1 
ATOM   761  O O   . ARG A 1 108 ? 4.990   -5.806  6.189   1.00 14.49 ? 285 ARG A O   1 
ATOM   762  C CB  . ARG A 1 108 ? 5.181   -4.856  9.344   1.00 17.42 ? 285 ARG A CB  1 
ATOM   763  C CG  . ARG A 1 108 ? 5.148   -3.600  8.493   1.00 21.31 ? 285 ARG A CG  1 
ATOM   764  C CD  . ARG A 1 108 ? 4.378   -2.479  9.163   1.00 27.32 ? 285 ARG A CD  1 
ATOM   765  N NE  . ARG A 1 108 ? 5.246   -1.692  10.014  1.00 28.79 ? 285 ARG A NE  1 
ATOM   766  C CZ  . ARG A 1 108 ? 4.848   -0.655  10.741  1.00 28.34 ? 285 ARG A CZ  1 
ATOM   767  N NH1 . ARG A 1 108 ? 3.577   -0.268  10.729  1.00 27.80 ? 285 ARG A NH1 1 
ATOM   768  N NH2 . ARG A 1 108 ? 5.735   0.005   11.468  1.00 28.20 ? 285 ARG A NH2 1 
ATOM   769  N N   . LYS A 1 109 ? 6.731   -6.643  7.329   1.00 16.90 ? 286 LYS A N   1 
ATOM   770  C CA  . LYS A 1 109 ? 7.550   -6.762  6.133   1.00 16.85 ? 286 LYS A CA  1 
ATOM   771  C C   . LYS A 1 109 ? 6.923   -7.706  5.121   1.00 15.75 ? 286 LYS A C   1 
ATOM   772  O O   . LYS A 1 109 ? 6.924   -7.426  3.924   1.00 14.26 ? 286 LYS A O   1 
ATOM   773  C CB  . LYS A 1 109 ? 8.953   -7.259  6.489   1.00 20.65 ? 286 LYS A CB  1 
ATOM   774  C CG  . LYS A 1 109 ? 9.957   -6.143  6.728   1.00 27.62 ? 286 LYS A CG  1 
ATOM   775  C CD  . LYS A 1 109 ? 9.528   -5.206  7.839   1.00 30.91 ? 286 LYS A CD  1 
ATOM   776  C CE  . LYS A 1 109 ? 10.467  -4.011  7.928   1.00 33.37 ? 286 LYS A CE  1 
ATOM   777  N NZ  . LYS A 1 109 ? 11.883  -4.442  8.098   1.00 34.89 ? 286 LYS A NZ  1 
ATOM   778  N N   . ALA A 1 110 ? 6.389   -8.819  5.617   1.00 14.78 ? 287 ALA A N   1 
ATOM   779  C CA  . ALA A 1 110 ? 5.763   -9.820  4.760   1.00 13.82 ? 287 ALA A CA  1 
ATOM   780  C C   . ALA A 1 110 ? 4.525   -9.265  4.080   1.00 13.59 ? 287 ALA A C   1 
ATOM   781  O O   . ALA A 1 110 ? 4.306   -9.497  2.891   1.00 14.07 ? 287 ALA A O   1 
ATOM   782  C CB  . ALA A 1 110 ? 5.388   -11.050 5.576   1.00 12.79 ? 287 ALA A CB  1 
ATOM   783  N N   . MET A 1 111 ? 3.711   -8.539  4.839   1.00 14.06 ? 288 MET A N   1 
ATOM   784  C CA  . MET A 1 111 ? 2.487   -7.985  4.291   1.00 14.02 ? 288 MET A CA  1 
ATOM   785  C C   . MET A 1 111 ? 2.780   -6.858  3.317   1.00 14.13 ? 288 MET A C   1 
ATOM   786  O O   . MET A 1 111 ? 2.058   -6.680  2.331   1.00 12.45 ? 288 MET A O   1 
ATOM   787  C CB  . MET A 1 111 ? 1.564   -7.521  5.423   1.00 13.71 ? 288 MET A CB  1 
ATOM   788  C CG  . MET A 1 111 ? 1.078   -8.683  6.304   1.00 14.20 ? 288 MET A CG  1 
ATOM   789  S SD  . MET A 1 111 ? -0.304  -8.265  7.375   1.00 16.06 ? 288 MET A SD  1 
ATOM   790  C CE  . MET A 1 111 ? 0.593   -7.482  8.686   1.00 17.33 ? 288 MET A CE  1 
ATOM   791  N N   . LEU A 1 112 ? 3.848   -6.104  3.568   1.00 12.29 ? 289 LEU A N   1 
ATOM   792  C CA  . LEU A 1 112 ? 4.205   -5.028  2.659   1.00 13.50 ? 289 LEU A CA  1 
ATOM   793  C C   . LEU A 1 112 ? 4.546   -5.688  1.322   1.00 14.14 ? 289 LEU A C   1 
ATOM   794  O O   . LEU A 1 112 ? 4.208   -5.170  0.255   1.00 12.42 ? 289 LEU A O   1 
ATOM   795  C CB  . LEU A 1 112 ? 5.406   -4.245  3.198   1.00 15.29 ? 289 LEU A CB  1 
ATOM   796  C CG  . LEU A 1 112 ? 5.623   -2.819  2.677   1.00 18.73 ? 289 LEU A CG  1 
ATOM   797  C CD1 . LEU A 1 112 ? 4.368   -1.968  2.878   1.00 16.16 ? 289 LEU A CD1 1 
ATOM   798  C CD2 . LEU A 1 112 ? 6.801   -2.202  3.421   1.00 20.69 ? 289 LEU A CD2 1 
ATOM   799  N N   . GLN A 1 113 ? 5.215   -6.838  1.384   1.00 13.88 ? 290 GLN A N   1 
ATOM   800  C CA  . GLN A 1 113 ? 5.566   -7.561  0.166   1.00 12.17 ? 290 GLN A CA  1 
ATOM   801  C C   . GLN A 1 113 ? 4.296   -8.112  -0.490  1.00 11.94 ? 290 GLN A C   1 
ATOM   802  O O   . GLN A 1 113 ? 4.180   -8.105  -1.719  1.00 12.99 ? 290 GLN A O   1 
ATOM   803  C CB  . GLN A 1 113 ? 6.535   -8.706  0.460   1.00 12.96 ? 290 GLN A CB  1 
ATOM   804  C CG  . GLN A 1 113 ? 6.970   -9.485  -0.788  1.00 11.62 ? 290 GLN A CG  1 
ATOM   805  C CD  . GLN A 1 113 ? 7.524   -8.585  -1.895  1.00 13.03 ? 290 GLN A CD  1 
ATOM   806  O OE1 . GLN A 1 113 ? 8.430   -7.779  -1.665  1.00 12.98 ? 290 GLN A OE1 1 
ATOM   807  N NE2 . GLN A 1 113 ? 6.980   -8.723  -3.102  1.00 14.32 ? 290 GLN A NE2 1 
ATOM   808  N N   . ASP A 1 114 ? 3.351   -8.582  0.320   1.00 12.11 ? 291 ASP A N   1 
ATOM   809  C CA  . ASP A 1 114 ? 2.092   -9.097  -0.227  1.00 12.44 ? 291 ASP A CA  1 
ATOM   810  C C   . ASP A 1 114 ? 1.472   -8.018  -1.102  1.00 13.13 ? 291 ASP A C   1 
ATOM   811  O O   . ASP A 1 114 ? 1.044   -8.283  -2.222  1.00 14.19 ? 291 ASP A O   1 
ATOM   812  C CB  . ASP A 1 114 ? 1.082   -9.429  0.869   1.00 12.24 ? 291 ASP A CB  1 
ATOM   813  C CG  . ASP A 1 114 ? 1.460   -10.651 1.665   1.00 12.18 ? 291 ASP A CG  1 
ATOM   814  O OD1 . ASP A 1 114 ? 2.389   -11.380 1.263   1.00 13.99 ? 291 ASP A OD1 1 
ATOM   815  O OD2 . ASP A 1 114 ? 0.813   -10.873 2.700   1.00 13.20 ? 291 ASP A OD2 1 
ATOM   816  N N   . ILE A 1 115 ? 1.403   -6.801  -0.568  1.00 12.41 ? 292 ILE A N   1 
ATOM   817  C CA  . ILE A 1 115 ? 0.829   -5.687  -1.319  1.00 11.65 ? 292 ILE A CA  1 
ATOM   818  C C   . ILE A 1 115 ? 1.652   -5.404  -2.573  1.00 10.97 ? 292 ILE A C   1 
ATOM   819  O O   . ILE A 1 115 ? 1.107   -5.154  -3.645  1.00 11.30 ? 292 ILE A O   1 
ATOM   820  C CB  . ILE A 1 115 ? 0.765   -4.412  -0.461  1.00 11.24 ? 292 ILE A CB  1 
ATOM   821  C CG1 . ILE A 1 115 ? -0.107  -4.655  0.774   1.00 13.29 ? 292 ILE A CG1 1 
ATOM   822  C CG2 . ILE A 1 115 ? 0.235   -3.263  -1.293  1.00 10.47 ? 292 ILE A CG2 1 
ATOM   823  C CD1 . ILE A 1 115 ? 0.008   -3.562  1.818   1.00 14.50 ? 292 ILE A CD1 1 
ATOM   824  N N   . ALA A 1 116 ? 2.975   -5.427  -2.450  1.00 9.35  ? 293 ALA A N   1 
ATOM   825  C CA  . ALA A 1 116 ? 3.804   -5.171  -3.617  1.00 11.09 ? 293 ALA A CA  1 
ATOM   826  C C   . ALA A 1 116 ? 3.502   -6.186  -4.720  1.00 10.00 ? 293 ALA A C   1 
ATOM   827  O O   . ALA A 1 116 ? 3.324   -5.824  -5.880  1.00 11.06 ? 293 ALA A O   1 
ATOM   828  C CB  . ALA A 1 116 ? 5.266   -5.234  -3.235  1.00 9.96  ? 293 ALA A CB  1 
ATOM   829  N N   . THR A 1 117 ? 3.445   -7.460  -4.357  1.00 10.27 ? 294 THR A N   1 
ATOM   830  C CA  . THR A 1 117 ? 3.168   -8.496  -5.347  1.00 11.66 ? 294 THR A CA  1 
ATOM   831  C C   . THR A 1 117 ? 1.779   -8.305  -5.967  1.00 10.24 ? 294 THR A C   1 
ATOM   832  O O   . THR A 1 117 ? 1.621   -8.402  -7.187  1.00 11.29 ? 294 THR A O   1 
ATOM   833  C CB  . THR A 1 117 ? 3.307   -9.905  -4.709  1.00 11.97 ? 294 THR A CB  1 
ATOM   834  O OG1 . THR A 1 117 ? 4.670   -10.096 -4.296  1.00 14.03 ? 294 THR A OG1 1 
ATOM   835  C CG2 . THR A 1 117 ? 2.952   -11.002 -5.716  1.00 9.50  ? 294 THR A CG2 1 
ATOM   836  N N   . LEU A 1 118 ? 0.786   -8.011  -5.133  1.00 10.92 ? 295 LEU A N   1 
ATOM   837  C CA  . LEU A 1 118 ? -0.580  -7.805  -5.609  1.00 11.37 ? 295 LEU A CA  1 
ATOM   838  C C   . LEU A 1 118 ? -0.686  -6.662  -6.610  1.00 11.31 ? 295 LEU A C   1 
ATOM   839  O O   . LEU A 1 118 ? -1.415  -6.744  -7.594  1.00 11.47 ? 295 LEU A O   1 
ATOM   840  C CB  . LEU A 1 118 ? -1.506  -7.472  -4.440  1.00 11.16 ? 295 LEU A CB  1 
ATOM   841  C CG  . LEU A 1 118 ? -2.950  -7.146  -4.833  1.00 11.37 ? 295 LEU A CG  1 
ATOM   842  C CD1 . LEU A 1 118 ? -3.629  -8.430  -5.257  1.00 10.39 ? 295 LEU A CD1 1 
ATOM   843  C CD2 . LEU A 1 118 ? -3.693  -6.515  -3.671  1.00 13.16 ? 295 LEU A CD2 1 
ATOM   844  N N   . THR A 1 119 ? 0.059   -5.598  -6.342  1.00 9.86  ? 296 THR A N   1 
ATOM   845  C CA  . THR A 1 119 ? 0.005   -4.397  -7.168  1.00 10.76 ? 296 THR A CA  1 
ATOM   846  C C   . THR A 1 119 ? 1.092   -4.229  -8.222  1.00 12.14 ? 296 THR A C   1 
ATOM   847  O O   . THR A 1 119 ? 1.115   -3.210  -8.924  1.00 11.93 ? 296 THR A O   1 
ATOM   848  C CB  . THR A 1 119 ? -0.002  -3.147  -6.259  1.00 10.71 ? 296 THR A CB  1 
ATOM   849  O OG1 . THR A 1 119 ? 1.235   -3.069  -5.538  1.00 10.15 ? 296 THR A OG1 1 
ATOM   850  C CG2 . THR A 1 119 ? -1.153  -3.240  -5.248  1.00 10.37 ? 296 THR A CG2 1 
ATOM   851  N N   . GLY A 1 120 ? 1.973   -5.220  -8.359  1.00 11.47 ? 297 GLY A N   1 
ATOM   852  C CA  . GLY A 1 120 ? 3.051   -5.105  -9.332  1.00 12.37 ? 297 GLY A CA  1 
ATOM   853  C C   . GLY A 1 120 ? 4.084   -4.059  -8.949  1.00 13.38 ? 297 GLY A C   1 
ATOM   854  O O   . GLY A 1 120 ? 4.783   -3.495  -9.807  1.00 13.30 ? 297 GLY A O   1 
ATOM   855  N N   . GLY A 1 121 ? 4.182   -3.792  -7.652  1.00 12.17 ? 298 GLY A N   1 
ATOM   856  C CA  . GLY A 1 121 ? 5.128   -2.804  -7.165  1.00 13.74 ? 298 GLY A CA  1 
ATOM   857  C C   . GLY A 1 121 ? 6.352   -3.444  -6.540  1.00 14.00 ? 298 GLY A C   1 
ATOM   858  O O   . GLY A 1 121 ? 6.463   -4.670  -6.486  1.00 14.47 ? 298 GLY A O   1 
ATOM   859  N N   . THR A 1 122 ? 7.260   -2.602  -6.053  1.00 14.32 ? 299 THR A N   1 
ATOM   860  C CA  . THR A 1 122 ? 8.495   -3.051  -5.420  1.00 13.98 ? 299 THR A CA  1 
ATOM   861  C C   . THR A 1 122 ? 8.688   -2.297  -4.110  1.00 13.89 ? 299 THR A C   1 
ATOM   862  O O   . THR A 1 122 ? 8.651   -1.067  -4.090  1.00 13.15 ? 299 THR A O   1 
ATOM   863  C CB  . THR A 1 122 ? 9.719   -2.763  -6.312  1.00 14.86 ? 299 THR A CB  1 
ATOM   864  O OG1 . THR A 1 122 ? 9.587   -3.474  -7.549  1.00 17.32 ? 299 THR A OG1 1 
ATOM   865  C CG2 . THR A 1 122 ? 11.006  -3.192  -5.613  1.00 15.98 ? 299 THR A CG2 1 
ATOM   866  N N   . VAL A 1 123 ? 8.881   -3.029  -3.019  1.00 14.38 ? 300 VAL A N   1 
ATOM   867  C CA  . VAL A 1 123 ? 9.107   -2.386  -1.733  1.00 11.16 ? 300 VAL A CA  1 
ATOM   868  C C   . VAL A 1 123 ? 10.488  -1.736  -1.784  1.00 13.62 ? 300 VAL A C   1 
ATOM   869  O O   . VAL A 1 123 ? 11.499  -2.418  -1.972  1.00 15.32 ? 300 VAL A O   1 
ATOM   870  C CB  . VAL A 1 123 ? 9.061   -3.406  -0.576  1.00 15.02 ? 300 VAL A CB  1 
ATOM   871  C CG1 . VAL A 1 123 ? 9.427   -2.733  0.732   1.00 14.61 ? 300 VAL A CG1 1 
ATOM   872  C CG2 . VAL A 1 123 ? 7.659   -4.009  -0.478  1.00 13.98 ? 300 VAL A CG2 1 
ATOM   873  N N   . ILE A 1 124 ? 10.518  -0.414  -1.639  1.00 13.98 ? 301 ILE A N   1 
ATOM   874  C CA  . ILE A 1 124 ? 11.774  0.329   -1.667  1.00 16.30 ? 301 ILE A CA  1 
ATOM   875  C C   . ILE A 1 124 ? 12.415  0.127   -0.303  1.00 17.77 ? 301 ILE A C   1 
ATOM   876  O O   . ILE A 1 124 ? 11.963  0.677   0.700   1.00 17.54 ? 301 ILE A O   1 
ATOM   877  C CB  . ILE A 1 124 ? 11.527  1.840   -1.924  1.00 16.24 ? 301 ILE A CB  1 
ATOM   878  C CG1 . ILE A 1 124 ? 10.776  2.040   -3.245  1.00 19.44 ? 301 ILE A CG1 1 
ATOM   879  C CG2 . ILE A 1 124 ? 12.850  2.584   -1.961  1.00 16.36 ? 301 ILE A CG2 1 
ATOM   880  C CD1 . ILE A 1 124 ? 11.516  1.555   -4.474  1.00 19.97 ? 301 ILE A CD1 1 
ATOM   881  N N   . SER A 1 125 ? 13.471  -0.679  -0.277  1.00 18.93 ? 302 SER A N   1 
ATOM   882  C CA  . SER A 1 125 ? 14.166  -1.001  0.959   1.00 20.03 ? 302 SER A CA  1 
ATOM   883  C C   . SER A 1 125 ? 15.670  -0.798  0.808   1.00 20.92 ? 302 SER A C   1 
ATOM   884  O O   . SER A 1 125 ? 16.284  -1.311  -0.125  1.00 19.98 ? 302 SER A O   1 
ATOM   885  C CB  . SER A 1 125 ? 13.870  -2.454  1.337   1.00 21.02 ? 302 SER A CB  1 
ATOM   886  O OG  . SER A 1 125 ? 14.616  -2.866  2.466   1.00 22.19 ? 302 SER A OG  1 
ATOM   887  N N   . GLU A 1 126 ? 16.254  -0.045  1.732   1.00 22.30 ? 303 GLU A N   1 
ATOM   888  C CA  . GLU A 1 126 ? 17.686  0.224   1.696   1.00 23.29 ? 303 GLU A CA  1 
ATOM   889  C C   . GLU A 1 126 ? 18.478  -1.054  1.969   1.00 23.64 ? 303 GLU A C   1 
ATOM   890  O O   . GLU A 1 126 ? 19.615  -1.208  1.515   1.00 22.31 ? 303 GLU A O   1 
ATOM   891  C CB  . GLU A 1 126 ? 18.049  1.280   2.744   1.00 25.26 ? 303 GLU A CB  1 
ATOM   892  C CG  . GLU A 1 126 ? 17.164  2.518   2.738   1.00 29.82 ? 303 GLU A CG  1 
ATOM   893  C CD  . GLU A 1 126 ? 15.964  2.398   3.676   1.00 32.54 ? 303 GLU A CD  1 
ATOM   894  O OE1 . GLU A 1 126 ? 15.030  1.614   3.383   1.00 31.16 ? 303 GLU A OE1 1 
ATOM   895  O OE2 . GLU A 1 126 ? 15.963  3.091   4.718   1.00 36.08 ? 303 GLU A OE2 1 
ATOM   896  N N   . GLU A 1 127 ? 17.866  -1.969  2.712   1.00 24.45 ? 304 GLU A N   1 
ATOM   897  C CA  . GLU A 1 127 ? 18.502  -3.233  3.067   1.00 26.29 ? 304 GLU A CA  1 
ATOM   898  C C   . GLU A 1 127 ? 18.905  -4.037  1.832   1.00 26.06 ? 304 GLU A C   1 
ATOM   899  O O   . GLU A 1 127 ? 19.818  -4.862  1.891   1.00 25.42 ? 304 GLU A O   1 
ATOM   900  C CB  . GLU A 1 127 ? 17.552  -4.061  3.935   1.00 29.53 ? 304 GLU A CB  1 
ATOM   901  C CG  . GLU A 1 127 ? 18.113  -5.387  4.411   1.00 34.14 ? 304 GLU A CG  1 
ATOM   902  C CD  . GLU A 1 127 ? 17.065  -6.233  5.115   1.00 37.53 ? 304 GLU A CD  1 
ATOM   903  O OE1 . GLU A 1 127 ? 16.073  -6.616  4.456   1.00 39.59 ? 304 GLU A OE1 1 
ATOM   904  O OE2 . GLU A 1 127 ? 17.226  -6.509  6.323   1.00 38.80 ? 304 GLU A OE2 1 
ATOM   905  N N   . ILE A 1 128 ? 18.217  -3.804  0.720   1.00 24.77 ? 305 ILE A N   1 
ATOM   906  C CA  . ILE A 1 128 ? 18.522  -4.520  -0.508  1.00 24.43 ? 305 ILE A CA  1 
ATOM   907  C C   . ILE A 1 128 ? 19.153  -3.621  -1.564  1.00 23.66 ? 305 ILE A C   1 
ATOM   908  O O   . ILE A 1 128 ? 19.120  -3.931  -2.753  1.00 23.52 ? 305 ILE A O   1 
ATOM   909  C CB  . ILE A 1 128 ? 17.263  -5.192  -1.101  1.00 24.83 ? 305 ILE A CB  1 
ATOM   910  C CG1 . ILE A 1 128 ? 16.166  -4.147  -1.323  1.00 26.57 ? 305 ILE A CG1 1 
ATOM   911  C CG2 . ILE A 1 128 ? 16.799  -6.308  -0.180  1.00 25.64 ? 305 ILE A CG2 1 
ATOM   912  C CD1 . ILE A 1 128 ? 14.908  -4.700  -1.940  1.00 30.07 ? 305 ILE A CD1 1 
ATOM   913  N N   . GLY A 1 129 ? 19.709  -2.494  -1.121  1.00 24.71 ? 306 GLY A N   1 
ATOM   914  C CA  . GLY A 1 129 ? 20.380  -1.582  -2.033  1.00 22.26 ? 306 GLY A CA  1 
ATOM   915  C C   . GLY A 1 129 ? 19.544  -0.545  -2.759  1.00 21.16 ? 306 GLY A C   1 
ATOM   916  O O   . GLY A 1 129 ? 20.029  0.092   -3.693  1.00 19.26 ? 306 GLY A O   1 
ATOM   917  N N   . MET A 1 130 ? 18.297  -0.362  -2.339  1.00 20.92 ? 307 MET A N   1 
ATOM   918  C CA  . MET A 1 130 ? 17.428  0.614   -2.985  1.00 20.83 ? 307 MET A CA  1 
ATOM   919  C C   . MET A 1 130 ? 17.436  1.957   -2.272  1.00 22.00 ? 307 MET A C   1 
ATOM   920  O O   . MET A 1 130 ? 17.727  2.038   -1.078  1.00 24.05 ? 307 MET A O   1 
ATOM   921  C CB  . MET A 1 130 ? 15.999  0.078   -3.069  1.00 21.17 ? 307 MET A CB  1 
ATOM   922  C CG  . MET A 1 130 ? 15.867  -1.110  -4.011  1.00 19.50 ? 307 MET A CG  1 
ATOM   923  S SD  . MET A 1 130 ? 14.156  -1.632  -4.204  1.00 23.97 ? 307 MET A SD  1 
ATOM   924  C CE  . MET A 1 130 ? 13.677  -0.620  -5.578  1.00 25.73 ? 307 MET A CE  1 
ATOM   925  N N   . GLU A 1 131 ? 17.117  3.006   -3.021  1.00 22.36 ? 308 GLU A N   1 
ATOM   926  C CA  . GLU A 1 131 ? 17.093  4.363   -2.493  1.00 24.83 ? 308 GLU A CA  1 
ATOM   927  C C   . GLU A 1 131 ? 15.810  5.043   -2.956  1.00 23.30 ? 308 GLU A C   1 
ATOM   928  O O   . GLU A 1 131 ? 15.497  5.046   -4.147  1.00 23.97 ? 308 GLU A O   1 
ATOM   929  C CB  . GLU A 1 131 ? 18.299  5.148   -3.019  1.00 27.54 ? 308 GLU A CB  1 
ATOM   930  C CG  . GLU A 1 131 ? 18.541  6.457   -2.302  1.00 33.10 ? 308 GLU A CG  1 
ATOM   931  C CD  . GLU A 1 131 ? 19.095  6.247   -0.906  1.00 36.73 ? 308 GLU A CD  1 
ATOM   932  O OE1 . GLU A 1 131 ? 19.183  7.234   -0.143  1.00 38.20 ? 308 GLU A OE1 1 
ATOM   933  O OE2 . GLU A 1 131 ? 19.447  5.092   -0.577  1.00 39.24 ? 308 GLU A OE2 1 
ATOM   934  N N   . LEU A 1 132 ? 15.068  5.617   -2.017  1.00 22.61 ? 309 LEU A N   1 
ATOM   935  C CA  . LEU A 1 132 ? 13.825  6.291   -2.362  1.00 22.45 ? 309 LEU A CA  1 
ATOM   936  C C   . LEU A 1 132 ? 14.064  7.351   -3.437  1.00 22.33 ? 309 LEU A C   1 
ATOM   937  O O   . LEU A 1 132 ? 13.296  7.462   -4.392  1.00 21.71 ? 309 LEU A O   1 
ATOM   938  C CB  . LEU A 1 132 ? 13.204  6.926   -1.113  1.00 21.59 ? 309 LEU A CB  1 
ATOM   939  C CG  . LEU A 1 132 ? 11.829  7.577   -1.282  1.00 24.70 ? 309 LEU A CG  1 
ATOM   940  C CD1 . LEU A 1 132 ? 10.860  6.591   -1.920  1.00 25.27 ? 309 LEU A CD1 1 
ATOM   941  C CD2 . LEU A 1 132 ? 11.312  8.025   0.071   1.00 24.23 ? 309 LEU A CD2 1 
ATOM   942  N N   . GLU A 1 133 ? 15.149  8.109   -3.296  1.00 23.66 ? 310 GLU A N   1 
ATOM   943  C CA  . GLU A 1 133 ? 15.466  9.165   -4.253  1.00 25.72 ? 310 GLU A CA  1 
ATOM   944  C C   . GLU A 1 133 ? 15.752  8.614   -5.644  1.00 25.39 ? 310 GLU A C   1 
ATOM   945  O O   . GLU A 1 133 ? 15.752  9.354   -6.624  1.00 24.59 ? 310 GLU A O   1 
ATOM   946  C CB  . GLU A 1 133 ? 16.671  9.983   -3.777  1.00 28.02 ? 310 GLU A CB  1 
ATOM   947  C CG  . GLU A 1 133 ? 16.597  10.412  -2.323  1.00 32.12 ? 310 GLU A CG  1 
ATOM   948  C CD  . GLU A 1 133 ? 17.376  9.486   -1.408  1.00 34.39 ? 310 GLU A CD  1 
ATOM   949  O OE1 . GLU A 1 133 ? 18.608  9.681   -1.277  1.00 35.89 ? 310 GLU A OE1 1 
ATOM   950  O OE2 . GLU A 1 133 ? 16.765  8.559   -0.831  1.00 33.53 ? 310 GLU A OE2 1 
ATOM   951  N N   . LYS A 1 134 ? 15.996  7.314   -5.727  1.00 25.86 ? 311 LYS A N   1 
ATOM   952  C CA  . LYS A 1 134 ? 16.289  6.691   -7.010  1.00 26.73 ? 311 LYS A CA  1 
ATOM   953  C C   . LYS A 1 134 ? 15.099  5.885   -7.525  1.00 25.73 ? 311 LYS A C   1 
ATOM   954  O O   . LYS A 1 134 ? 15.169  5.269   -8.586  1.00 25.70 ? 311 LYS A O   1 
ATOM   955  C CB  . LYS A 1 134 ? 17.523  5.791   -6.881  1.00 27.88 ? 311 LYS A CB  1 
ATOM   956  C CG  . LYS A 1 134 ? 18.748  6.517   -6.332  1.00 31.40 ? 311 LYS A CG  1 
ATOM   957  C CD  . LYS A 1 134 ? 19.915  5.567   -6.088  1.00 33.51 ? 311 LYS A CD  1 
ATOM   958  C CE  . LYS A 1 134 ? 20.624  5.207   -7.381  1.00 35.36 ? 311 LYS A CE  1 
ATOM   959  N NZ  . LYS A 1 134 ? 21.315  6.392   -7.964  1.00 38.08 ? 311 LYS A NZ  1 
ATOM   960  N N   . ALA A 1 135 ? 14.003  5.899   -6.773  1.00 25.21 ? 312 ALA A N   1 
ATOM   961  C CA  . ALA A 1 135 ? 12.811  5.164   -7.177  1.00 24.34 ? 312 ALA A CA  1 
ATOM   962  C C   . ALA A 1 135 ? 12.200  5.777   -8.431  1.00 22.68 ? 312 ALA A C   1 
ATOM   963  O O   . ALA A 1 135 ? 12.312  6.985   -8.663  1.00 23.09 ? 312 ALA A O   1 
ATOM   964  C CB  . ALA A 1 135 ? 11.791  5.159   -6.047  1.00 24.95 ? 312 ALA A CB  1 
ATOM   965  N N   . THR A 1 136 ? 11.561  4.936   -9.240  1.00 22.47 ? 313 THR A N   1 
ATOM   966  C CA  . THR A 1 136 ? 10.917  5.389   -10.468 1.00 22.22 ? 313 THR A CA  1 
ATOM   967  C C   . THR A 1 136 ? 9.503   4.823   -10.532 1.00 21.19 ? 313 THR A C   1 
ATOM   968  O O   . THR A 1 136 ? 9.100   4.042   -9.672  1.00 19.50 ? 313 THR A O   1 
ATOM   969  C CB  . THR A 1 136 ? 11.685  4.923   -11.715 1.00 23.91 ? 313 THR A CB  1 
ATOM   970  O OG1 . THR A 1 136 ? 11.621  3.497   -11.810 1.00 25.77 ? 313 THR A OG1 1 
ATOM   971  C CG2 . THR A 1 136 ? 13.144  5.360   -11.636 1.00 24.74 ? 313 THR A CG2 1 
ATOM   972  N N   . LEU A 1 137 ? 8.755   5.215   -11.558 1.00 20.14 ? 314 LEU A N   1 
ATOM   973  C CA  . LEU A 1 137 ? 7.387   4.745   -11.720 1.00 19.98 ? 314 LEU A CA  1 
ATOM   974  C C   . LEU A 1 137 ? 7.263   3.225   -11.768 1.00 20.05 ? 314 LEU A C   1 
ATOM   975  O O   . LEU A 1 137 ? 6.263   2.672   -11.314 1.00 19.76 ? 314 LEU A O   1 
ATOM   976  C CB  . LEU A 1 137 ? 6.765   5.334   -12.987 1.00 20.19 ? 314 LEU A CB  1 
ATOM   977  C CG  . LEU A 1 137 ? 6.579   6.853   -13.014 1.00 20.22 ? 314 LEU A CG  1 
ATOM   978  C CD1 . LEU A 1 137 ? 5.795   7.313   -11.790 1.00 18.58 ? 314 LEU A CD1 1 
ATOM   979  C CD2 . LEU A 1 137 ? 7.942   7.514   -13.049 1.00 22.70 ? 314 LEU A CD2 1 
ATOM   980  N N   . GLU A 1 138 ? 8.269   2.547   -12.316 1.00 20.65 ? 315 GLU A N   1 
ATOM   981  C CA  . GLU A 1 138 ? 8.208   1.093   -12.409 1.00 21.79 ? 315 GLU A CA  1 
ATOM   982  C C   . GLU A 1 138 ? 8.249   0.397   -11.051 1.00 19.83 ? 315 GLU A C   1 
ATOM   983  O O   . GLU A 1 138 ? 7.823   -0.746  -10.932 1.00 20.53 ? 315 GLU A O   1 
ATOM   984  C CB  . GLU A 1 138 ? 9.330   0.551   -13.305 1.00 26.14 ? 315 GLU A CB  1 
ATOM   985  C CG  . GLU A 1 138 ? 10.729  0.961   -12.903 1.00 31.58 ? 315 GLU A CG  1 
ATOM   986  C CD  . GLU A 1 138 ? 11.798  0.136   -13.605 1.00 35.01 ? 315 GLU A CD  1 
ATOM   987  O OE1 . GLU A 1 138 ? 11.725  -0.013  -14.845 1.00 37.07 ? 315 GLU A OE1 1 
ATOM   988  O OE2 . GLU A 1 138 ? 12.713  -0.361  -12.913 1.00 36.64 ? 315 GLU A OE2 1 
ATOM   989  N N   . ASP A 1 139 ? 8.758   1.083   -10.032 1.00 17.27 ? 316 ASP A N   1 
ATOM   990  C CA  . ASP A 1 139 ? 8.823   0.497   -8.694  1.00 16.56 ? 316 ASP A CA  1 
ATOM   991  C C   . ASP A 1 139 ? 7.479   0.628   -7.984  1.00 15.64 ? 316 ASP A C   1 
ATOM   992  O O   . ASP A 1 139 ? 7.228   -0.019  -6.963  1.00 14.75 ? 316 ASP A O   1 
ATOM   993  C CB  . ASP A 1 139 ? 9.893   1.188   -7.845  1.00 17.85 ? 316 ASP A CB  1 
ATOM   994  C CG  . ASP A 1 139 ? 11.287  1.024   -8.413  1.00 22.13 ? 316 ASP A CG  1 
ATOM   995  O OD1 . ASP A 1 139 ? 11.638  -0.109  -8.782  1.00 19.77 ? 316 ASP A OD1 1 
ATOM   996  O OD2 . ASP A 1 139 ? 12.031  2.027   -8.477  1.00 21.58 ? 316 ASP A OD2 1 
ATOM   997  N N   . LEU A 1 140 ? 6.615   1.479   -8.521  1.00 13.33 ? 317 LEU A N   1 
ATOM   998  C CA  . LEU A 1 140 ? 5.322   1.691   -7.901  1.00 13.14 ? 317 LEU A CA  1 
ATOM   999  C C   . LEU A 1 140 ? 4.298   0.653   -8.319  1.00 14.37 ? 317 LEU A C   1 
ATOM   1000 O O   . LEU A 1 140 ? 4.307   0.153   -9.446  1.00 14.21 ? 317 LEU A O   1 
ATOM   1001 C CB  . LEU A 1 140 ? 4.805   3.089   -8.238  1.00 14.81 ? 317 LEU A CB  1 
ATOM   1002 C CG  . LEU A 1 140 ? 5.805   4.220   -8.006  1.00 12.67 ? 317 LEU A CG  1 
ATOM   1003 C CD1 . LEU A 1 140 ? 5.206   5.510   -8.526  1.00 13.75 ? 317 LEU A CD1 1 
ATOM   1004 C CD2 . LEU A 1 140 ? 6.156   4.346   -6.519  1.00 12.84 ? 317 LEU A CD2 1 
ATOM   1005 N N   . GLY A 1 141 ? 3.416   0.318   -7.387  1.00 13.93 ? 318 GLY A N   1 
ATOM   1006 C CA  . GLY A 1 141 ? 2.368   -0.631  -7.697  1.00 14.42 ? 318 GLY A CA  1 
ATOM   1007 C C   . GLY A 1 141 ? 1.191   0.152   -8.245  1.00 13.58 ? 318 GLY A C   1 
ATOM   1008 O O   . GLY A 1 141 ? 1.220   1.383   -8.282  1.00 13.29 ? 318 GLY A O   1 
ATOM   1009 N N   . GLN A 1 142 ? 0.166   -0.557  -8.694  1.00 12.98 ? 319 GLN A N   1 
ATOM   1010 C CA  . GLN A 1 142 ? -1.042  0.074   -9.200  1.00 13.82 ? 319 GLN A CA  1 
ATOM   1011 C C   . GLN A 1 142 ? -2.248  -0.781  -8.849  1.00 12.04 ? 319 GLN A C   1 
ATOM   1012 O O   . GLN A 1 142 ? -2.119  -1.980  -8.580  1.00 10.49 ? 319 GLN A O   1 
ATOM   1013 C CB  . GLN A 1 142 ? -0.980  0.262   -10.721 1.00 14.52 ? 319 GLN A CB  1 
ATOM   1014 C CG  . GLN A 1 142 ? 0.057   1.271   -11.187 1.00 18.68 ? 319 GLN A CG  1 
ATOM   1015 C CD  . GLN A 1 142 ? 0.065   1.433   -12.696 1.00 20.16 ? 319 GLN A CD  1 
ATOM   1016 O OE1 . GLN A 1 142 ? -0.817  2.074   -13.267 1.00 19.58 ? 319 GLN A OE1 1 
ATOM   1017 N NE2 . GLN A 1 142 ? 1.058   0.839   -13.349 1.00 20.88 ? 319 GLN A NE2 1 
ATOM   1018 N N   . ALA A 1 143 ? -3.415  -0.142  -8.841  1.00 11.79 ? 320 ALA A N   1 
ATOM   1019 C CA  . ALA A 1 143 ? -4.685  -0.801  -8.560  1.00 13.63 ? 320 ALA A CA  1 
ATOM   1020 C C   . ALA A 1 143 ? -5.791  0.021   -9.199  1.00 14.51 ? 320 ALA A C   1 
ATOM   1021 O O   . ALA A 1 143 ? -5.584  1.188   -9.548  1.00 12.77 ? 320 ALA A O   1 
ATOM   1022 C CB  . ALA A 1 143 ? -4.914  -0.899  -7.064  1.00 12.89 ? 320 ALA A CB  1 
ATOM   1023 N N   . LYS A 1 144 ? -6.971  -0.575  -9.348  1.00 14.61 ? 321 LYS A N   1 
ATOM   1024 C CA  . LYS A 1 144 ? -8.087  0.140   -9.951  1.00 16.91 ? 321 LYS A CA  1 
ATOM   1025 C C   . LYS A 1 144 ? -8.493  1.304   -9.063  1.00 16.92 ? 321 LYS A C   1 
ATOM   1026 O O   . LYS A 1 144 ? -8.797  2.394   -9.546  1.00 17.57 ? 321 LYS A O   1 
ATOM   1027 C CB  . LYS A 1 144 ? -9.279  -0.796  -10.158 1.00 17.98 ? 321 LYS A CB  1 
ATOM   1028 C CG  . LYS A 1 144 ? -10.550 -0.093  -10.607 1.00 21.66 ? 321 LYS A CG  1 
ATOM   1029 C CD  . LYS A 1 144 ? -11.708 -1.077  -10.758 1.00 24.81 ? 321 LYS A CD  1 
ATOM   1030 C CE  . LYS A 1 144 ? -12.045 -1.756  -9.439  1.00 27.66 ? 321 LYS A CE  1 
ATOM   1031 N NZ  . LYS A 1 144 ? -13.138 -2.761  -9.584  1.00 30.40 ? 321 LYS A NZ  1 
ATOM   1032 N N   . ARG A 1 145 ? -8.501  1.072   -7.758  1.00 16.86 ? 322 ARG A N   1 
ATOM   1033 C CA  . ARG A 1 145 ? -8.859  2.131   -6.834  1.00 17.12 ? 322 ARG A CA  1 
ATOM   1034 C C   . ARG A 1 145 ? -8.461  1.786   -5.417  1.00 15.78 ? 322 ARG A C   1 
ATOM   1035 O O   . ARG A 1 145 ? -8.258  0.617   -5.077  1.00 14.02 ? 322 ARG A O   1 
ATOM   1036 C CB  . ARG A 1 145 ? -10.362 2.415   -6.902  1.00 22.62 ? 322 ARG A CB  1 
ATOM   1037 C CG  . ARG A 1 145 ? -11.247 1.231   -6.584  1.00 28.26 ? 322 ARG A CG  1 
ATOM   1038 C CD  . ARG A 1 145 ? -12.708 1.606   -6.775  1.00 32.95 ? 322 ARG A CD  1 
ATOM   1039 N NE  . ARG A 1 145 ? -13.019 2.853   -6.083  1.00 35.55 ? 322 ARG A NE  1 
ATOM   1040 C CZ  . ARG A 1 145 ? -14.233 3.387   -6.005  1.00 38.00 ? 322 ARG A CZ  1 
ATOM   1041 N NH1 . ARG A 1 145 ? -15.264 2.781   -6.579  1.00 39.33 ? 322 ARG A NH1 1 
ATOM   1042 N NH2 . ARG A 1 145 ? -14.415 4.526   -5.352  1.00 39.03 ? 322 ARG A NH2 1 
ATOM   1043 N N   . VAL A 1 146 ? -8.327  2.826   -4.605  1.00 13.99 ? 323 VAL A N   1 
ATOM   1044 C CA  . VAL A 1 146 ? -7.973  2.688   -3.206  1.00 13.20 ? 323 VAL A CA  1 
ATOM   1045 C C   . VAL A 1 146 ? -8.984  3.493   -2.410  1.00 14.24 ? 323 VAL A C   1 
ATOM   1046 O O   . VAL A 1 146 ? -9.388  4.587   -2.815  1.00 13.87 ? 323 VAL A O   1 
ATOM   1047 C CB  . VAL A 1 146 ? -6.549  3.232   -2.917  1.00 13.58 ? 323 VAL A CB  1 
ATOM   1048 C CG1 . VAL A 1 146 ? -6.378  3.512   -1.416  1.00 14.71 ? 323 VAL A CG1 1 
ATOM   1049 C CG2 . VAL A 1 146 ? -5.513  2.227   -3.389  1.00 15.77 ? 323 VAL A CG2 1 
ATOM   1050 N N   . VAL A 1 147 ? -9.407  2.935   -1.286  1.00 11.91 ? 324 VAL A N   1 
ATOM   1051 C CA  . VAL A 1 147 ? -10.358 3.613   -0.418  1.00 13.65 ? 324 VAL A CA  1 
ATOM   1052 C C   . VAL A 1 147 ? -9.796  3.605   0.985   1.00 12.86 ? 324 VAL A C   1 
ATOM   1053 O O   . VAL A 1 147 ? -9.502  2.547   1.542   1.00 14.05 ? 324 VAL A O   1 
ATOM   1054 C CB  . VAL A 1 147 ? -11.722 2.910   -0.412  1.00 12.99 ? 324 VAL A CB  1 
ATOM   1055 C CG1 . VAL A 1 147 ? -12.660 3.605   0.564   1.00 15.01 ? 324 VAL A CG1 1 
ATOM   1056 C CG2 . VAL A 1 147 ? -12.304 2.908   -1.822  1.00 16.32 ? 324 VAL A CG2 1 
ATOM   1057 N N   . ILE A 1 148 ? -9.657  4.791   1.558   1.00 12.82 ? 325 ILE A N   1 
ATOM   1058 C CA  . ILE A 1 148 ? -9.103  4.921   2.893   1.00 12.52 ? 325 ILE A CA  1 
ATOM   1059 C C   . ILE A 1 148 ? -10.030 5.688   3.805   1.00 14.09 ? 325 ILE A C   1 
ATOM   1060 O O   . ILE A 1 148 ? -10.629 6.687   3.396   1.00 13.34 ? 325 ILE A O   1 
ATOM   1061 C CB  . ILE A 1 148 ? -7.776  5.712   2.872   1.00 13.14 ? 325 ILE A CB  1 
ATOM   1062 C CG1 . ILE A 1 148 ? -6.903  5.256   1.704   1.00 15.52 ? 325 ILE A CG1 1 
ATOM   1063 C CG2 . ILE A 1 148 ? -7.057  5.541   4.207   1.00 13.31 ? 325 ILE A CG2 1 
ATOM   1064 C CD1 . ILE A 1 148 ? -5.695  6.149   1.484   1.00 18.28 ? 325 ILE A CD1 1 
ATOM   1065 N N   . ASN A 1 149 ? -10.157 5.227   5.041   1.00 13.73 ? 326 ASN A N   1 
ATOM   1066 C CA  . ASN A 1 149 ? -10.962 5.964   6.000   1.00 16.09 ? 326 ASN A CA  1 
ATOM   1067 C C   . ASN A 1 149 ? -10.120 6.129   7.259   1.00 16.98 ? 326 ASN A C   1 
ATOM   1068 O O   . ASN A 1 149 ? -8.923  5.854   7.240   1.00 16.31 ? 326 ASN A O   1 
ATOM   1069 C CB  . ASN A 1 149 ? -12.288 5.250   6.283   1.00 16.47 ? 326 ASN A CB  1 
ATOM   1070 C CG  . ASN A 1 149 ? -12.105 3.816   6.704   1.00 18.42 ? 326 ASN A CG  1 
ATOM   1071 O OD1 . ASN A 1 149 ? -11.357 3.519   7.631   1.00 18.55 ? 326 ASN A OD1 1 
ATOM   1072 N ND2 . ASN A 1 149 ? -12.809 2.908   6.029   1.00 24.01 ? 326 ASN A ND2 1 
ATOM   1073 N N   . LYS A 1 150 ? -10.718 6.590   8.346   1.00 18.45 ? 327 LYS A N   1 
ATOM   1074 C CA  . LYS A 1 150 ? -9.948  6.801   9.565   1.00 19.38 ? 327 LYS A CA  1 
ATOM   1075 C C   . LYS A 1 150 ? -9.234  5.563   10.109  1.00 19.64 ? 327 LYS A C   1 
ATOM   1076 O O   . LYS A 1 150 ? -8.159  5.681   10.692  1.00 20.30 ? 327 LYS A O   1 
ATOM   1077 C CB  . LYS A 1 150 ? -10.841 7.393   10.663  1.00 23.19 ? 327 LYS A CB  1 
ATOM   1078 C CG  . LYS A 1 150 ? -12.015 6.506   11.062  1.00 26.22 ? 327 LYS A CG  1 
ATOM   1079 C CD  . LYS A 1 150 ? -13.356 7.133   10.697  1.00 30.89 ? 327 LYS A CD  1 
ATOM   1080 C CE  . LYS A 1 150 ? -13.520 7.318   9.192   1.00 27.75 ? 327 LYS A CE  1 
ATOM   1081 N NZ  . LYS A 1 150 ? -14.814 7.984   8.879   1.00 32.99 ? 327 LYS A NZ  1 
ATOM   1082 N N   . ASP A 1 151 ? -9.804  4.379   9.899   1.00 19.15 ? 328 ASP A N   1 
ATOM   1083 C CA  . ASP A 1 151 ? -9.200  3.166   10.439  1.00 18.92 ? 328 ASP A CA  1 
ATOM   1084 C C   . ASP A 1 151 ? -8.688  2.112   9.467   1.00 17.89 ? 328 ASP A C   1 
ATOM   1085 O O   . ASP A 1 151 ? -7.939  1.223   9.872   1.00 17.14 ? 328 ASP A O   1 
ATOM   1086 C CB  . ASP A 1 151 ? -10.178 2.492   11.403  1.00 22.93 ? 328 ASP A CB  1 
ATOM   1087 C CG  . ASP A 1 151 ? -10.595 3.402   12.541  1.00 24.53 ? 328 ASP A CG  1 
ATOM   1088 O OD1 . ASP A 1 151 ? -9.715  3.821   13.321  1.00 28.57 ? 328 ASP A OD1 1 
ATOM   1089 O OD2 . ASP A 1 151 ? -11.802 3.700   12.652  1.00 27.57 ? 328 ASP A OD2 1 
ATOM   1090 N N   . THR A 1 152 ? -9.080  2.186   8.200   1.00 17.22 ? 329 THR A N   1 
ATOM   1091 C CA  . THR A 1 152 ? -8.625  1.167   7.255   1.00 16.80 ? 329 THR A CA  1 
ATOM   1092 C C   . THR A 1 152 ? -8.295  1.663   5.856   1.00 15.88 ? 329 THR A C   1 
ATOM   1093 O O   . THR A 1 152 ? -8.676  2.764   5.452   1.00 15.47 ? 329 THR A O   1 
ATOM   1094 C CB  . THR A 1 152 ? -9.670  0.038   7.099   1.00 18.90 ? 329 THR A CB  1 
ATOM   1095 O OG1 . THR A 1 152 ? -10.821 0.542   6.411   1.00 19.91 ? 329 THR A OG1 1 
ATOM   1096 C CG2 . THR A 1 152 ? -10.084 -0.503  8.459   1.00 20.05 ? 329 THR A CG2 1 
ATOM   1097 N N   . THR A 1 153 ? -7.580  0.811   5.127   1.00 12.82 ? 330 THR A N   1 
ATOM   1098 C CA  . THR A 1 153 ? -7.163  1.063   3.749   1.00 12.44 ? 330 THR A CA  1 
ATOM   1099 C C   . THR A 1 153 ? -7.577  -0.136  2.915   1.00 13.60 ? 330 THR A C   1 
ATOM   1100 O O   . THR A 1 153 ? -7.348  -1.281  3.310   1.00 12.20 ? 330 THR A O   1 
ATOM   1101 C CB  . THR A 1 153 ? -5.628  1.221   3.655   1.00 10.83 ? 330 THR A CB  1 
ATOM   1102 O OG1 . THR A 1 153 ? -5.238  2.413   4.342   1.00 13.17 ? 330 THR A OG1 1 
ATOM   1103 C CG2 . THR A 1 153 ? -5.178  1.301   2.206   1.00 13.17 ? 330 THR A CG2 1 
ATOM   1104 N N   . THR A 1 154 ? -8.193  0.116   1.765   1.00 12.84 ? 331 THR A N   1 
ATOM   1105 C CA  . THR A 1 154 ? -8.630  -0.978  0.904   1.00 13.18 ? 331 THR A CA  1 
ATOM   1106 C C   . THR A 1 154 ? -8.064  -0.803  -0.496  1.00 13.96 ? 331 THR A C   1 
ATOM   1107 O O   . THR A 1 154 ? -8.226  0.243   -1.115  1.00 13.79 ? 331 THR A O   1 
ATOM   1108 C CB  . THR A 1 154 ? -10.173 -1.049  0.813   1.00 12.64 ? 331 THR A CB  1 
ATOM   1109 O OG1 . THR A 1 154 ? -10.729 -1.200  2.129   1.00 11.94 ? 331 THR A OG1 1 
ATOM   1110 C CG2 . THR A 1 154 ? -10.596 -2.248  -0.028  1.00 14.20 ? 331 THR A CG2 1 
ATOM   1111 N N   . ILE A 1 155 ? -7.387  -1.838  -0.980  1.00 12.81 ? 332 ILE A N   1 
ATOM   1112 C CA  . ILE A 1 155 ? -6.801  -1.807  -2.306  1.00 13.96 ? 332 ILE A CA  1 
ATOM   1113 C C   . ILE A 1 155 ? -7.657  -2.688  -3.193  1.00 13.17 ? 332 ILE A C   1 
ATOM   1114 O O   . ILE A 1 155 ? -7.800  -3.893  -2.955  1.00 13.94 ? 332 ILE A O   1 
ATOM   1115 C CB  . ILE A 1 155 ? -5.350  -2.316  -2.270  1.00 12.56 ? 332 ILE A CB  1 
ATOM   1116 C CG1 . ILE A 1 155 ? -4.510  -1.376  -1.403  1.00 12.05 ? 332 ILE A CG1 1 
ATOM   1117 C CG2 . ILE A 1 155 ? -4.793  -2.418  -3.683  1.00 14.24 ? 332 ILE A CG2 1 
ATOM   1118 C CD1 . ILE A 1 155 ? -3.089  -1.856  -1.194  1.00 13.67 ? 332 ILE A CD1 1 
ATOM   1119 N N   . ILE A 1 156 ? -8.228  -2.069  -4.218  1.00 13.56 ? 333 ILE A N   1 
ATOM   1120 C CA  . ILE A 1 156 ? -9.122  -2.755  -5.137  1.00 14.28 ? 333 ILE A CA  1 
ATOM   1121 C C   . ILE A 1 156 ? -8.526  -3.052  -6.508  1.00 13.82 ? 333 ILE A C   1 
ATOM   1122 O O   . ILE A 1 156 ? -8.072  -2.157  -7.224  1.00 11.47 ? 333 ILE A O   1 
ATOM   1123 C CB  . ILE A 1 156 ? -10.415 -1.941  -5.325  1.00 13.86 ? 333 ILE A CB  1 
ATOM   1124 C CG1 . ILE A 1 156 ? -11.097 -1.735  -3.969  1.00 17.59 ? 333 ILE A CG1 1 
ATOM   1125 C CG2 . ILE A 1 156 ? -11.359 -2.672  -6.274  1.00 12.31 ? 333 ILE A CG2 1 
ATOM   1126 C CD1 . ILE A 1 156 ? -12.344 -0.854  -4.044  1.00 18.70 ? 333 ILE A CD1 1 
ATOM   1127 N N   . ASP A 1 157 ? -8.537  -4.330  -6.858  1.00 14.29 ? 334 ASP A N   1 
ATOM   1128 C CA  . ASP A 1 157 ? -8.024  -4.799  -8.134  1.00 14.17 ? 334 ASP A CA  1 
ATOM   1129 C C   . ASP A 1 157 ? -6.566  -4.434  -8.399  1.00 13.08 ? 334 ASP A C   1 
ATOM   1130 O O   . ASP A 1 157 ? -6.265  -3.578  -9.243  1.00 12.55 ? 334 ASP A O   1 
ATOM   1131 C CB  . ASP A 1 157 ? -8.911  -4.295  -9.275  1.00 15.96 ? 334 ASP A CB  1 
ATOM   1132 C CG  . ASP A 1 157 ? -10.294 -4.931  -9.262  1.00 16.68 ? 334 ASP A CG  1 
ATOM   1133 O OD1 . ASP A 1 157 ? -10.559 -5.785  -8.388  1.00 17.51 ? 334 ASP A OD1 1 
ATOM   1134 O OD2 . ASP A 1 157 ? -11.118 -4.577  -10.127 1.00 17.94 ? 334 ASP A OD2 1 
ATOM   1135 N N   . GLY A 1 158 ? -5.668  -5.082  -7.663  1.00 13.72 ? 335 GLY A N   1 
ATOM   1136 C CA  . GLY A 1 158 ? -4.245  -4.863  -7.856  1.00 13.06 ? 335 GLY A CA  1 
ATOM   1137 C C   . GLY A 1 158 ? -3.894  -5.351  -9.254  1.00 13.53 ? 335 GLY A C   1 
ATOM   1138 O O   . GLY A 1 158 ? -4.477  -6.325  -9.728  1.00 12.84 ? 335 GLY A O   1 
ATOM   1139 N N   . VAL A 1 159 ? -2.943  -4.693  -9.907  1.00 11.79 ? 336 VAL A N   1 
ATOM   1140 C CA  . VAL A 1 159 ? -2.567  -5.055  -11.276 1.00 12.39 ? 336 VAL A CA  1 
ATOM   1141 C C   . VAL A 1 159 ? -1.446  -6.089  -11.387 1.00 14.05 ? 336 VAL A C   1 
ATOM   1142 O O   . VAL A 1 159 ? -0.939  -6.346  -12.481 1.00 15.11 ? 336 VAL A O   1 
ATOM   1143 C CB  . VAL A 1 159 ? -2.145  -3.794  -12.071 1.00 14.03 ? 336 VAL A CB  1 
ATOM   1144 C CG1 . VAL A 1 159 ? -3.184  -2.692  -11.892 1.00 15.56 ? 336 VAL A CG1 1 
ATOM   1145 C CG2 . VAL A 1 159 ? -0.768  -3.321  -11.608 1.00 12.88 ? 336 VAL A CG2 1 
ATOM   1146 N N   . GLY A 1 160 ? -1.073  -6.696  -10.266 1.00 14.19 ? 337 GLY A N   1 
ATOM   1147 C CA  . GLY A 1 160 ? 0.005   -7.670  -10.284 1.00 14.89 ? 337 GLY A CA  1 
ATOM   1148 C C   . GLY A 1 160 ? -0.182  -8.890  -11.177 1.00 14.52 ? 337 GLY A C   1 
ATOM   1149 O O   . GLY A 1 160 ? -1.302  -9.294  -11.474 1.00 15.83 ? 337 GLY A O   1 
ATOM   1150 N N   . GLU A 1 161 ? 0.929   -9.485  -11.598 1.00 14.20 ? 338 GLU A N   1 
ATOM   1151 C CA  . GLU A 1 161 ? 0.881   -10.674 -12.447 1.00 15.41 ? 338 GLU A CA  1 
ATOM   1152 C C   . GLU A 1 161 ? 0.182   -11.819 -11.719 1.00 15.43 ? 338 GLU A C   1 
ATOM   1153 O O   . GLU A 1 161 ? 0.479   -12.110 -10.551 1.00 15.10 ? 338 GLU A O   1 
ATOM   1154 C CB  . GLU A 1 161 ? 2.300   -11.095 -12.832 1.00 18.33 ? 338 GLU A CB  1 
ATOM   1155 C CG  . GLU A 1 161 ? 3.091   -9.982  -13.500 1.00 26.15 ? 338 GLU A CG  1 
ATOM   1156 C CD  . GLU A 1 161 ? 4.536   -10.356 -13.758 1.00 28.79 ? 338 GLU A CD  1 
ATOM   1157 O OE1 . GLU A 1 161 ? 5.307   -9.477  -14.196 1.00 33.03 ? 338 GLU A OE1 1 
ATOM   1158 O OE2 . GLU A 1 161 ? 4.900   -11.528 -13.527 1.00 32.74 ? 338 GLU A OE2 1 
ATOM   1159 N N   . GLU A 1 162 ? -0.748  -12.454 -12.423 1.00 13.72 ? 339 GLU A N   1 
ATOM   1160 C CA  . GLU A 1 162 ? -1.527  -13.570 -11.901 1.00 15.92 ? 339 GLU A CA  1 
ATOM   1161 C C   . GLU A 1 162 ? -0.633  -14.647 -11.285 1.00 14.17 ? 339 GLU A C   1 
ATOM   1162 O O   . GLU A 1 162 ? -0.867  -15.102 -10.157 1.00 12.87 ? 339 GLU A O   1 
ATOM   1163 C CB  . GLU A 1 162 ? -2.330  -14.218 -13.037 1.00 18.70 ? 339 GLU A CB  1 
ATOM   1164 C CG  . GLU A 1 162 ? -2.838  -13.268 -14.117 1.00 25.95 ? 339 GLU A CG  1 
ATOM   1165 C CD  . GLU A 1 162 ? -3.827  -12.277 -13.573 1.00 27.12 ? 339 GLU A CD  1 
ATOM   1166 O OE1 . GLU A 1 162 ? -4.311  -12.509 -12.450 1.00 29.05 ? 339 GLU A OE1 1 
ATOM   1167 O OE2 . GLU A 1 162 ? -4.129  -11.278 -14.263 1.00 26.95 ? 339 GLU A OE2 1 
ATOM   1168 N N   . ALA A 1 163 ? 0.375   -15.057 -12.051 1.00 16.43 ? 340 ALA A N   1 
ATOM   1169 C CA  . ALA A 1 163 ? 1.305   -16.100 -11.628 1.00 16.88 ? 340 ALA A CA  1 
ATOM   1170 C C   . ALA A 1 163 ? 2.129   -15.707 -10.412 1.00 15.58 ? 340 ALA A C   1 
ATOM   1171 O O   . ALA A 1 163 ? 2.436   -16.555 -9.573  1.00 15.53 ? 340 ALA A O   1 
ATOM   1172 C CB  . ALA A 1 163 ? 2.226   -16.463 -12.772 1.00 18.02 ? 340 ALA A CB  1 
ATOM   1173 N N   . ALA A 1 164 ? 2.490   -14.428 -10.332 1.00 14.39 ? 341 ALA A N   1 
ATOM   1174 C CA  . ALA A 1 164 ? 3.278   -13.919 -9.214  1.00 13.36 ? 341 ALA A CA  1 
ATOM   1175 C C   . ALA A 1 164 ? 2.431   -13.918 -7.954  1.00 11.13 ? 341 ALA A C   1 
ATOM   1176 O O   . ALA A 1 164 ? 2.905   -14.292 -6.882  1.00 12.61 ? 341 ALA A O   1 
ATOM   1177 C CB  . ALA A 1 164 ? 3.778   -12.506 -9.512  1.00 12.87 ? 341 ALA A CB  1 
ATOM   1178 N N   . ILE A 1 165 ? 1.176   -13.499 -8.082  1.00 10.37 ? 342 ILE A N   1 
ATOM   1179 C CA  . ILE A 1 165 ? 0.279   -13.478 -6.942  1.00 11.34 ? 342 ILE A CA  1 
ATOM   1180 C C   . ILE A 1 165 ? 0.035   -14.913 -6.484  1.00 9.61  ? 342 ILE A C   1 
ATOM   1181 O O   . ILE A 1 165 ? 0.015   -15.199 -5.289  1.00 11.18 ? 342 ILE A O   1 
ATOM   1182 C CB  . ILE A 1 165 ? -1.049  -12.784 -7.306  1.00 11.76 ? 342 ILE A CB  1 
ATOM   1183 C CG1 . ILE A 1 165 ? -0.768  -11.305 -7.595  1.00 13.53 ? 342 ILE A CG1 1 
ATOM   1184 C CG2 . ILE A 1 165 ? -2.060  -12.948 -6.174  1.00 12.35 ? 342 ILE A CG2 1 
ATOM   1185 C CD1 . ILE A 1 165 ? -1.956  -10.517 -8.090  1.00 11.49 ? 342 ILE A CD1 1 
ATOM   1186 N N   . GLN A 1 166 ? -0.112  -15.821 -7.443  1.00 11.95 ? 343 GLN A N   1 
ATOM   1187 C CA  . GLN A 1 166 ? -0.331  -17.216 -7.103  1.00 13.29 ? 343 GLN A CA  1 
ATOM   1188 C C   . GLN A 1 166 ? 0.886   -17.777 -6.387  1.00 13.12 ? 343 GLN A C   1 
ATOM   1189 O O   . GLN A 1 166 ? 0.751   -18.567 -5.451  1.00 12.39 ? 343 GLN A O   1 
ATOM   1190 C CB  . GLN A 1 166 ? -0.600  -18.035 -8.362  1.00 15.52 ? 343 GLN A CB  1 
ATOM   1191 C CG  . GLN A 1 166 ? -1.987  -17.859 -8.928  1.00 20.29 ? 343 GLN A CG  1 
ATOM   1192 C CD  . GLN A 1 166 ? -3.006  -18.714 -8.213  1.00 26.55 ? 343 GLN A CD  1 
ATOM   1193 O OE1 . GLN A 1 166 ? -3.328  -18.475 -7.046  1.00 32.49 ? 343 GLN A OE1 1 
ATOM   1194 N NE2 . GLN A 1 166 ? -3.515  -19.731 -8.907  1.00 20.83 ? 343 GLN A NE2 1 
ATOM   1195 N N   . GLY A 1 167 ? 2.068   -17.368 -6.836  1.00 11.70 ? 344 GLY A N   1 
ATOM   1196 C CA  . GLY A 1 167 ? 3.301   -17.845 -6.229  1.00 14.81 ? 344 GLY A CA  1 
ATOM   1197 C C   . GLY A 1 167 ? 3.421   -17.423 -4.780  1.00 13.69 ? 344 GLY A C   1 
ATOM   1198 O O   . GLY A 1 167 ? 3.844   -18.208 -3.920  1.00 13.51 ? 344 GLY A O   1 
ATOM   1199 N N   . ARG A 1 168 ? 3.035   -16.179 -4.508  1.00 14.62 ? 345 ARG A N   1 
ATOM   1200 C CA  . ARG A 1 168 ? 3.079   -15.624 -3.161  1.00 15.67 ? 345 ARG A CA  1 
ATOM   1201 C C   . ARG A 1 168 ? 2.085   -16.393 -2.291  1.00 16.01 ? 345 ARG A C   1 
ATOM   1202 O O   . ARG A 1 168 ? 2.381   -16.749 -1.149  1.00 16.52 ? 345 ARG A O   1 
ATOM   1203 C CB  . ARG A 1 168 ? 2.697   -14.133 -3.191  1.00 18.05 ? 345 ARG A CB  1 
ATOM   1204 C CG  . ARG A 1 168 ? 3.546   -13.194 -2.317  1.00 21.75 ? 345 ARG A CG  1 
ATOM   1205 C CD  . ARG A 1 168 ? 3.911   -13.812 -0.981  1.00 20.54 ? 345 ARG A CD  1 
ATOM   1206 N NE  . ARG A 1 168 ? 4.230   -12.830 0.059   1.00 16.52 ? 345 ARG A NE  1 
ATOM   1207 C CZ  . ARG A 1 168 ? 5.450   -12.608 0.552   1.00 18.51 ? 345 ARG A CZ  1 
ATOM   1208 N NH1 . ARG A 1 168 ? 6.501   -13.282 0.098   1.00 18.41 ? 345 ARG A NH1 1 
ATOM   1209 N NH2 . ARG A 1 168 ? 5.610   -11.756 1.558   1.00 14.72 ? 345 ARG A NH2 1 
ATOM   1210 N N   . VAL A 1 169 ? 0.897   -16.657 -2.825  1.00 16.23 ? 346 VAL A N   1 
ATOM   1211 C CA  . VAL A 1 169 ? -0.105  -17.394 -2.072  1.00 14.45 ? 346 VAL A CA  1 
ATOM   1212 C C   . VAL A 1 169 ? 0.393   -18.817 -1.788  1.00 15.48 ? 346 VAL A C   1 
ATOM   1213 O O   . VAL A 1 169 ? 0.179   -19.355 -0.698  1.00 14.33 ? 346 VAL A O   1 
ATOM   1214 C CB  . VAL A 1 169 ? -1.456  -17.445 -2.832  1.00 15.21 ? 346 VAL A CB  1 
ATOM   1215 C CG1 . VAL A 1 169 ? -2.390  -18.426 -2.157  1.00 15.03 ? 346 VAL A CG1 1 
ATOM   1216 C CG2 . VAL A 1 169 ? -2.088  -16.057 -2.859  1.00 13.88 ? 346 VAL A CG2 1 
ATOM   1217 N N   . ALA A 1 170 ? 1.072   -19.413 -2.764  1.00 15.14 ? 347 ALA A N   1 
ATOM   1218 C CA  . ALA A 1 170 ? 1.604   -20.767 -2.599  1.00 17.20 ? 347 ALA A CA  1 
ATOM   1219 C C   . ALA A 1 170 ? 2.629   -20.794 -1.465  1.00 18.77 ? 347 ALA A C   1 
ATOM   1220 O O   . ALA A 1 170 ? 2.680   -21.749 -0.684  1.00 18.75 ? 347 ALA A O   1 
ATOM   1221 C CB  . ALA A 1 170 ? 2.248   -21.238 -3.895  1.00 17.04 ? 347 ALA A CB  1 
ATOM   1222 N N   . GLN A 1 171 ? 3.441   -19.744 -1.385  1.00 20.31 ? 348 GLN A N   1 
ATOM   1223 C CA  . GLN A 1 171 ? 4.465   -19.641 -0.348  1.00 22.14 ? 348 GLN A CA  1 
ATOM   1224 C C   . GLN A 1 171 ? 3.799   -19.635 1.016   1.00 21.28 ? 348 GLN A C   1 
ATOM   1225 O O   . GLN A 1 171 ? 4.234   -20.320 1.942   1.00 22.27 ? 348 GLN A O   1 
ATOM   1226 C CB  . GLN A 1 171 ? 5.285   -18.357 -0.509  1.00 25.70 ? 348 GLN A CB  1 
ATOM   1227 C CG  . GLN A 1 171 ? 6.161   -18.299 -1.748  1.00 30.55 ? 348 GLN A CG  1 
ATOM   1228 C CD  . GLN A 1 171 ? 7.037   -17.057 -1.786  1.00 34.56 ? 348 GLN A CD  1 
ATOM   1229 O OE1 . GLN A 1 171 ? 6.540   -15.930 -1.749  1.00 34.97 ? 348 GLN A OE1 1 
ATOM   1230 N NE2 . GLN A 1 171 ? 8.350   -17.260 -1.858  1.00 36.11 ? 348 GLN A NE2 1 
ATOM   1231 N N   . ILE A 1 172 ? 2.735   -18.854 1.136   1.00 19.83 ? 349 ILE A N   1 
ATOM   1232 C CA  . ILE A 1 172 ? 2.016   -18.760 2.393   1.00 18.02 ? 349 ILE A CA  1 
ATOM   1233 C C   . ILE A 1 172 ? 1.370   -20.088 2.782   1.00 18.05 ? 349 ILE A C   1 
ATOM   1234 O O   . ILE A 1 172 ? 1.337   -20.435 3.963   1.00 18.54 ? 349 ILE A O   1 
ATOM   1235 C CB  . ILE A 1 172 ? 0.942   -17.663 2.320   1.00 16.10 ? 349 ILE A CB  1 
ATOM   1236 C CG1 . ILE A 1 172 ? 1.609   -16.323 1.995   1.00 16.10 ? 349 ILE A CG1 1 
ATOM   1237 C CG2 . ILE A 1 172 ? 0.195   -17.586 3.627   1.00 17.11 ? 349 ILE A CG2 1 
ATOM   1238 C CD1 . ILE A 1 172 ? 0.635   -15.188 1.713   1.00 15.76 ? 349 ILE A CD1 1 
ATOM   1239 N N   . ARG A 1 173 ? 0.861   -20.827 1.795   1.00 18.56 ? 350 ARG A N   1 
ATOM   1240 C CA  . ARG A 1 173 ? 0.231   -22.119 2.060   1.00 19.17 ? 350 ARG A CA  1 
ATOM   1241 C C   . ARG A 1 173 ? 1.255   -23.085 2.651   1.00 19.82 ? 350 ARG A C   1 
ATOM   1242 O O   . ARG A 1 173 ? 0.929   -23.891 3.525   1.00 20.77 ? 350 ARG A O   1 
ATOM   1243 C CB  . ARG A 1 173 ? -0.349  -22.733 0.780   1.00 19.49 ? 350 ARG A CB  1 
ATOM   1244 C CG  . ARG A 1 173 ? -1.516  -21.974 0.174   1.00 18.56 ? 350 ARG A CG  1 
ATOM   1245 C CD  . ARG A 1 173 ? -2.435  -22.927 -0.592  1.00 19.03 ? 350 ARG A CD  1 
ATOM   1246 N NE  . ARG A 1 173 ? -3.506  -22.214 -1.286  1.00 17.06 ? 350 ARG A NE  1 
ATOM   1247 C CZ  . ARG A 1 173 ? -3.381  -21.696 -2.503  1.00 17.88 ? 350 ARG A CZ  1 
ATOM   1248 N NH1 . ARG A 1 173 ? -2.232  -21.821 -3.163  1.00 19.05 ? 350 ARG A NH1 1 
ATOM   1249 N NH2 . ARG A 1 173 ? -4.396  -21.046 -3.056  1.00 18.08 ? 350 ARG A NH2 1 
ATOM   1250 N N   . GLN A 1 174 ? 2.484   -23.005 2.157   1.00 21.24 ? 351 GLN A N   1 
ATOM   1251 C CA  . GLN A 1 174 ? 3.562   -23.856 2.647   1.00 23.57 ? 351 GLN A CA  1 
ATOM   1252 C C   . GLN A 1 174 ? 3.884   -23.459 4.084   1.00 24.21 ? 351 GLN A C   1 
ATOM   1253 O O   . GLN A 1 174 ? 4.059   -24.318 4.950   1.00 23.39 ? 351 GLN A O   1 
ATOM   1254 C CB  . GLN A 1 174 ? 4.808   -23.694 1.773   1.00 26.13 ? 351 GLN A CB  1 
ATOM   1255 C CG  . GLN A 1 174 ? 6.022   -24.456 2.277   1.00 30.56 ? 351 GLN A CG  1 
ATOM   1256 C CD  . GLN A 1 174 ? 5.811   -25.959 2.309   1.00 32.20 ? 351 GLN A CD  1 
ATOM   1257 O OE1 . GLN A 1 174 ? 6.610   -26.691 2.897   1.00 36.23 ? 351 GLN A OE1 1 
ATOM   1258 N NE2 . GLN A 1 174 ? 4.744   -26.429 1.668   1.00 33.62 ? 351 GLN A NE2 1 
ATOM   1259 N N   . GLN A 1 175 ? 3.961   -22.152 4.330   1.00 23.35 ? 352 GLN A N   1 
ATOM   1260 C CA  . GLN A 1 175 ? 4.248   -21.652 5.668   1.00 24.00 ? 352 GLN A CA  1 
ATOM   1261 C C   . GLN A 1 175 ? 3.185   -22.148 6.641   1.00 24.09 ? 352 GLN A C   1 
ATOM   1262 O O   . GLN A 1 175 ? 3.487   -22.471 7.788   1.00 26.29 ? 352 GLN A O   1 
ATOM   1263 C CB  . GLN A 1 175 ? 4.291   -20.120 5.678   1.00 23.33 ? 352 GLN A CB  1 
ATOM   1264 C CG  . GLN A 1 175 ? 5.430   -19.531 4.859   1.00 25.64 ? 352 GLN A CG  1 
ATOM   1265 C CD  . GLN A 1 175 ? 5.479   -18.015 4.917   1.00 27.54 ? 352 GLN A CD  1 
ATOM   1266 O OE1 . GLN A 1 175 ? 5.777   -17.429 5.959   1.00 29.12 ? 352 GLN A OE1 1 
ATOM   1267 N NE2 . GLN A 1 175 ? 5.184   -17.371 3.795   1.00 28.07 ? 352 GLN A NE2 1 
ATOM   1268 N N   . ILE A 1 176 ? 1.939   -22.210 6.179   1.00 24.29 ? 353 ILE A N   1 
ATOM   1269 C CA  . ILE A 1 176 ? 0.844   -22.680 7.019   1.00 24.73 ? 353 ILE A CA  1 
ATOM   1270 C C   . ILE A 1 176 ? 1.079   -24.142 7.390   1.00 26.04 ? 353 ILE A C   1 
ATOM   1271 O O   . ILE A 1 176 ? 0.859   -24.543 8.532   1.00 25.31 ? 353 ILE A O   1 
ATOM   1272 C CB  . ILE A 1 176 ? -0.521  -22.547 6.298   1.00 23.63 ? 353 ILE A CB  1 
ATOM   1273 C CG1 . ILE A 1 176 ? -0.881  -21.067 6.141   1.00 22.43 ? 353 ILE A CG1 1 
ATOM   1274 C CG2 . ILE A 1 176 ? -1.601  -23.273 7.083   1.00 25.15 ? 353 ILE A CG2 1 
ATOM   1275 C CD1 . ILE A 1 176 ? -2.165  -20.821 5.368   1.00 24.03 ? 353 ILE A CD1 1 
ATOM   1276 N N   . GLU A 1 177 ? 1.530   -24.930 6.421   1.00 28.11 ? 354 GLU A N   1 
ATOM   1277 C CA  . GLU A 1 177 ? 1.805   -26.343 6.662   1.00 31.61 ? 354 GLU A CA  1 
ATOM   1278 C C   . GLU A 1 177 ? 2.977   -26.507 7.623   1.00 32.51 ? 354 GLU A C   1 
ATOM   1279 O O   . GLU A 1 177 ? 3.018   -27.455 8.408   1.00 33.29 ? 354 GLU A O   1 
ATOM   1280 C CB  . GLU A 1 177 ? 2.117   -27.058 5.346   1.00 33.17 ? 354 GLU A CB  1 
ATOM   1281 C CG  . GLU A 1 177 ? 0.912   -27.211 4.441   1.00 35.20 ? 354 GLU A CG  1 
ATOM   1282 C CD  . GLU A 1 177 ? -0.279  -27.793 5.177   1.00 37.75 ? 354 GLU A CD  1 
ATOM   1283 O OE1 . GLU A 1 177 ? -0.137  -28.885 5.772   1.00 37.29 ? 354 GLU A OE1 1 
ATOM   1284 O OE2 . GLU A 1 177 ? -1.356  -27.156 5.165   1.00 37.85 ? 354 GLU A OE2 1 
ATOM   1285 N N   . GLU A 1 178 ? 3.925   -25.578 7.556   1.00 32.34 ? 355 GLU A N   1 
ATOM   1286 C CA  . GLU A 1 178 ? 5.107   -25.611 8.409   1.00 33.40 ? 355 GLU A CA  1 
ATOM   1287 C C   . GLU A 1 178 ? 4.889   -24.925 9.750   1.00 33.39 ? 355 GLU A C   1 
ATOM   1288 O O   . GLU A 1 178 ? 5.704   -25.067 10.663  1.00 33.28 ? 355 GLU A O   1 
ATOM   1289 C CB  . GLU A 1 178 ? 6.289   -24.949 7.700   1.00 34.09 ? 355 GLU A CB  1 
ATOM   1290 C CG  . GLU A 1 178 ? 6.895   -25.761 6.571   1.00 35.08 ? 355 GLU A CG  1 
ATOM   1291 C CD  . GLU A 1 178 ? 8.029   -25.024 5.885   1.00 35.62 ? 355 GLU A CD  1 
ATOM   1292 O OE1 . GLU A 1 178 ? 8.880   -24.449 6.598   1.00 36.85 ? 355 GLU A OE1 1 
ATOM   1293 O OE2 . GLU A 1 178 ? 8.073   -25.022 4.636   1.00 37.42 ? 355 GLU A OE2 1 
ATOM   1294 N N   . ALA A 1 179 ? 3.796   -24.174 9.867   1.00 33.60 ? 356 ALA A N   1 
ATOM   1295 C CA  . ALA A 1 179 ? 3.492   -23.471 11.106  1.00 33.14 ? 356 ALA A CA  1 
ATOM   1296 C C   . ALA A 1 179 ? 3.445   -24.463 12.256  1.00 32.97 ? 356 ALA A C   1 
ATOM   1297 O O   . ALA A 1 179 ? 3.055   -25.617 12.076  1.00 32.70 ? 356 ALA A O   1 
ATOM   1298 C CB  . ALA A 1 179 ? 2.161   -22.743 10.988  1.00 33.42 ? 356 ALA A CB  1 
ATOM   1299 N N   . THR A 1 180 ? 3.839   -24.007 13.440  1.00 32.12 ? 357 THR A N   1 
ATOM   1300 C CA  . THR A 1 180 ? 3.844   -24.865 14.617  1.00 31.10 ? 357 THR A CA  1 
ATOM   1301 C C   . THR A 1 180 ? 2.839   -24.398 15.659  1.00 29.53 ? 357 THR A C   1 
ATOM   1302 O O   . THR A 1 180 ? 2.860   -24.859 16.801  1.00 30.11 ? 357 THR A O   1 
ATOM   1303 C CB  . THR A 1 180 ? 5.235   -24.902 15.264  1.00 31.80 ? 357 THR A CB  1 
ATOM   1304 O OG1 . THR A 1 180 ? 5.619   -23.577 15.650  1.00 33.78 ? 357 THR A OG1 1 
ATOM   1305 C CG2 . THR A 1 180 ? 6.257   -25.462 14.287  1.00 33.23 ? 357 THR A CG2 1 
ATOM   1306 N N   . SER A 1 181 ? 1.968   -23.476 15.265  1.00 28.88 ? 358 SER A N   1 
ATOM   1307 C CA  . SER A 1 181 ? 0.944   -22.965 16.169  1.00 26.56 ? 358 SER A CA  1 
ATOM   1308 C C   . SER A 1 181 ? -0.270  -22.505 15.381  1.00 27.33 ? 358 SER A C   1 
ATOM   1309 O O   . SER A 1 181 ? -0.155  -22.074 14.230  1.00 25.63 ? 358 SER A O   1 
ATOM   1310 C CB  . SER A 1 181 ? 1.480   -21.798 17.002  1.00 26.81 ? 358 SER A CB  1 
ATOM   1311 O OG  . SER A 1 181 ? 1.331   -20.560 16.324  1.00 24.99 ? 358 SER A OG  1 
ATOM   1312 N N   . ASP A 1 182 ? -1.436  -22.593 16.008  1.00 25.70 ? 359 ASP A N   1 
ATOM   1313 C CA  . ASP A 1 182 ? -2.676  -22.185 15.369  1.00 26.42 ? 359 ASP A CA  1 
ATOM   1314 C C   . ASP A 1 182 ? -2.678  -20.682 15.120  1.00 25.91 ? 359 ASP A C   1 
ATOM   1315 O O   . ASP A 1 182 ? -3.210  -20.201 14.114  1.00 26.17 ? 359 ASP A O   1 
ATOM   1316 C CB  . ASP A 1 182 ? -3.865  -22.555 16.251  1.00 25.87 ? 359 ASP A CB  1 
ATOM   1317 C CG  . ASP A 1 182 ? -5.188  -22.255 15.591  1.00 27.12 ? 359 ASP A CG  1 
ATOM   1318 O OD1 . ASP A 1 182 ? -5.471  -22.855 14.532  1.00 26.96 ? 359 ASP A OD1 1 
ATOM   1319 O OD2 . ASP A 1 182 ? -5.941  -21.415 16.126  1.00 26.56 ? 359 ASP A OD2 1 
ATOM   1320 N N   . TYR A 1 183 ? -2.084  -19.944 16.051  1.00 24.70 ? 360 TYR A N   1 
ATOM   1321 C CA  . TYR A 1 183 ? -2.016  -18.496 15.942  1.00 23.80 ? 360 TYR A CA  1 
ATOM   1322 C C   . TYR A 1 183 ? -1.301  -18.114 14.662  1.00 23.62 ? 360 TYR A C   1 
ATOM   1323 O O   . TYR A 1 183 ? -1.791  -17.290 13.890  1.00 24.80 ? 360 TYR A O   1 
ATOM   1324 C CB  . TYR A 1 183 ? -1.256  -17.906 17.135  1.00 23.75 ? 360 TYR A CB  1 
ATOM   1325 C CG  . TYR A 1 183 ? -1.302  -16.392 17.208  1.00 23.92 ? 360 TYR A CG  1 
ATOM   1326 C CD1 . TYR A 1 183 ? -2.468  -15.732 17.584  1.00 24.02 ? 360 TYR A CD1 1 
ATOM   1327 C CD2 . TYR A 1 183 ? -0.175  -15.626 16.920  1.00 24.56 ? 360 TYR A CD2 1 
ATOM   1328 C CE1 . TYR A 1 183 ? -2.515  -14.342 17.680  1.00 26.16 ? 360 TYR A CE1 1 
ATOM   1329 C CE2 . TYR A 1 183 ? -0.211  -14.228 17.008  1.00 24.15 ? 360 TYR A CE2 1 
ATOM   1330 C CZ  . TYR A 1 183 ? -1.385  -13.597 17.393  1.00 24.83 ? 360 TYR A CZ  1 
ATOM   1331 O OH  . TYR A 1 183 ? -1.435  -12.223 17.518  1.00 27.32 ? 360 TYR A OH  1 
ATOM   1332 N N   . ASP A 1 184 ? -0.135  -18.711 14.439  1.00 25.21 ? 361 ASP A N   1 
ATOM   1333 C CA  . ASP A 1 184 ? 0.633   -18.405 13.246  1.00 24.10 ? 361 ASP A CA  1 
ATOM   1334 C C   . ASP A 1 184 ? -0.117  -18.817 11.984  1.00 24.13 ? 361 ASP A C   1 
ATOM   1335 O O   . ASP A 1 184 ? -0.094  -18.097 10.984  1.00 22.13 ? 361 ASP A O   1 
ATOM   1336 C CB  . ASP A 1 184 ? 2.008   -19.077 13.305  1.00 26.64 ? 361 ASP A CB  1 
ATOM   1337 C CG  . ASP A 1 184 ? 2.846   -18.585 14.476  1.00 28.72 ? 361 ASP A CG  1 
ATOM   1338 O OD1 . ASP A 1 184 ? 2.823   -17.367 14.751  1.00 29.68 ? 361 ASP A OD1 1 
ATOM   1339 O OD2 . ASP A 1 184 ? 3.533   -19.408 15.114  1.00 31.68 ? 361 ASP A OD2 1 
ATOM   1340 N N   . ARG A 1 185 ? -0.786  -19.967 12.028  1.00 22.66 ? 362 ARG A N   1 
ATOM   1341 C CA  . ARG A 1 185 ? -1.544  -20.438 10.871  1.00 23.61 ? 362 ARG A CA  1 
ATOM   1342 C C   . ARG A 1 185 ? -2.685  -19.483 10.507  1.00 23.25 ? 362 ARG A C   1 
ATOM   1343 O O   . ARG A 1 185 ? -2.891  -19.164 9.329   1.00 25.31 ? 362 ARG A O   1 
ATOM   1344 C CB  . ARG A 1 185 ? -2.111  -21.840 11.134  1.00 23.98 ? 362 ARG A CB  1 
ATOM   1345 C CG  . ARG A 1 185 ? -1.154  -22.967 10.782  1.00 26.54 ? 362 ARG A CG  1 
ATOM   1346 C CD  . ARG A 1 185 ? -1.841  -24.328 10.862  1.00 29.67 ? 362 ARG A CD  1 
ATOM   1347 N NE  . ARG A 1 185 ? -1.896  -24.851 12.225  1.00 32.63 ? 362 ARG A NE  1 
ATOM   1348 C CZ  . ARG A 1 185 ? -0.857  -25.386 12.863  1.00 32.28 ? 362 ARG A CZ  1 
ATOM   1349 N NH1 . ARG A 1 185 ? 0.322   -25.471 12.260  1.00 34.79 ? 362 ARG A NH1 1 
ATOM   1350 N NH2 . ARG A 1 185 ? -0.998  -25.841 14.098  1.00 32.00 ? 362 ARG A NH2 1 
ATOM   1351 N N   . GLU A 1 186 ? -3.416  -19.025 11.517  1.00 23.24 ? 363 GLU A N   1 
ATOM   1352 C CA  . GLU A 1 186 ? -4.532  -18.103 11.320  1.00 23.65 ? 363 GLU A CA  1 
ATOM   1353 C C   . GLU A 1 186 ? -4.066  -16.763 10.751  1.00 22.08 ? 363 GLU A C   1 
ATOM   1354 O O   . GLU A 1 186 ? -4.745  -16.165 9.913   1.00 20.98 ? 363 GLU A O   1 
ATOM   1355 C CB  . GLU A 1 186 ? -5.262  -17.874 12.648  1.00 27.36 ? 363 GLU A CB  1 
ATOM   1356 C CG  . GLU A 1 186 ? -6.341  -16.797 12.615  1.00 31.41 ? 363 GLU A CG  1 
ATOM   1357 C CD  . GLU A 1 186 ? -7.505  -17.140 11.701  1.00 34.95 ? 363 GLU A CD  1 
ATOM   1358 O OE1 . GLU A 1 186 ? -8.101  -18.225 11.876  1.00 36.40 ? 363 GLU A OE1 1 
ATOM   1359 O OE2 . GLU A 1 186 ? -7.827  -16.322 10.810  1.00 37.44 ? 363 GLU A OE2 1 
ATOM   1360 N N   . LYS A 1 187 ? -2.918  -16.285 11.220  1.00 19.94 ? 364 LYS A N   1 
ATOM   1361 C CA  . LYS A 1 187 ? -2.373  -15.016 10.735  1.00 19.22 ? 364 LYS A CA  1 
ATOM   1362 C C   . LYS A 1 187 ? -1.941  -15.171 9.281   1.00 17.55 ? 364 LYS A C   1 
ATOM   1363 O O   . LYS A 1 187 ? -2.050  -14.240 8.482   1.00 15.71 ? 364 LYS A O   1 
ATOM   1364 C CB  . LYS A 1 187 ? -1.184  -14.588 11.600  1.00 19.79 ? 364 LYS A CB  1 
ATOM   1365 C CG  . LYS A 1 187 ? -1.584  -14.084 12.975  1.00 22.11 ? 364 LYS A CG  1 
ATOM   1366 C CD  . LYS A 1 187 ? -2.350  -12.771 12.860  1.00 24.72 ? 364 LYS A CD  1 
ATOM   1367 C CE  . LYS A 1 187 ? -2.816  -12.264 14.214  1.00 26.78 ? 364 LYS A CE  1 
ATOM   1368 N NZ  . LYS A 1 187 ? -3.568  -10.985 14.083  1.00 29.66 ? 364 LYS A NZ  1 
ATOM   1369 N N   . LEU A 1 188 ? -1.444  -16.356 8.943   1.00 17.64 ? 365 LEU A N   1 
ATOM   1370 C CA  . LEU A 1 188 ? -1.017  -16.651 7.579   1.00 16.55 ? 365 LEU A CA  1 
ATOM   1371 C C   . LEU A 1 188 ? -2.249  -16.741 6.680   1.00 16.80 ? 365 LEU A C   1 
ATOM   1372 O O   . LEU A 1 188 ? -2.266  -16.197 5.572   1.00 13.50 ? 365 LEU A O   1 
ATOM   1373 C CB  . LEU A 1 188 ? -0.245  -17.970 7.556   1.00 17.08 ? 365 LEU A CB  1 
ATOM   1374 C CG  . LEU A 1 188 ? 1.182   -17.898 8.107   1.00 16.67 ? 365 LEU A CG  1 
ATOM   1375 C CD1 . LEU A 1 188 ? 1.665   -19.285 8.538   1.00 18.06 ? 365 LEU A CD1 1 
ATOM   1376 C CD2 . LEU A 1 188 ? 2.090   -17.312 7.051   1.00 18.66 ? 365 LEU A CD2 1 
ATOM   1377 N N   . GLN A 1 189 ? -3.276  -17.429 7.161   1.00 15.57 ? 366 GLN A N   1 
ATOM   1378 C CA  . GLN A 1 189 ? -4.511  -17.574 6.401   1.00 16.30 ? 366 GLN A CA  1 
ATOM   1379 C C   . GLN A 1 189 ? -5.121  -16.196 6.145   1.00 17.49 ? 366 GLN A C   1 
ATOM   1380 O O   . GLN A 1 189 ? -5.704  -15.947 5.090   1.00 14.66 ? 366 GLN A O   1 
ATOM   1381 C CB  . GLN A 1 189 ? -5.504  -18.451 7.170   1.00 16.20 ? 366 GLN A CB  1 
ATOM   1382 C CG  . GLN A 1 189 ? -6.817  -18.723 6.449   1.00 19.10 ? 366 GLN A CG  1 
ATOM   1383 C CD  . GLN A 1 189 ? -6.622  -19.442 5.127   1.00 17.14 ? 366 GLN A CD  1 
ATOM   1384 O OE1 . GLN A 1 189 ? -5.752  -20.299 4.997   1.00 19.10 ? 366 GLN A OE1 1 
ATOM   1385 N NE2 . GLN A 1 189 ? -7.445  -19.103 4.138   1.00 19.67 ? 366 GLN A NE2 1 
ATOM   1386 N N   . GLU A 1 190 ? -4.980  -15.297 7.111   1.00 15.64 ? 367 GLU A N   1 
ATOM   1387 C CA  . GLU A 1 190 ? -5.514  -13.953 6.962   1.00 17.24 ? 367 GLU A CA  1 
ATOM   1388 C C   . GLU A 1 190 ? -4.833  -13.248 5.792   1.00 15.25 ? 367 GLU A C   1 
ATOM   1389 O O   . GLU A 1 190 ? -5.464  -12.478 5.073   1.00 14.04 ? 367 GLU A O   1 
ATOM   1390 C CB  . GLU A 1 190 ? -5.305  -13.163 8.250   1.00 18.28 ? 367 GLU A CB  1 
ATOM   1391 C CG  . GLU A 1 190 ? -5.784  -11.727 8.186   1.00 24.64 ? 367 GLU A CG  1 
ATOM   1392 C CD  . GLU A 1 190 ? -5.571  -11.003 9.498   1.00 27.23 ? 367 GLU A CD  1 
ATOM   1393 O OE1 . GLU A 1 190 ? -6.333  -11.270 10.454  1.00 31.35 ? 367 GLU A OE1 1 
ATOM   1394 O OE2 . GLU A 1 190 ? -4.635  -10.179 9.576   1.00 29.63 ? 367 GLU A OE2 1 
ATOM   1395 N N   . ARG A 1 191 ? -3.547  -13.524 5.601   1.00 15.62 ? 368 ARG A N   1 
ATOM   1396 C CA  . ARG A 1 191 ? -2.815  -12.924 4.494   1.00 14.11 ? 368 ARG A CA  1 
ATOM   1397 C C   . ARG A 1 191 ? -3.326  -13.495 3.172   1.00 12.29 ? 368 ARG A C   1 
ATOM   1398 O O   . ARG A 1 191 ? -3.344  -12.797 2.152   1.00 11.59 ? 368 ARG A O   1 
ATOM   1399 C CB  . ARG A 1 191 ? -1.308  -13.184 4.624   1.00 14.66 ? 368 ARG A CB  1 
ATOM   1400 C CG  . ARG A 1 191 ? -0.602  -12.294 5.643   1.00 17.69 ? 368 ARG A CG  1 
ATOM   1401 C CD  . ARG A 1 191 ? 0.851   -12.068 5.226   1.00 24.15 ? 368 ARG A CD  1 
ATOM   1402 N NE  . ARG A 1 191 ? 1.733   -13.158 5.606   1.00 26.86 ? 368 ARG A NE  1 
ATOM   1403 C CZ  . ARG A 1 191 ? 2.788   -13.561 4.901   1.00 24.28 ? 368 ARG A CZ  1 
ATOM   1404 N NH1 . ARG A 1 191 ? 3.107   -12.978 3.752   1.00 21.86 ? 368 ARG A NH1 1 
ATOM   1405 N NH2 . ARG A 1 191 ? 3.537   -14.548 5.361   1.00 23.72 ? 368 ARG A NH2 1 
ATOM   1406 N N   . VAL A 1 192 ? -3.727  -14.764 3.177   1.00 12.46 ? 369 VAL A N   1 
ATOM   1407 C CA  . VAL A 1 192 ? -4.248  -15.362 1.949   1.00 11.67 ? 369 VAL A CA  1 
ATOM   1408 C C   . VAL A 1 192 ? -5.561  -14.687 1.599   1.00 12.64 ? 369 VAL A C   1 
ATOM   1409 O O   . VAL A 1 192 ? -5.810  -14.363 0.435   1.00 13.93 ? 369 VAL A O   1 
ATOM   1410 C CB  . VAL A 1 192 ? -4.483  -16.882 2.100   1.00 11.88 ? 369 VAL A CB  1 
ATOM   1411 C CG1 . VAL A 1 192 ? -5.287  -17.421 0.903   1.00 9.08  ? 369 VAL A CG1 1 
ATOM   1412 C CG2 . VAL A 1 192 ? -3.139  -17.598 2.185   1.00 11.46 ? 369 VAL A CG2 1 
ATOM   1413 N N   . ALA A 1 193 ? -6.394  -14.460 2.612   1.00 13.41 ? 370 ALA A N   1 
ATOM   1414 C CA  . ALA A 1 193 ? -7.689  -13.828 2.399   1.00 13.26 ? 370 ALA A CA  1 
ATOM   1415 C C   . ALA A 1 193 ? -7.516  -12.407 1.878   1.00 15.00 ? 370 ALA A C   1 
ATOM   1416 O O   . ALA A 1 193 ? -8.276  -11.962 1.024   1.00 13.89 ? 370 ALA A O   1 
ATOM   1417 C CB  . ALA A 1 193 ? -8.503  -13.827 3.691   1.00 14.58 ? 370 ALA A CB  1 
ATOM   1418 N N   . LYS A 1 194 ? -6.513  -11.704 2.397   1.00 14.64 ? 371 LYS A N   1 
ATOM   1419 C CA  . LYS A 1 194 ? -6.235  -10.336 1.968   1.00 13.61 ? 371 LYS A CA  1 
ATOM   1420 C C   . LYS A 1 194 ? -5.839  -10.315 0.500   1.00 12.53 ? 371 LYS A C   1 
ATOM   1421 O O   . LYS A 1 194 ? -6.339  -9.499  -0.275  1.00 12.17 ? 371 LYS A O   1 
ATOM   1422 C CB  . LYS A 1 194 ? -5.116  -9.736  2.818   1.00 16.18 ? 371 LYS A CB  1 
ATOM   1423 C CG  . LYS A 1 194 ? -5.535  -9.380  4.237   1.00 17.59 ? 371 LYS A CG  1 
ATOM   1424 C CD  . LYS A 1 194 ? -4.313  -9.216  5.132   1.00 20.37 ? 371 LYS A CD  1 
ATOM   1425 C CE  . LYS A 1 194 ? -4.668  -8.572  6.452   1.00 21.27 ? 371 LYS A CE  1 
ATOM   1426 N NZ  . LYS A 1 194 ? -4.972  -7.125  6.276   1.00 21.73 ? 371 LYS A NZ  1 
ATOM   1427 N N   . LEU A 1 195 ? -4.924  -11.204 0.122   1.00 12.41 ? 372 LEU A N   1 
ATOM   1428 C CA  . LEU A 1 195 ? -4.491  -11.288 -1.265  1.00 14.38 ? 372 LEU A CA  1 
ATOM   1429 C C   . LEU A 1 195 ? -5.666  -11.646 -2.170  1.00 14.52 ? 372 LEU A C   1 
ATOM   1430 O O   . LEU A 1 195 ? -5.860  -11.032 -3.219  1.00 12.70 ? 372 LEU A O   1 
ATOM   1431 C CB  . LEU A 1 195 ? -3.381  -12.335 -1.396  1.00 12.84 ? 372 LEU A CB  1 
ATOM   1432 C CG  . LEU A 1 195 ? -1.989  -11.800 -1.036  1.00 13.09 ? 372 LEU A CG  1 
ATOM   1433 C CD1 . LEU A 1 195 ? -1.037  -12.927 -0.713  1.00 13.42 ? 372 LEU A CD1 1 
ATOM   1434 C CD2 . LEU A 1 195 ? -1.471  -10.968 -2.211  1.00 15.33 ? 372 LEU A CD2 1 
ATOM   1435 N N   . ALA A 1 196 ? -6.459  -12.627 -1.752  1.00 13.40 ? 373 ALA A N   1 
ATOM   1436 C CA  . ALA A 1 196 ? -7.608  -13.060 -2.549  1.00 14.71 ? 373 ALA A CA  1 
ATOM   1437 C C   . ALA A 1 196 ? -8.611  -11.925 -2.783  1.00 14.88 ? 373 ALA A C   1 
ATOM   1438 O O   . ALA A 1 196 ? -9.258  -11.852 -3.832  1.00 15.82 ? 373 ALA A O   1 
ATOM   1439 C CB  . ALA A 1 196 ? -8.306  -14.237 -1.860  1.00 13.36 ? 373 ALA A CB  1 
ATOM   1440 N N   . GLY A 1 197 ? -8.735  -11.033 -1.808  1.00 14.36 ? 374 GLY A N   1 
ATOM   1441 C CA  . GLY A 1 197 ? -9.680  -9.942  -1.951  1.00 14.36 ? 374 GLY A CA  1 
ATOM   1442 C C   . GLY A 1 197 ? -9.204  -8.862  -2.900  1.00 13.28 ? 374 GLY A C   1 
ATOM   1443 O O   . GLY A 1 197 ? -10.007 -8.091  -3.435  1.00 13.58 ? 374 GLY A O   1 
ATOM   1444 N N   . GLY A 1 198 ? -7.896  -8.809  -3.118  1.00 12.36 ? 375 GLY A N   1 
ATOM   1445 C CA  . GLY A 1 198 ? -7.343  -7.791  -3.990  1.00 13.46 ? 375 GLY A CA  1 
ATOM   1446 C C   . GLY A 1 198 ? -7.199  -8.148  -5.456  1.00 13.27 ? 375 GLY A C   1 
ATOM   1447 O O   . GLY A 1 198 ? -6.956  -7.262  -6.269  1.00 13.22 ? 375 GLY A O   1 
ATOM   1448 N N   . VAL A 1 199 ? -7.331  -9.426  -5.806  1.00 13.00 ? 376 VAL A N   1 
ATOM   1449 C CA  . VAL A 1 199 ? -7.198  -9.832  -7.208  1.00 14.39 ? 376 VAL A CA  1 
ATOM   1450 C C   . VAL A 1 199 ? -8.431  -9.478  -8.046  1.00 13.91 ? 376 VAL A C   1 
ATOM   1451 O O   . VAL A 1 199 ? -8.302  -9.416  -9.291  1.00 14.35 ? 376 VAL A O   1 
ATOM   1452 C CB  . VAL A 1 199 ? -6.914  -11.357 -7.347  1.00 15.58 ? 376 VAL A CB  1 
ATOM   1453 C CG1 . VAL A 1 199 ? -5.658  -11.726 -6.577  1.00 15.91 ? 376 VAL A CG1 1 
ATOM   1454 C CG2 . VAL A 1 199 ? -8.101  -12.165 -6.867  1.00 14.75 ? 376 VAL A CG2 1 
ATOM   1455 O OXT . VAL A 1 199 ? -9.517  -9.280  -7.461  1.00 13.95 ? 376 VAL A OXT 1 
HETATM 1456 O O   . HOH B 2 .   ? -1.280  26.279  -6.734  1.00 15.51 ? 401 HOH A O   1 
HETATM 1457 O O   . HOH B 2 .   ? 1.806   -14.111 8.937   1.00 13.17 ? 402 HOH A O   1 
HETATM 1458 O O   . HOH B 2 .   ? -1.832  -10.239 2.463   1.00 14.85 ? 403 HOH A O   1 
HETATM 1459 O O   . HOH B 2 .   ? 7.058   1.147   -4.318  1.00 14.83 ? 404 HOH A O   1 
HETATM 1460 O O   . HOH B 2 .   ? -10.902 1.152   3.586   1.00 13.36 ? 405 HOH A O   1 
HETATM 1461 O O   . HOH B 2 .   ? 8.365   -11.486 2.589   1.00 17.67 ? 406 HOH A O   1 
HETATM 1462 O O   . HOH B 2 .   ? -3.882  -8.486  -11.180 1.00 15.83 ? 407 HOH A O   1 
HETATM 1463 O O   . HOH B 2 .   ? -1.340  -20.428 -5.563  1.00 17.45 ? 408 HOH A O   1 
HETATM 1464 O O   . HOH B 2 .   ? -5.764  -21.678 0.328   1.00 17.01 ? 409 HOH A O   1 
HETATM 1465 O O   . HOH B 2 .   ? 9.497   -5.889  -3.296  1.00 16.05 ? 410 HOH A O   1 
HETATM 1466 O O   . HOH B 2 .   ? 11.972  -5.100  -2.620  1.00 17.41 ? 411 HOH A O   1 
HETATM 1467 O O   . HOH B 2 .   ? 10.012  -7.344  0.490   1.00 17.18 ? 412 HOH A O   1 
HETATM 1468 O O   . HOH B 2 .   ? -2.430  16.636  9.138   1.00 14.88 ? 413 HOH A O   1 
HETATM 1469 O O   . HOH B 2 .   ? -7.432  19.097  -6.497  1.00 19.36 ? 414 HOH A O   1 
HETATM 1470 O O   . HOH B 2 .   ? 2.351   -19.305 -9.916  1.00 16.18 ? 415 HOH A O   1 
HETATM 1471 O O   . HOH B 2 .   ? -11.964 -8.051  -8.418  1.00 19.48 ? 416 HOH A O   1 
HETATM 1472 O O   . HOH B 2 .   ? -10.136 -6.329  -5.616  1.00 16.08 ? 417 HOH A O   1 
HETATM 1473 O O   . HOH B 2 .   ? -8.540  10.036  -7.796  1.00 17.18 ? 418 HOH A O   1 
HETATM 1474 O O   . HOH B 2 .   ? -1.937  4.857   9.133   1.00 15.40 ? 419 HOH A O   1 
HETATM 1475 O O   . HOH B 2 .   ? -13.111 10.230  8.396   1.00 26.42 ? 420 HOH A O   1 
HETATM 1476 O O   . HOH B 2 .   ? -2.663  -3.640  10.080  1.00 20.78 ? 421 HOH A O   1 
HETATM 1477 O O   . HOH B 2 .   ? -10.704 16.718  7.171   1.00 19.20 ? 422 HOH A O   1 
HETATM 1478 O O   . HOH B 2 .   ? -6.112  12.893  -1.142  1.00 19.81 ? 423 HOH A O   1 
HETATM 1479 O O   . HOH B 2 .   ? -0.168  -24.010 -3.103  1.00 21.69 ? 424 HOH A O   1 
HETATM 1480 O O   . HOH B 2 .   ? -1.707  13.389  -9.109  1.00 18.66 ? 425 HOH A O   1 
HETATM 1481 O O   . HOH B 2 .   ? 7.699   -3.009  -9.427  1.00 19.78 ? 426 HOH A O   1 
HETATM 1482 O O   . HOH B 2 .   ? -6.613  -10.749 -13.269 1.00 18.44 ? 427 HOH A O   1 
HETATM 1483 O O   . HOH B 2 .   ? -6.524  7.923   10.751  1.00 19.68 ? 428 HOH A O   1 
HETATM 1484 O O   . HOH B 2 .   ? 22.224  -0.948  -4.967  1.00 18.80 ? 429 HOH A O   1 
HETATM 1485 O O   . HOH B 2 .   ? -10.916 -12.532 0.182   1.00 21.60 ? 430 HOH A O   1 
HETATM 1486 O O   . HOH B 2 .   ? 8.743   -5.873  2.602   1.00 19.28 ? 431 HOH A O   1 
HETATM 1487 O O   . HOH B 2 .   ? 4.918   -1.304  -11.418 1.00 23.95 ? 432 HOH A O   1 
HETATM 1488 O O   . HOH B 2 .   ? -15.106 14.642  6.023   1.00 21.00 ? 433 HOH A O   1 
HETATM 1489 O O   . HOH B 2 .   ? 9.208   15.695  8.094   1.00 27.62 ? 434 HOH A O   1 
HETATM 1490 O O   . HOH B 2 .   ? 2.212   -1.955  -11.297 1.00 21.49 ? 435 HOH A O   1 
HETATM 1491 O O   . HOH B 2 .   ? -6.902  17.678  -0.141  1.00 21.73 ? 436 HOH A O   1 
HETATM 1492 O O   . HOH B 2 .   ? 0.483   21.426  5.713   1.00 17.59 ? 437 HOH A O   1 
HETATM 1493 O O   . HOH B 2 .   ? -5.050  22.493  10.098  1.00 18.51 ? 438 HOH A O   1 
HETATM 1494 O O   . HOH B 2 .   ? 5.560   -20.430 -4.433  1.00 19.42 ? 439 HOH A O   1 
HETATM 1495 O O   . HOH B 2 .   ? -10.982 13.202  10.444  1.00 24.95 ? 440 HOH A O   1 
HETATM 1496 O O   . HOH B 2 .   ? 5.302   -9.581  13.410  1.00 23.01 ? 441 HOH A O   1 
HETATM 1497 O O   . HOH B 2 .   ? 8.816   -4.094  10.599  1.00 23.74 ? 442 HOH A O   1 
HETATM 1498 O O   . HOH B 2 .   ? 3.775   -8.498  -8.804  1.00 26.11 ? 443 HOH A O   1 
HETATM 1499 O O   . HOH B 2 .   ? 3.610   -7.843  -11.452 1.00 24.96 ? 444 HOH A O   1 
HETATM 1500 O O   . HOH B 2 .   ? 13.054  4.952   9.257   1.00 24.09 ? 445 HOH A O   1 
HETATM 1501 O O   . HOH B 2 .   ? 7.918   -1.999  12.138  1.00 29.38 ? 446 HOH A O   1 
HETATM 1502 O O   . HOH B 2 .   ? -10.968 -10.612 -5.643  1.00 17.98 ? 447 HOH A O   1 
HETATM 1503 O O   . HOH B 2 .   ? -2.265  -6.496  5.447   1.00 19.68 ? 448 HOH A O   1 
HETATM 1504 O O   . HOH B 2 .   ? -12.952 -9.441  -4.192  1.00 26.35 ? 449 HOH A O   1 
HETATM 1505 O O   . HOH B 2 .   ? 4.032   0.990   -12.480 1.00 32.47 ? 450 HOH A O   1 
HETATM 1506 O O   . HOH B 2 .   ? 3.696   -27.120 17.968  1.00 23.61 ? 451 HOH A O   1 
HETATM 1507 O O   . HOH B 2 .   ? -4.603  -21.277 2.707   1.00 24.13 ? 452 HOH A O   1 
HETATM 1508 O O   . HOH B 2 .   ? 1.787   -16.074 11.025  1.00 23.67 ? 453 HOH A O   1 
HETATM 1509 O O   . HOH B 2 .   ? -12.044 -6.954  -11.682 1.00 21.87 ? 454 HOH A O   1 
HETATM 1510 O O   . HOH B 2 .   ? 6.856   0.040   6.382   1.00 26.18 ? 455 HOH A O   1 
HETATM 1511 O O   . HOH B 2 .   ? 8.056   -9.545  14.722  1.00 29.36 ? 456 HOH A O   1 
HETATM 1512 O O   . HOH B 2 .   ? -1.515  -25.027 3.511   1.00 22.42 ? 457 HOH A O   1 
HETATM 1513 O O   . HOH B 2 .   ? 1.972   -24.279 -1.402  1.00 24.19 ? 458 HOH A O   1 
HETATM 1514 O O   . HOH B 2 .   ? -6.127  -10.830 13.080  1.00 41.77 ? 459 HOH A O   1 
HETATM 1515 O O   . HOH B 2 .   ? -8.883  -19.309 9.526   1.00 29.43 ? 460 HOH A O   1 
HETATM 1516 O O   . HOH B 2 .   ? 2.103   17.568  9.561   1.00 20.91 ? 461 HOH A O   1 
HETATM 1517 O O   . HOH B 2 .   ? -8.838  16.036  -3.396  1.00 23.52 ? 462 HOH A O   1 
HETATM 1518 O O   . HOH B 2 .   ? -13.085 16.328  1.771   1.00 22.77 ? 463 HOH A O   1 
HETATM 1519 O O   . HOH B 2 .   ? 3.722   -1.332  13.934  1.00 24.07 ? 464 HOH A O   1 
HETATM 1520 O O   . HOH B 2 .   ? -4.045  2.116   -11.975 1.00 27.73 ? 465 HOH A O   1 
HETATM 1521 O O   . HOH B 2 .   ? 7.598   -7.036  -5.495  1.00 26.58 ? 466 HOH A O   1 
HETATM 1522 O O   . HOH B 2 .   ? 5.391   2.581   12.206  1.00 31.89 ? 467 HOH A O   1 
HETATM 1523 O O   . HOH B 2 .   ? 15.137  5.128   0.738   1.00 23.50 ? 468 HOH A O   1 
HETATM 1524 O O   . HOH B 2 .   ? 9.303   -10.972 7.201   1.00 27.27 ? 469 HOH A O   1 
HETATM 1525 O O   . HOH B 2 .   ? -14.726 -2.637  -0.715  1.00 30.70 ? 470 HOH A O   1 
HETATM 1526 O O   . HOH B 2 .   ? 13.452  3.143   1.721   1.00 22.79 ? 471 HOH A O   1 
HETATM 1527 O O   . HOH B 2 .   ? -0.363  11.373  11.465  1.00 26.59 ? 472 HOH A O   1 
HETATM 1528 O O   . HOH B 2 .   ? -6.942  9.060   -11.777 1.00 32.43 ? 473 HOH A O   1 
HETATM 1529 O O   . HOH B 2 .   ? -9.023  -8.066  2.960   1.00 24.33 ? 474 HOH A O   1 
HETATM 1530 O O   . HOH B 2 .   ? 5.539   -14.166 -6.146  1.00 23.88 ? 475 HOH A O   1 
HETATM 1531 O O   . HOH B 2 .   ? -2.533  22.796  -9.461  1.00 31.25 ? 476 HOH A O   1 
HETATM 1532 O O   . HOH B 2 .   ? -12.801 -4.768  1.935   1.00 29.82 ? 477 HOH A O   1 
HETATM 1533 O O   . HOH B 2 .   ? 13.724  -5.698  2.162   1.00 25.10 ? 478 HOH A O   1 
HETATM 1534 O O   . HOH B 2 .   ? 1.595   -26.290 0.442   1.00 30.54 ? 479 HOH A O   1 
HETATM 1535 O O   . HOH B 2 .   ? -0.937  15.205  -11.114 1.00 25.87 ? 480 HOH A O   1 
HETATM 1536 O O   . HOH B 2 .   ? -9.965  -3.842  -12.513 1.00 24.19 ? 481 HOH A O   1 
HETATM 1537 O O   . HOH B 2 .   ? -10.387 -9.738  -11.048 1.00 25.69 ? 482 HOH A O   1 
HETATM 1538 O O   . HOH B 2 .   ? -7.409  13.271  -3.612  1.00 27.27 ? 483 HOH A O   1 
HETATM 1539 O O   . HOH B 2 .   ? 11.468  -2.638  -9.578  1.00 36.78 ? 484 HOH A O   1 
HETATM 1540 O O   . HOH B 2 .   ? 14.844  1.959   -8.060  1.00 29.26 ? 485 HOH A O   1 
HETATM 1541 O O   . HOH B 2 .   ? 12.287  9.068   -6.308  1.00 28.36 ? 486 HOH A O   1 
HETATM 1542 O O   . HOH B 2 .   ? 6.986   13.948  13.238  1.00 38.59 ? 487 HOH A O   1 
HETATM 1543 O O   . HOH B 2 .   ? -2.104  14.398  10.752  1.00 24.73 ? 488 HOH A O   1 
HETATM 1544 O O   . HOH B 2 .   ? 6.384   -14.444 6.205   1.00 31.10 ? 489 HOH A O   1 
HETATM 1545 O O   . HOH B 2 .   ? 0.862   -10.949 16.741  1.00 32.35 ? 490 HOH A O   1 
HETATM 1546 O O   . HOH B 2 .   ? -7.671  1.439   -13.437 1.00 28.25 ? 491 HOH A O   1 
HETATM 1547 O O   . HOH B 2 .   ? 5.371   10.788  -15.874 1.00 29.36 ? 492 HOH A O   1 
HETATM 1548 O O   . HOH B 2 .   ? -3.625  4.106   -15.586 1.00 26.36 ? 493 HOH A O   1 
HETATM 1549 O O   . HOH B 2 .   ? -5.634  -22.099 7.015   1.00 35.06 ? 494 HOH A O   1 
HETATM 1550 O O   . HOH B 2 .   ? -13.374 0.246   7.244   1.00 30.85 ? 495 HOH A O   1 
HETATM 1551 O O   . HOH B 2 .   ? -8.419  -7.272  -11.222 1.00 30.41 ? 496 HOH A O   1 
HETATM 1552 O O   . HOH B 2 .   ? -4.150  12.598  -10.416 1.00 29.78 ? 497 HOH A O   1 
HETATM 1553 O O   . HOH B 2 .   ? 6.219   -9.560  -6.905  1.00 29.26 ? 498 HOH A O   1 
HETATM 1554 O O   . HOH B 2 .   ? -12.198 10.135  -6.007  1.00 32.42 ? 499 HOH A O   1 
HETATM 1555 O O   . HOH B 2 .   ? 10.279  -6.366  -7.570  1.00 33.21 ? 500 HOH A O   1 
HETATM 1556 O O   . HOH B 2 .   ? 0.937   -6.206  -14.440 1.00 28.51 ? 501 HOH A O   1 
HETATM 1557 O O   . HOH B 2 .   ? -6.042  -21.683 18.918  1.00 24.32 ? 502 HOH A O   1 
HETATM 1558 O O   . HOH B 2 .   ? 5.878   -6.710  -8.497  1.00 28.09 ? 503 HOH A O   1 
HETATM 1559 O O   . HOH B 2 .   ? 15.752  2.824   -5.672  1.00 28.71 ? 504 HOH A O   1 
HETATM 1560 O O   . HOH B 2 .   ? -17.106 -5.804  -2.679  1.00 41.37 ? 505 HOH A O   1 
HETATM 1561 O O   . HOH B 2 .   ? 5.673   -14.800 3.189   1.00 37.76 ? 506 HOH A O   1 
HETATM 1562 O O   . HOH B 2 .   ? 4.027   28.071  -2.193  1.00 37.55 ? 507 HOH A O   1 
HETATM 1563 O O   . HOH B 2 .   ? 11.605  12.271  -11.746 1.00 35.71 ? 508 HOH A O   1 
HETATM 1564 O O   . HOH B 2 .   ? -4.145  -15.360 14.818  1.00 33.51 ? 509 HOH A O   1 
HETATM 1565 O O   . HOH B 2 .   ? 2.054   10.139  11.976  1.00 27.95 ? 510 HOH A O   1 
HETATM 1566 O O   . HOH B 2 .   ? 1.433   -14.644 13.808  1.00 31.17 ? 511 HOH A O   1 
HETATM 1567 O O   . HOH B 2 .   ? -19.520 -13.634 2.334   1.00 39.21 ? 512 HOH A O   1 
HETATM 1568 O O   . HOH B 2 .   ? 14.454  8.404   -9.497  1.00 30.37 ? 513 HOH A O   1 
HETATM 1569 O O   . HOH B 2 .   ? 14.200  -0.128  -9.721  1.00 31.67 ? 514 HOH A O   1 
HETATM 1570 O O   . HOH B 2 .   ? -6.566  1.610   12.547  1.00 33.33 ? 515 HOH A O   1 
HETATM 1571 O O   . HOH B 2 .   ? -21.161 8.705   5.929   1.00 36.51 ? 516 HOH A O   1 
HETATM 1572 O O   . HOH B 2 .   ? 5.744   -21.165 8.807   1.00 32.42 ? 517 HOH A O   1 
HETATM 1573 O O   . HOH B 2 .   ? 6.430   -4.896  -11.459 1.00 37.34 ? 518 HOH A O   1 
HETATM 1574 O O   . HOH B 2 .   ? -6.627  -20.811 10.566  1.00 37.59 ? 519 HOH A O   1 
HETATM 1575 O O   . HOH B 2 .   ? -4.719  4.220   11.541  1.00 37.67 ? 520 HOH A O   1 
HETATM 1576 O O   . HOH B 2 .   ? -6.988  4.570   13.325  1.00 30.18 ? 521 HOH A O   1 
HETATM 1577 O O   . HOH B 2 .   ? 9.395   18.058  3.621   1.00 24.81 ? 522 HOH A O   1 
# 
loop_
_pdbx_poly_seq_scheme.asym_id 
_pdbx_poly_seq_scheme.entity_id 
_pdbx_poly_seq_scheme.seq_id 
_pdbx_poly_seq_scheme.mon_id 
_pdbx_poly_seq_scheme.ndb_seq_num 
_pdbx_poly_seq_scheme.pdb_seq_num 
_pdbx_poly_seq_scheme.auth_seq_num 
_pdbx_poly_seq_scheme.pdb_mon_id 
_pdbx_poly_seq_scheme.auth_mon_id 
_pdbx_poly_seq_scheme.pdb_strand_id 
_pdbx_poly_seq_scheme.pdb_ins_code 
_pdbx_poly_seq_scheme.hetero 
A 1 1   HIS 1   178 ?   ?   ?   A . n 
A 1 2   HIS 2   179 ?   ?   ?   A . n 
A 1 3   HIS 3   180 ?   ?   ?   A . n 
A 1 4   HIS 4   181 ?   ?   ?   A . n 
A 1 5   HIS 5   182 ?   ?   ?   A . n 
A 1 6   HIS 6   183 ?   ?   ?   A . n 
A 1 7   ILE 7   184 184 ILE ILE A . n 
A 1 8   VAL 8   185 185 VAL VAL A . n 
A 1 9   LEU 9   186 186 LEU LEU A . n 
A 1 10  THR 10  187 187 THR THR A . n 
A 1 11  GLY 11  188 188 GLY GLY A . n 
A 1 12  SER 12  189 189 SER SER A . n 
A 1 13  ALA 13  190 190 ALA ALA A . n 
A 1 14  GLU 14  191 191 GLU GLU A . n 
A 1 15  GLY 15  192 192 GLY GLY A . n 
A 1 16  MET 16  193 193 MET MET A . n 
A 1 17  GLN 17  194 194 GLN GLN A . n 
A 1 18  PHE 18  195 195 PHE PHE A . n 
A 1 19  ASP 19  196 196 ASP ASP A . n 
A 1 20  ARG 20  197 197 ARG ARG A . n 
A 1 21  GLY 21  198 198 GLY GLY A . n 
A 1 22  TYR 22  199 199 TYR TYR A . n 
A 1 23  LEU 23  200 200 LEU LEU A . n 
A 1 24  SER 24  201 201 SER SER A . n 
A 1 25  PRO 25  202 202 PRO PRO A . n 
A 1 26  TYR 26  203 203 TYR TYR A . n 
A 1 27  PHE 27  204 204 PHE PHE A . n 
A 1 28  ILE 28  205 205 ILE ILE A . n 
A 1 29  ASN 29  206 206 ASN ASN A . n 
A 1 30  LYS 30  207 207 LYS LYS A . n 
A 1 31  PRO 31  208 208 PRO PRO A . n 
A 1 32  GLU 32  209 209 GLU GLU A . n 
A 1 33  THR 33  210 210 THR THR A . n 
A 1 34  GLY 34  211 211 GLY GLY A . n 
A 1 35  ALA 35  212 212 ALA ALA A . n 
A 1 36  VAL 36  213 213 VAL VAL A . n 
A 1 37  GLU 37  214 214 GLU GLU A . n 
A 1 38  LEU 38  215 215 LEU LEU A . n 
A 1 39  GLU 39  216 216 GLU GLU A . n 
A 1 40  SER 40  217 217 SER SER A . n 
A 1 41  PRO 41  218 218 PRO PRO A . n 
A 1 42  PHE 42  219 219 PHE PHE A . n 
A 1 43  ILE 43  220 220 ILE ILE A . n 
A 1 44  LEU 44  221 221 LEU LEU A . n 
A 1 45  LEU 45  222 222 LEU LEU A . n 
A 1 46  ALA 46  223 223 ALA ALA A . n 
A 1 47  ASP 47  224 224 ASP ASP A . n 
A 1 48  LYS 48  225 225 LYS LYS A . n 
A 1 49  LYS 49  226 226 LYS LYS A . n 
A 1 50  ILE 50  227 227 ILE ILE A . n 
A 1 51  SER 51  228 228 SER SER A . n 
A 1 52  ASN 52  229 229 ASN ASN A . n 
A 1 53  ILE 53  230 230 ILE ILE A . n 
A 1 54  ARG 54  231 231 ARG ARG A . n 
A 1 55  GLU 55  232 232 GLU GLU A . n 
A 1 56  MET 56  233 233 MET MET A . n 
A 1 57  LEU 57  234 234 LEU LEU A . n 
A 1 58  PRO 58  235 235 PRO PRO A . n 
A 1 59  VAL 59  236 236 VAL VAL A . n 
A 1 60  LEU 60  237 237 LEU LEU A . n 
A 1 61  GLU 61  238 238 GLU GLU A . n 
A 1 62  ALA 62  239 239 ALA ALA A . n 
A 1 63  VAL 63  240 240 VAL VAL A . n 
A 1 64  ALA 64  241 241 ALA ALA A . n 
A 1 65  LYS 65  242 242 LYS LYS A . n 
A 1 66  ALA 66  243 243 ALA ALA A . n 
A 1 67  GLY 67  244 244 GLY GLY A . n 
A 1 68  LYS 68  245 245 LYS LYS A . n 
A 1 69  PRO 69  246 246 PRO PRO A . n 
A 1 70  LEU 70  247 247 LEU LEU A . n 
A 1 71  LEU 71  248 248 LEU LEU A . n 
A 1 72  ILE 72  249 249 ILE ILE A . n 
A 1 73  ILE 73  250 250 ILE ILE A . n 
A 1 74  ALA 74  251 251 ALA ALA A . n 
A 1 75  GLU 75  252 252 GLU GLU A . n 
A 1 76  ASP 76  253 253 ASP ASP A . n 
A 1 77  VAL 77  254 254 VAL VAL A . n 
A 1 78  GLU 78  255 255 GLU GLU A . n 
A 1 79  GLY 79  256 256 GLY GLY A . n 
A 1 80  GLU 80  257 257 GLU GLU A . n 
A 1 81  ALA 81  258 258 ALA ALA A . n 
A 1 82  LEU 82  259 259 LEU LEU A . n 
A 1 83  ALA 83  260 260 ALA ALA A . n 
A 1 84  THR 84  261 261 THR THR A . n 
A 1 85  LEU 85  262 262 LEU LEU A . n 
A 1 86  VAL 86  263 263 VAL VAL A . n 
A 1 87  VAL 87  264 264 VAL VAL A . n 
A 1 88  ASN 88  265 265 ASN ASN A . n 
A 1 89  THR 89  266 266 THR THR A . n 
A 1 90  MET 90  267 267 MET MET A . n 
A 1 91  ARG 91  268 268 ARG ARG A . n 
A 1 92  GLY 92  269 269 GLY GLY A . n 
A 1 93  ILE 93  270 270 ILE ILE A . n 
A 1 94  VAL 94  271 271 VAL VAL A . n 
A 1 95  LYS 95  272 272 LYS LYS A . n 
A 1 96  VAL 96  273 273 VAL VAL A . n 
A 1 97  ALA 97  274 274 ALA ALA A . n 
A 1 98  ALA 98  275 275 ALA ALA A . n 
A 1 99  VAL 99  276 276 VAL VAL A . n 
A 1 100 LYS 100 277 277 LYS LYS A . n 
A 1 101 ALA 101 278 278 ALA ALA A . n 
A 1 102 PRO 102 279 279 PRO PRO A . n 
A 1 103 GLY 103 280 280 GLY GLY A . n 
A 1 104 PHE 104 281 281 PHE PHE A . n 
A 1 105 GLY 105 282 282 GLY GLY A . n 
A 1 106 ASP 106 283 283 ASP ASP A . n 
A 1 107 ARG 107 284 284 ARG ARG A . n 
A 1 108 ARG 108 285 285 ARG ARG A . n 
A 1 109 LYS 109 286 286 LYS LYS A . n 
A 1 110 ALA 110 287 287 ALA ALA A . n 
A 1 111 MET 111 288 288 MET MET A . n 
A 1 112 LEU 112 289 289 LEU LEU A . n 
A 1 113 GLN 113 290 290 GLN GLN A . n 
A 1 114 ASP 114 291 291 ASP ASP A . n 
A 1 115 ILE 115 292 292 ILE ILE A . n 
A 1 116 ALA 116 293 293 ALA ALA A . n 
A 1 117 THR 117 294 294 THR THR A . n 
A 1 118 LEU 118 295 295 LEU LEU A . n 
A 1 119 THR 119 296 296 THR THR A . n 
A 1 120 GLY 120 297 297 GLY GLY A . n 
A 1 121 GLY 121 298 298 GLY GLY A . n 
A 1 122 THR 122 299 299 THR THR A . n 
A 1 123 VAL 123 300 300 VAL VAL A . n 
A 1 124 ILE 124 301 301 ILE ILE A . n 
A 1 125 SER 125 302 302 SER SER A . n 
A 1 126 GLU 126 303 303 GLU GLU A . n 
A 1 127 GLU 127 304 304 GLU GLU A . n 
A 1 128 ILE 128 305 305 ILE ILE A . n 
A 1 129 GLY 129 306 306 GLY GLY A . n 
A 1 130 MET 130 307 307 MET MET A . n 
A 1 131 GLU 131 308 308 GLU GLU A . n 
A 1 132 LEU 132 309 309 LEU LEU A . n 
A 1 133 GLU 133 310 310 GLU GLU A . n 
A 1 134 LYS 134 311 311 LYS LYS A . n 
A 1 135 ALA 135 312 312 ALA ALA A . n 
A 1 136 THR 136 313 313 THR THR A . n 
A 1 137 LEU 137 314 314 LEU LEU A . n 
A 1 138 GLU 138 315 315 GLU GLU A . n 
A 1 139 ASP 139 316 316 ASP ASP A . n 
A 1 140 LEU 140 317 317 LEU LEU A . n 
A 1 141 GLY 141 318 318 GLY GLY A . n 
A 1 142 GLN 142 319 319 GLN GLN A . n 
A 1 143 ALA 143 320 320 ALA ALA A . n 
A 1 144 LYS 144 321 321 LYS LYS A . n 
A 1 145 ARG 145 322 322 ARG ARG A . n 
A 1 146 VAL 146 323 323 VAL VAL A . n 
A 1 147 VAL 147 324 324 VAL VAL A . n 
A 1 148 ILE 148 325 325 ILE ILE A . n 
A 1 149 ASN 149 326 326 ASN ASN A . n 
A 1 150 LYS 150 327 327 LYS LYS A . n 
A 1 151 ASP 151 328 328 ASP ASP A . n 
A 1 152 THR 152 329 329 THR THR A . n 
A 1 153 THR 153 330 330 THR THR A . n 
A 1 154 THR 154 331 331 THR THR A . n 
A 1 155 ILE 155 332 332 ILE ILE A . n 
A 1 156 ILE 156 333 333 ILE ILE A . n 
A 1 157 ASP 157 334 334 ASP ASP A . n 
A 1 158 GLY 158 335 335 GLY GLY A . n 
A 1 159 VAL 159 336 336 VAL VAL A . n 
A 1 160 GLY 160 337 337 GLY GLY A . n 
A 1 161 GLU 161 338 338 GLU GLU A . n 
A 1 162 GLU 162 339 339 GLU GLU A . n 
A 1 163 ALA 163 340 340 ALA ALA A . n 
A 1 164 ALA 164 341 341 ALA ALA A . n 
A 1 165 ILE 165 342 342 ILE ILE A . n 
A 1 166 GLN 166 343 343 GLN GLN A . n 
A 1 167 GLY 167 344 344 GLY GLY A . n 
A 1 168 ARG 168 345 345 ARG ARG A . n 
A 1 169 VAL 169 346 346 VAL VAL A . n 
A 1 170 ALA 170 347 347 ALA ALA A . n 
A 1 171 GLN 171 348 348 GLN GLN A . n 
A 1 172 ILE 172 349 349 ILE ILE A . n 
A 1 173 ARG 173 350 350 ARG ARG A . n 
A 1 174 GLN 174 351 351 GLN GLN A . n 
A 1 175 GLN 175 352 352 GLN GLN A . n 
A 1 176 ILE 176 353 353 ILE ILE A . n 
A 1 177 GLU 177 354 354 GLU GLU A . n 
A 1 178 GLU 178 355 355 GLU GLU A . n 
A 1 179 ALA 179 356 356 ALA ALA A . n 
A 1 180 THR 180 357 357 THR THR A . n 
A 1 181 SER 181 358 358 SER SER A . n 
A 1 182 ASP 182 359 359 ASP ASP A . n 
A 1 183 TYR 183 360 360 TYR TYR A . n 
A 1 184 ASP 184 361 361 ASP ASP A . n 
A 1 185 ARG 185 362 362 ARG ARG A . n 
A 1 186 GLU 186 363 363 GLU GLU A . n 
A 1 187 LYS 187 364 364 LYS LYS A . n 
A 1 188 LEU 188 365 365 LEU LEU A . n 
A 1 189 GLN 189 366 366 GLN GLN A . n 
A 1 190 GLU 190 367 367 GLU GLU A . n 
A 1 191 ARG 191 368 368 ARG ARG A . n 
A 1 192 VAL 192 369 369 VAL VAL A . n 
A 1 193 ALA 193 370 370 ALA ALA A . n 
A 1 194 LYS 194 371 371 LYS LYS A . n 
A 1 195 LEU 195 372 372 LEU LEU A . n 
A 1 196 ALA 196 373 373 ALA ALA A . n 
A 1 197 GLY 197 374 374 GLY GLY A . n 
A 1 198 GLY 198 375 375 GLY GLY A . n 
A 1 199 VAL 199 376 376 VAL VAL A . n 
# 
loop_
_pdbx_nonpoly_scheme.asym_id 
_pdbx_nonpoly_scheme.entity_id 
_pdbx_nonpoly_scheme.mon_id 
_pdbx_nonpoly_scheme.ndb_seq_num 
_pdbx_nonpoly_scheme.pdb_seq_num 
_pdbx_nonpoly_scheme.auth_seq_num 
_pdbx_nonpoly_scheme.pdb_mon_id 
_pdbx_nonpoly_scheme.auth_mon_id 
_pdbx_nonpoly_scheme.pdb_strand_id 
_pdbx_nonpoly_scheme.pdb_ins_code 
B 2 HOH 1   401 1   HOH TIP A . 
B 2 HOH 2   402 2   HOH TIP A . 
B 2 HOH 3   403 3   HOH TIP A . 
B 2 HOH 4   404 4   HOH TIP A . 
B 2 HOH 5   405 5   HOH TIP A . 
B 2 HOH 6   406 6   HOH TIP A . 
B 2 HOH 7   407 7   HOH TIP A . 
B 2 HOH 8   408 8   HOH TIP A . 
B 2 HOH 9   409 9   HOH TIP A . 
B 2 HOH 10  410 10  HOH TIP A . 
B 2 HOH 11  411 11  HOH TIP A . 
B 2 HOH 12  412 12  HOH TIP A . 
B 2 HOH 13  413 13  HOH TIP A . 
B 2 HOH 14  414 14  HOH TIP A . 
B 2 HOH 15  415 15  HOH TIP A . 
B 2 HOH 16  416 16  HOH TIP A . 
B 2 HOH 17  417 17  HOH TIP A . 
B 2 HOH 18  418 18  HOH TIP A . 
B 2 HOH 19  419 19  HOH TIP A . 
B 2 HOH 20  420 20  HOH TIP A . 
B 2 HOH 21  421 21  HOH TIP A . 
B 2 HOH 22  422 22  HOH TIP A . 
B 2 HOH 23  423 23  HOH TIP A . 
B 2 HOH 24  424 24  HOH TIP A . 
B 2 HOH 25  425 25  HOH TIP A . 
B 2 HOH 26  426 26  HOH TIP A . 
B 2 HOH 27  427 27  HOH TIP A . 
B 2 HOH 28  428 28  HOH TIP A . 
B 2 HOH 29  429 29  HOH TIP A . 
B 2 HOH 30  430 30  HOH TIP A . 
B 2 HOH 31  431 31  HOH TIP A . 
B 2 HOH 32  432 32  HOH TIP A . 
B 2 HOH 33  433 33  HOH TIP A . 
B 2 HOH 34  434 34  HOH TIP A . 
B 2 HOH 35  435 35  HOH TIP A . 
B 2 HOH 36  436 36  HOH TIP A . 
B 2 HOH 37  437 37  HOH TIP A . 
B 2 HOH 38  438 38  HOH TIP A . 
B 2 HOH 39  439 39  HOH TIP A . 
B 2 HOH 40  440 40  HOH TIP A . 
B 2 HOH 41  441 41  HOH TIP A . 
B 2 HOH 42  442 42  HOH TIP A . 
B 2 HOH 43  443 43  HOH TIP A . 
B 2 HOH 44  444 44  HOH TIP A . 
B 2 HOH 45  445 45  HOH TIP A . 
B 2 HOH 46  446 46  HOH TIP A . 
B 2 HOH 47  447 47  HOH TIP A . 
B 2 HOH 48  448 48  HOH TIP A . 
B 2 HOH 49  449 49  HOH TIP A . 
B 2 HOH 50  450 50  HOH TIP A . 
B 2 HOH 51  451 51  HOH TIP A . 
B 2 HOH 52  452 52  HOH TIP A . 
B 2 HOH 53  453 53  HOH TIP A . 
B 2 HOH 54  454 54  HOH TIP A . 
B 2 HOH 55  455 55  HOH TIP A . 
B 2 HOH 56  456 56  HOH TIP A . 
B 2 HOH 57  457 57  HOH TIP A . 
B 2 HOH 58  458 58  HOH TIP A . 
B 2 HOH 59  459 59  HOH TIP A . 
B 2 HOH 60  460 60  HOH TIP A . 
B 2 HOH 61  461 61  HOH TIP A . 
B 2 HOH 62  462 62  HOH TIP A . 
B 2 HOH 63  463 63  HOH TIP A . 
B 2 HOH 64  464 64  HOH TIP A . 
B 2 HOH 65  465 65  HOH TIP A . 
B 2 HOH 66  466 66  HOH TIP A . 
B 2 HOH 67  467 67  HOH TIP A . 
B 2 HOH 68  468 68  HOH TIP A . 
B 2 HOH 69  469 69  HOH TIP A . 
B 2 HOH 70  470 70  HOH TIP A . 
B 2 HOH 71  471 71  HOH TIP A . 
B 2 HOH 72  472 72  HOH TIP A . 
B 2 HOH 73  473 73  HOH TIP A . 
B 2 HOH 74  474 74  HOH TIP A . 
B 2 HOH 75  475 75  HOH TIP A . 
B 2 HOH 76  476 76  HOH TIP A . 
B 2 HOH 77  477 77  HOH TIP A . 
B 2 HOH 78  478 78  HOH TIP A . 
B 2 HOH 79  479 79  HOH TIP A . 
B 2 HOH 80  480 80  HOH TIP A . 
B 2 HOH 81  481 81  HOH TIP A . 
B 2 HOH 82  482 82  HOH TIP A . 
B 2 HOH 83  483 83  HOH TIP A . 
B 2 HOH 84  484 84  HOH TIP A . 
B 2 HOH 85  485 85  HOH TIP A . 
B 2 HOH 86  486 86  HOH TIP A . 
B 2 HOH 87  487 87  HOH TIP A . 
B 2 HOH 88  488 88  HOH TIP A . 
B 2 HOH 89  489 89  HOH TIP A . 
B 2 HOH 90  490 90  HOH TIP A . 
B 2 HOH 91  491 91  HOH TIP A . 
B 2 HOH 92  492 92  HOH TIP A . 
B 2 HOH 93  493 93  HOH TIP A . 
B 2 HOH 94  494 94  HOH TIP A . 
B 2 HOH 95  495 95  HOH TIP A . 
B 2 HOH 96  496 96  HOH TIP A . 
B 2 HOH 97  497 97  HOH TIP A . 
B 2 HOH 98  498 98  HOH TIP A . 
B 2 HOH 99  499 99  HOH TIP A . 
B 2 HOH 100 500 100 HOH TIP A . 
B 2 HOH 101 501 101 HOH TIP A . 
B 2 HOH 102 502 102 HOH TIP A . 
B 2 HOH 103 503 103 HOH TIP A . 
B 2 HOH 104 504 104 HOH TIP A . 
B 2 HOH 105 505 105 HOH TIP A . 
B 2 HOH 106 506 106 HOH TIP A . 
B 2 HOH 107 507 107 HOH TIP A . 
B 2 HOH 108 508 108 HOH TIP A . 
B 2 HOH 109 509 109 HOH TIP A . 
B 2 HOH 110 510 110 HOH TIP A . 
B 2 HOH 111 511 111 HOH TIP A . 
B 2 HOH 112 512 112 HOH TIP A . 
B 2 HOH 113 513 113 HOH TIP A . 
B 2 HOH 114 514 114 HOH TIP A . 
B 2 HOH 115 515 115 HOH TIP A . 
B 2 HOH 116 516 116 HOH TIP A . 
B 2 HOH 117 517 117 HOH TIP A . 
B 2 HOH 118 518 118 HOH TIP A . 
B 2 HOH 119 519 119 HOH TIP A . 
B 2 HOH 120 520 121 HOH TIP A . 
B 2 HOH 121 521 122 HOH TIP A . 
B 2 HOH 122 522 123 HOH TIP A . 
# 
_pdbx_struct_assembly.id                   1 
_pdbx_struct_assembly.details              author_and_software_defined_assembly 
_pdbx_struct_assembly.method_details       PISA 
_pdbx_struct_assembly.oligomeric_details   monomeric 
_pdbx_struct_assembly.oligomeric_count     1 
# 
_pdbx_struct_assembly_gen.assembly_id       1 
_pdbx_struct_assembly_gen.oper_expression   1 
_pdbx_struct_assembly_gen.asym_id_list      A,B 
# 
_pdbx_struct_oper_list.id                   1 
_pdbx_struct_oper_list.type                 'identity operation' 
_pdbx_struct_oper_list.name                 1_555 
_pdbx_struct_oper_list.symmetry_operation   x,y,z 
_pdbx_struct_oper_list.matrix[1][1]         1.0000000000 
_pdbx_struct_oper_list.matrix[1][2]         0.0000000000 
_pdbx_struct_oper_list.matrix[1][3]         0.0000000000 
_pdbx_struct_oper_list.vector[1]            0.0000000000 
_pdbx_struct_oper_list.matrix[2][1]         0.0000000000 
_pdbx_struct_oper_list.matrix[2][2]         1.0000000000 
_pdbx_struct_oper_list.matrix[2][3]         0.0000000000 
_pdbx_struct_oper_list.vector[2]            0.0000000000 
_pdbx_struct_oper_list.matrix[3][1]         0.0000000000 
_pdbx_struct_oper_list.matrix[3][2]         0.0000000000 
_pdbx_struct_oper_list.matrix[3][3]         1.0000000000 
_pdbx_struct_oper_list.vector[3]            0.0000000000 
# 
loop_
_pdbx_audit_revision_history.ordinal 
_pdbx_audit_revision_history.data_content_type 
_pdbx_audit_revision_history.major_revision 
_pdbx_audit_revision_history.minor_revision 
_pdbx_audit_revision_history.revision_date 
1 'Structure model' 1 0 2013-11-13 
2 'Structure model' 1 1 2023-11-08 
# 
_pdbx_audit_revision_details.ordinal             1 
_pdbx_audit_revision_details.revision_ordinal    1 
_pdbx_audit_revision_details.data_content_type   'Structure model' 
_pdbx_audit_revision_details.provider            repository 
_pdbx_audit_revision_details.type                'Initial release' 
_pdbx_audit_revision_details.description         ? 
_pdbx_audit_revision_details.details             ? 
# 
loop_
_pdbx_audit_revision_group.ordinal 
_pdbx_audit_revision_group.revision_ordinal 
_pdbx_audit_revision_group.data_content_type 
_pdbx_audit_revision_group.group 
1 2 'Structure model' 'Data collection'        
2 2 'Structure model' 'Database references'    
3 2 'Structure model' 'Refinement description' 
# 
loop_
_pdbx_audit_revision_category.ordinal 
_pdbx_audit_revision_category.revision_ordinal 
_pdbx_audit_revision_category.data_content_type 
_pdbx_audit_revision_category.category 
1 2 'Structure model' chem_comp_atom                
2 2 'Structure model' chem_comp_bond                
3 2 'Structure model' database_2                    
4 2 'Structure model' pdbx_initial_refinement_model 
5 2 'Structure model' struct_ref_seq_dif            
# 
loop_
_pdbx_audit_revision_item.ordinal 
_pdbx_audit_revision_item.revision_ordinal 
_pdbx_audit_revision_item.data_content_type 
_pdbx_audit_revision_item.item 
1 2 'Structure model' '_database_2.pdbx_DOI'                
2 2 'Structure model' '_database_2.pdbx_database_accession' 
3 2 'Structure model' '_struct_ref_seq_dif.details'         
# 
loop_
_software.name 
_software.classification 
_software.version 
_software.citation_id 
_software.pdbx_ordinal 
CNS      refinement        1.3     ? 1 
ADSC     'data collection' Quantum ? 2 
HKL-2000 'data reduction'  .       ? 3 
HKL-2000 'data scaling'    .       ? 4 
EPMR     phasing           .       ? 5 
# 
_pdbx_entry_details.entry_id                 3VZ6 
_pdbx_entry_details.nonpolymer_details       ? 
_pdbx_entry_details.sequence_details         'RESIDUES 184-190 ARE HETEROLOGOUS FUSION TAG' 
_pdbx_entry_details.compound_details         ? 
_pdbx_entry_details.source_details           ? 
_pdbx_entry_details.has_ligand_of_interest   ? 
# 
loop_
_pdbx_validate_torsion.id 
_pdbx_validate_torsion.PDB_model_num 
_pdbx_validate_torsion.auth_comp_id 
_pdbx_validate_torsion.auth_asym_id 
_pdbx_validate_torsion.auth_seq_id 
_pdbx_validate_torsion.PDB_ins_code 
_pdbx_validate_torsion.label_alt_id 
_pdbx_validate_torsion.phi 
_pdbx_validate_torsion.psi 
1 1 THR A 187 ? ? -156.38 84.20 
2 1 ALA A 190 ? ? -177.00 12.56 
3 1 ASP A 334 ? ? 57.18   70.85 
# 
loop_
_pdbx_unobs_or_zero_occ_residues.id 
_pdbx_unobs_or_zero_occ_residues.PDB_model_num 
_pdbx_unobs_or_zero_occ_residues.polymer_flag 
_pdbx_unobs_or_zero_occ_residues.occupancy_flag 
_pdbx_unobs_or_zero_occ_residues.auth_asym_id 
_pdbx_unobs_or_zero_occ_residues.auth_comp_id 
_pdbx_unobs_or_zero_occ_residues.auth_seq_id 
_pdbx_unobs_or_zero_occ_residues.PDB_ins_code 
_pdbx_unobs_or_zero_occ_residues.label_asym_id 
_pdbx_unobs_or_zero_occ_residues.label_comp_id 
_pdbx_unobs_or_zero_occ_residues.label_seq_id 
1 1 Y 1 A HIS 178 ? A HIS 1 
2 1 Y 1 A HIS 179 ? A HIS 2 
3 1 Y 1 A HIS 180 ? A HIS 3 
4 1 Y 1 A HIS 181 ? A HIS 4 
5 1 Y 1 A HIS 182 ? A HIS 5 
6 1 Y 1 A HIS 183 ? A HIS 6 
# 
loop_
_chem_comp_atom.comp_id 
_chem_comp_atom.atom_id 
_chem_comp_atom.type_symbol 
_chem_comp_atom.pdbx_aromatic_flag 
_chem_comp_atom.pdbx_stereo_config 
_chem_comp_atom.pdbx_ordinal 
ALA N    N N N 1   
ALA CA   C N S 2   
ALA C    C N N 3   
ALA O    O N N 4   
ALA CB   C N N 5   
ALA OXT  O N N 6   
ALA H    H N N 7   
ALA H2   H N N 8   
ALA HA   H N N 9   
ALA HB1  H N N 10  
ALA HB2  H N N 11  
ALA HB3  H N N 12  
ALA HXT  H N N 13  
ARG N    N N N 14  
ARG CA   C N S 15  
ARG C    C N N 16  
ARG O    O N N 17  
ARG CB   C N N 18  
ARG CG   C N N 19  
ARG CD   C N N 20  
ARG NE   N N N 21  
ARG CZ   C N N 22  
ARG NH1  N N N 23  
ARG NH2  N N N 24  
ARG OXT  O N N 25  
ARG H    H N N 26  
ARG H2   H N N 27  
ARG HA   H N N 28  
ARG HB2  H N N 29  
ARG HB3  H N N 30  
ARG HG2  H N N 31  
ARG HG3  H N N 32  
ARG HD2  H N N 33  
ARG HD3  H N N 34  
ARG HE   H N N 35  
ARG HH11 H N N 36  
ARG HH12 H N N 37  
ARG HH21 H N N 38  
ARG HH22 H N N 39  
ARG HXT  H N N 40  
ASN N    N N N 41  
ASN CA   C N S 42  
ASN C    C N N 43  
ASN O    O N N 44  
ASN CB   C N N 45  
ASN CG   C N N 46  
ASN OD1  O N N 47  
ASN ND2  N N N 48  
ASN OXT  O N N 49  
ASN H    H N N 50  
ASN H2   H N N 51  
ASN HA   H N N 52  
ASN HB2  H N N 53  
ASN HB3  H N N 54  
ASN HD21 H N N 55  
ASN HD22 H N N 56  
ASN HXT  H N N 57  
ASP N    N N N 58  
ASP CA   C N S 59  
ASP C    C N N 60  
ASP O    O N N 61  
ASP CB   C N N 62  
ASP CG   C N N 63  
ASP OD1  O N N 64  
ASP OD2  O N N 65  
ASP OXT  O N N 66  
ASP H    H N N 67  
ASP H2   H N N 68  
ASP HA   H N N 69  
ASP HB2  H N N 70  
ASP HB3  H N N 71  
ASP HD2  H N N 72  
ASP HXT  H N N 73  
GLN N    N N N 74  
GLN CA   C N S 75  
GLN C    C N N 76  
GLN O    O N N 77  
GLN CB   C N N 78  
GLN CG   C N N 79  
GLN CD   C N N 80  
GLN OE1  O N N 81  
GLN NE2  N N N 82  
GLN OXT  O N N 83  
GLN H    H N N 84  
GLN H2   H N N 85  
GLN HA   H N N 86  
GLN HB2  H N N 87  
GLN HB3  H N N 88  
GLN HG2  H N N 89  
GLN HG3  H N N 90  
GLN HE21 H N N 91  
GLN HE22 H N N 92  
GLN HXT  H N N 93  
GLU N    N N N 94  
GLU CA   C N S 95  
GLU C    C N N 96  
GLU O    O N N 97  
GLU CB   C N N 98  
GLU CG   C N N 99  
GLU CD   C N N 100 
GLU OE1  O N N 101 
GLU OE2  O N N 102 
GLU OXT  O N N 103 
GLU H    H N N 104 
GLU H2   H N N 105 
GLU HA   H N N 106 
GLU HB2  H N N 107 
GLU HB3  H N N 108 
GLU HG2  H N N 109 
GLU HG3  H N N 110 
GLU HE2  H N N 111 
GLU HXT  H N N 112 
GLY N    N N N 113 
GLY CA   C N N 114 
GLY C    C N N 115 
GLY O    O N N 116 
GLY OXT  O N N 117 
GLY H    H N N 118 
GLY H2   H N N 119 
GLY HA2  H N N 120 
GLY HA3  H N N 121 
GLY HXT  H N N 122 
HIS N    N N N 123 
HIS CA   C N S 124 
HIS C    C N N 125 
HIS O    O N N 126 
HIS CB   C N N 127 
HIS CG   C Y N 128 
HIS ND1  N Y N 129 
HIS CD2  C Y N 130 
HIS CE1  C Y N 131 
HIS NE2  N Y N 132 
HIS OXT  O N N 133 
HIS H    H N N 134 
HIS H2   H N N 135 
HIS HA   H N N 136 
HIS HB2  H N N 137 
HIS HB3  H N N 138 
HIS HD1  H N N 139 
HIS HD2  H N N 140 
HIS HE1  H N N 141 
HIS HE2  H N N 142 
HIS HXT  H N N 143 
HOH O    O N N 144 
HOH H1   H N N 145 
HOH H2   H N N 146 
ILE N    N N N 147 
ILE CA   C N S 148 
ILE C    C N N 149 
ILE O    O N N 150 
ILE CB   C N S 151 
ILE CG1  C N N 152 
ILE CG2  C N N 153 
ILE CD1  C N N 154 
ILE OXT  O N N 155 
ILE H    H N N 156 
ILE H2   H N N 157 
ILE HA   H N N 158 
ILE HB   H N N 159 
ILE HG12 H N N 160 
ILE HG13 H N N 161 
ILE HG21 H N N 162 
ILE HG22 H N N 163 
ILE HG23 H N N 164 
ILE HD11 H N N 165 
ILE HD12 H N N 166 
ILE HD13 H N N 167 
ILE HXT  H N N 168 
LEU N    N N N 169 
LEU CA   C N S 170 
LEU C    C N N 171 
LEU O    O N N 172 
LEU CB   C N N 173 
LEU CG   C N N 174 
LEU CD1  C N N 175 
LEU CD2  C N N 176 
LEU OXT  O N N 177 
LEU H    H N N 178 
LEU H2   H N N 179 
LEU HA   H N N 180 
LEU HB2  H N N 181 
LEU HB3  H N N 182 
LEU HG   H N N 183 
LEU HD11 H N N 184 
LEU HD12 H N N 185 
LEU HD13 H N N 186 
LEU HD21 H N N 187 
LEU HD22 H N N 188 
LEU HD23 H N N 189 
LEU HXT  H N N 190 
LYS N    N N N 191 
LYS CA   C N S 192 
LYS C    C N N 193 
LYS O    O N N 194 
LYS CB   C N N 195 
LYS CG   C N N 196 
LYS CD   C N N 197 
LYS CE   C N N 198 
LYS NZ   N N N 199 
LYS OXT  O N N 200 
LYS H    H N N 201 
LYS H2   H N N 202 
LYS HA   H N N 203 
LYS HB2  H N N 204 
LYS HB3  H N N 205 
LYS HG2  H N N 206 
LYS HG3  H N N 207 
LYS HD2  H N N 208 
LYS HD3  H N N 209 
LYS HE2  H N N 210 
LYS HE3  H N N 211 
LYS HZ1  H N N 212 
LYS HZ2  H N N 213 
LYS HZ3  H N N 214 
LYS HXT  H N N 215 
MET N    N N N 216 
MET CA   C N S 217 
MET C    C N N 218 
MET O    O N N 219 
MET CB   C N N 220 
MET CG   C N N 221 
MET SD   S N N 222 
MET CE   C N N 223 
MET OXT  O N N 224 
MET H    H N N 225 
MET H2   H N N 226 
MET HA   H N N 227 
MET HB2  H N N 228 
MET HB3  H N N 229 
MET HG2  H N N 230 
MET HG3  H N N 231 
MET HE1  H N N 232 
MET HE2  H N N 233 
MET HE3  H N N 234 
MET HXT  H N N 235 
PHE N    N N N 236 
PHE CA   C N S 237 
PHE C    C N N 238 
PHE O    O N N 239 
PHE CB   C N N 240 
PHE CG   C Y N 241 
PHE CD1  C Y N 242 
PHE CD2  C Y N 243 
PHE CE1  C Y N 244 
PHE CE2  C Y N 245 
PHE CZ   C Y N 246 
PHE OXT  O N N 247 
PHE H    H N N 248 
PHE H2   H N N 249 
PHE HA   H N N 250 
PHE HB2  H N N 251 
PHE HB3  H N N 252 
PHE HD1  H N N 253 
PHE HD2  H N N 254 
PHE HE1  H N N 255 
PHE HE2  H N N 256 
PHE HZ   H N N 257 
PHE HXT  H N N 258 
PRO N    N N N 259 
PRO CA   C N S 260 
PRO C    C N N 261 
PRO O    O N N 262 
PRO CB   C N N 263 
PRO CG   C N N 264 
PRO CD   C N N 265 
PRO OXT  O N N 266 
PRO H    H N N 267 
PRO HA   H N N 268 
PRO HB2  H N N 269 
PRO HB3  H N N 270 
PRO HG2  H N N 271 
PRO HG3  H N N 272 
PRO HD2  H N N 273 
PRO HD3  H N N 274 
PRO HXT  H N N 275 
SER N    N N N 276 
SER CA   C N S 277 
SER C    C N N 278 
SER O    O N N 279 
SER CB   C N N 280 
SER OG   O N N 281 
SER OXT  O N N 282 
SER H    H N N 283 
SER H2   H N N 284 
SER HA   H N N 285 
SER HB2  H N N 286 
SER HB3  H N N 287 
SER HG   H N N 288 
SER HXT  H N N 289 
THR N    N N N 290 
THR CA   C N S 291 
THR C    C N N 292 
THR O    O N N 293 
THR CB   C N R 294 
THR OG1  O N N 295 
THR CG2  C N N 296 
THR OXT  O N N 297 
THR H    H N N 298 
THR H2   H N N 299 
THR HA   H N N 300 
THR HB   H N N 301 
THR HG1  H N N 302 
THR HG21 H N N 303 
THR HG22 H N N 304 
THR HG23 H N N 305 
THR HXT  H N N 306 
TYR N    N N N 307 
TYR CA   C N S 308 
TYR C    C N N 309 
TYR O    O N N 310 
TYR CB   C N N 311 
TYR CG   C Y N 312 
TYR CD1  C Y N 313 
TYR CD2  C Y N 314 
TYR CE1  C Y N 315 
TYR CE2  C Y N 316 
TYR CZ   C Y N 317 
TYR OH   O N N 318 
TYR OXT  O N N 319 
TYR H    H N N 320 
TYR H2   H N N 321 
TYR HA   H N N 322 
TYR HB2  H N N 323 
TYR HB3  H N N 324 
TYR HD1  H N N 325 
TYR HD2  H N N 326 
TYR HE1  H N N 327 
TYR HE2  H N N 328 
TYR HH   H N N 329 
TYR HXT  H N N 330 
VAL N    N N N 331 
VAL CA   C N S 332 
VAL C    C N N 333 
VAL O    O N N 334 
VAL CB   C N N 335 
VAL CG1  C N N 336 
VAL CG2  C N N 337 
VAL OXT  O N N 338 
VAL H    H N N 339 
VAL H2   H N N 340 
VAL HA   H N N 341 
VAL HB   H N N 342 
VAL HG11 H N N 343 
VAL HG12 H N N 344 
VAL HG13 H N N 345 
VAL HG21 H N N 346 
VAL HG22 H N N 347 
VAL HG23 H N N 348 
VAL HXT  H N N 349 
# 
loop_
_chem_comp_bond.comp_id 
_chem_comp_bond.atom_id_1 
_chem_comp_bond.atom_id_2 
_chem_comp_bond.value_order 
_chem_comp_bond.pdbx_aromatic_flag 
_chem_comp_bond.pdbx_stereo_config 
_chem_comp_bond.pdbx_ordinal 
ALA N   CA   sing N N 1   
ALA N   H    sing N N 2   
ALA N   H2   sing N N 3   
ALA CA  C    sing N N 4   
ALA CA  CB   sing N N 5   
ALA CA  HA   sing N N 6   
ALA C   O    doub N N 7   
ALA C   OXT  sing N N 8   
ALA CB  HB1  sing N N 9   
ALA CB  HB2  sing N N 10  
ALA CB  HB3  sing N N 11  
ALA OXT HXT  sing N N 12  
ARG N   CA   sing N N 13  
ARG N   H    sing N N 14  
ARG N   H2   sing N N 15  
ARG CA  C    sing N N 16  
ARG CA  CB   sing N N 17  
ARG CA  HA   sing N N 18  
ARG C   O    doub N N 19  
ARG C   OXT  sing N N 20  
ARG CB  CG   sing N N 21  
ARG CB  HB2  sing N N 22  
ARG CB  HB3  sing N N 23  
ARG CG  CD   sing N N 24  
ARG CG  HG2  sing N N 25  
ARG CG  HG3  sing N N 26  
ARG CD  NE   sing N N 27  
ARG CD  HD2  sing N N 28  
ARG CD  HD3  sing N N 29  
ARG NE  CZ   sing N N 30  
ARG NE  HE   sing N N 31  
ARG CZ  NH1  sing N N 32  
ARG CZ  NH2  doub N N 33  
ARG NH1 HH11 sing N N 34  
ARG NH1 HH12 sing N N 35  
ARG NH2 HH21 sing N N 36  
ARG NH2 HH22 sing N N 37  
ARG OXT HXT  sing N N 38  
ASN N   CA   sing N N 39  
ASN N   H    sing N N 40  
ASN N   H2   sing N N 41  
ASN CA  C    sing N N 42  
ASN CA  CB   sing N N 43  
ASN CA  HA   sing N N 44  
ASN C   O    doub N N 45  
ASN C   OXT  sing N N 46  
ASN CB  CG   sing N N 47  
ASN CB  HB2  sing N N 48  
ASN CB  HB3  sing N N 49  
ASN CG  OD1  doub N N 50  
ASN CG  ND2  sing N N 51  
ASN ND2 HD21 sing N N 52  
ASN ND2 HD22 sing N N 53  
ASN OXT HXT  sing N N 54  
ASP N   CA   sing N N 55  
ASP N   H    sing N N 56  
ASP N   H2   sing N N 57  
ASP CA  C    sing N N 58  
ASP CA  CB   sing N N 59  
ASP CA  HA   sing N N 60  
ASP C   O    doub N N 61  
ASP C   OXT  sing N N 62  
ASP CB  CG   sing N N 63  
ASP CB  HB2  sing N N 64  
ASP CB  HB3  sing N N 65  
ASP CG  OD1  doub N N 66  
ASP CG  OD2  sing N N 67  
ASP OD2 HD2  sing N N 68  
ASP OXT HXT  sing N N 69  
GLN N   CA   sing N N 70  
GLN N   H    sing N N 71  
GLN N   H2   sing N N 72  
GLN CA  C    sing N N 73  
GLN CA  CB   sing N N 74  
GLN CA  HA   sing N N 75  
GLN C   O    doub N N 76  
GLN C   OXT  sing N N 77  
GLN CB  CG   sing N N 78  
GLN CB  HB2  sing N N 79  
GLN CB  HB3  sing N N 80  
GLN CG  CD   sing N N 81  
GLN CG  HG2  sing N N 82  
GLN CG  HG3  sing N N 83  
GLN CD  OE1  doub N N 84  
GLN CD  NE2  sing N N 85  
GLN NE2 HE21 sing N N 86  
GLN NE2 HE22 sing N N 87  
GLN OXT HXT  sing N N 88  
GLU N   CA   sing N N 89  
GLU N   H    sing N N 90  
GLU N   H2   sing N N 91  
GLU CA  C    sing N N 92  
GLU CA  CB   sing N N 93  
GLU CA  HA   sing N N 94  
GLU C   O    doub N N 95  
GLU C   OXT  sing N N 96  
GLU CB  CG   sing N N 97  
GLU CB  HB2  sing N N 98  
GLU CB  HB3  sing N N 99  
GLU CG  CD   sing N N 100 
GLU CG  HG2  sing N N 101 
GLU CG  HG3  sing N N 102 
GLU CD  OE1  doub N N 103 
GLU CD  OE2  sing N N 104 
GLU OE2 HE2  sing N N 105 
GLU OXT HXT  sing N N 106 
GLY N   CA   sing N N 107 
GLY N   H    sing N N 108 
GLY N   H2   sing N N 109 
GLY CA  C    sing N N 110 
GLY CA  HA2  sing N N 111 
GLY CA  HA3  sing N N 112 
GLY C   O    doub N N 113 
GLY C   OXT  sing N N 114 
GLY OXT HXT  sing N N 115 
HIS N   CA   sing N N 116 
HIS N   H    sing N N 117 
HIS N   H2   sing N N 118 
HIS CA  C    sing N N 119 
HIS CA  CB   sing N N 120 
HIS CA  HA   sing N N 121 
HIS C   O    doub N N 122 
HIS C   OXT  sing N N 123 
HIS CB  CG   sing N N 124 
HIS CB  HB2  sing N N 125 
HIS CB  HB3  sing N N 126 
HIS CG  ND1  sing Y N 127 
HIS CG  CD2  doub Y N 128 
HIS ND1 CE1  doub Y N 129 
HIS ND1 HD1  sing N N 130 
HIS CD2 NE2  sing Y N 131 
HIS CD2 HD2  sing N N 132 
HIS CE1 NE2  sing Y N 133 
HIS CE1 HE1  sing N N 134 
HIS NE2 HE2  sing N N 135 
HIS OXT HXT  sing N N 136 
HOH O   H1   sing N N 137 
HOH O   H2   sing N N 138 
ILE N   CA   sing N N 139 
ILE N   H    sing N N 140 
ILE N   H2   sing N N 141 
ILE CA  C    sing N N 142 
ILE CA  CB   sing N N 143 
ILE CA  HA   sing N N 144 
ILE C   O    doub N N 145 
ILE C   OXT  sing N N 146 
ILE CB  CG1  sing N N 147 
ILE CB  CG2  sing N N 148 
ILE CB  HB   sing N N 149 
ILE CG1 CD1  sing N N 150 
ILE CG1 HG12 sing N N 151 
ILE CG1 HG13 sing N N 152 
ILE CG2 HG21 sing N N 153 
ILE CG2 HG22 sing N N 154 
ILE CG2 HG23 sing N N 155 
ILE CD1 HD11 sing N N 156 
ILE CD1 HD12 sing N N 157 
ILE CD1 HD13 sing N N 158 
ILE OXT HXT  sing N N 159 
LEU N   CA   sing N N 160 
LEU N   H    sing N N 161 
LEU N   H2   sing N N 162 
LEU CA  C    sing N N 163 
LEU CA  CB   sing N N 164 
LEU CA  HA   sing N N 165 
LEU C   O    doub N N 166 
LEU C   OXT  sing N N 167 
LEU CB  CG   sing N N 168 
LEU CB  HB2  sing N N 169 
LEU CB  HB3  sing N N 170 
LEU CG  CD1  sing N N 171 
LEU CG  CD2  sing N N 172 
LEU CG  HG   sing N N 173 
LEU CD1 HD11 sing N N 174 
LEU CD1 HD12 sing N N 175 
LEU CD1 HD13 sing N N 176 
LEU CD2 HD21 sing N N 177 
LEU CD2 HD22 sing N N 178 
LEU CD2 HD23 sing N N 179 
LEU OXT HXT  sing N N 180 
LYS N   CA   sing N N 181 
LYS N   H    sing N N 182 
LYS N   H2   sing N N 183 
LYS CA  C    sing N N 184 
LYS CA  CB   sing N N 185 
LYS CA  HA   sing N N 186 
LYS C   O    doub N N 187 
LYS C   OXT  sing N N 188 
LYS CB  CG   sing N N 189 
LYS CB  HB2  sing N N 190 
LYS CB  HB3  sing N N 191 
LYS CG  CD   sing N N 192 
LYS CG  HG2  sing N N 193 
LYS CG  HG3  sing N N 194 
LYS CD  CE   sing N N 195 
LYS CD  HD2  sing N N 196 
LYS CD  HD3  sing N N 197 
LYS CE  NZ   sing N N 198 
LYS CE  HE2  sing N N 199 
LYS CE  HE3  sing N N 200 
LYS NZ  HZ1  sing N N 201 
LYS NZ  HZ2  sing N N 202 
LYS NZ  HZ3  sing N N 203 
LYS OXT HXT  sing N N 204 
MET N   CA   sing N N 205 
MET N   H    sing N N 206 
MET N   H2   sing N N 207 
MET CA  C    sing N N 208 
MET CA  CB   sing N N 209 
MET CA  HA   sing N N 210 
MET C   O    doub N N 211 
MET C   OXT  sing N N 212 
MET CB  CG   sing N N 213 
MET CB  HB2  sing N N 214 
MET CB  HB3  sing N N 215 
MET CG  SD   sing N N 216 
MET CG  HG2  sing N N 217 
MET CG  HG3  sing N N 218 
MET SD  CE   sing N N 219 
MET CE  HE1  sing N N 220 
MET CE  HE2  sing N N 221 
MET CE  HE3  sing N N 222 
MET OXT HXT  sing N N 223 
PHE N   CA   sing N N 224 
PHE N   H    sing N N 225 
PHE N   H2   sing N N 226 
PHE CA  C    sing N N 227 
PHE CA  CB   sing N N 228 
PHE CA  HA   sing N N 229 
PHE C   O    doub N N 230 
PHE C   OXT  sing N N 231 
PHE CB  CG   sing N N 232 
PHE CB  HB2  sing N N 233 
PHE CB  HB3  sing N N 234 
PHE CG  CD1  doub Y N 235 
PHE CG  CD2  sing Y N 236 
PHE CD1 CE1  sing Y N 237 
PHE CD1 HD1  sing N N 238 
PHE CD2 CE2  doub Y N 239 
PHE CD2 HD2  sing N N 240 
PHE CE1 CZ   doub Y N 241 
PHE CE1 HE1  sing N N 242 
PHE CE2 CZ   sing Y N 243 
PHE CE2 HE2  sing N N 244 
PHE CZ  HZ   sing N N 245 
PHE OXT HXT  sing N N 246 
PRO N   CA   sing N N 247 
PRO N   CD   sing N N 248 
PRO N   H    sing N N 249 
PRO CA  C    sing N N 250 
PRO CA  CB   sing N N 251 
PRO CA  HA   sing N N 252 
PRO C   O    doub N N 253 
PRO C   OXT  sing N N 254 
PRO CB  CG   sing N N 255 
PRO CB  HB2  sing N N 256 
PRO CB  HB3  sing N N 257 
PRO CG  CD   sing N N 258 
PRO CG  HG2  sing N N 259 
PRO CG  HG3  sing N N 260 
PRO CD  HD2  sing N N 261 
PRO CD  HD3  sing N N 262 
PRO OXT HXT  sing N N 263 
SER N   CA   sing N N 264 
SER N   H    sing N N 265 
SER N   H2   sing N N 266 
SER CA  C    sing N N 267 
SER CA  CB   sing N N 268 
SER CA  HA   sing N N 269 
SER C   O    doub N N 270 
SER C   OXT  sing N N 271 
SER CB  OG   sing N N 272 
SER CB  HB2  sing N N 273 
SER CB  HB3  sing N N 274 
SER OG  HG   sing N N 275 
SER OXT HXT  sing N N 276 
THR N   CA   sing N N 277 
THR N   H    sing N N 278 
THR N   H2   sing N N 279 
THR CA  C    sing N N 280 
THR CA  CB   sing N N 281 
THR CA  HA   sing N N 282 
THR C   O    doub N N 283 
THR C   OXT  sing N N 284 
THR CB  OG1  sing N N 285 
THR CB  CG2  sing N N 286 
THR CB  HB   sing N N 287 
THR OG1 HG1  sing N N 288 
THR CG2 HG21 sing N N 289 
THR CG2 HG22 sing N N 290 
THR CG2 HG23 sing N N 291 
THR OXT HXT  sing N N 292 
TYR N   CA   sing N N 293 
TYR N   H    sing N N 294 
TYR N   H2   sing N N 295 
TYR CA  C    sing N N 296 
TYR CA  CB   sing N N 297 
TYR CA  HA   sing N N 298 
TYR C   O    doub N N 299 
TYR C   OXT  sing N N 300 
TYR CB  CG   sing N N 301 
TYR CB  HB2  sing N N 302 
TYR CB  HB3  sing N N 303 
TYR CG  CD1  doub Y N 304 
TYR CG  CD2  sing Y N 305 
TYR CD1 CE1  sing Y N 306 
TYR CD1 HD1  sing N N 307 
TYR CD2 CE2  doub Y N 308 
TYR CD2 HD2  sing N N 309 
TYR CE1 CZ   doub Y N 310 
TYR CE1 HE1  sing N N 311 
TYR CE2 CZ   sing Y N 312 
TYR CE2 HE2  sing N N 313 
TYR CZ  OH   sing N N 314 
TYR OH  HH   sing N N 315 
TYR OXT HXT  sing N N 316 
VAL N   CA   sing N N 317 
VAL N   H    sing N N 318 
VAL N   H2   sing N N 319 
VAL CA  C    sing N N 320 
VAL CA  CB   sing N N 321 
VAL CA  HA   sing N N 322 
VAL C   O    doub N N 323 
VAL C   OXT  sing N N 324 
VAL CB  CG1  sing N N 325 
VAL CB  CG2  sing N N 326 
VAL CB  HB   sing N N 327 
VAL CG1 HG11 sing N N 328 
VAL CG1 HG12 sing N N 329 
VAL CG1 HG13 sing N N 330 
VAL CG2 HG21 sing N N 331 
VAL CG2 HG22 sing N N 332 
VAL CG2 HG23 sing N N 333 
VAL OXT HXT  sing N N 334 
# 
_pdbx_entity_nonpoly.entity_id   2 
_pdbx_entity_nonpoly.name        water 
_pdbx_entity_nonpoly.comp_id     HOH 
# 
_pdbx_initial_refinement_model.id               1 
_pdbx_initial_refinement_model.entity_id_list   ? 
_pdbx_initial_refinement_model.type             'experimental model' 
_pdbx_initial_refinement_model.source_name      PDB 
_pdbx_initial_refinement_model.accession_code   1KID 
_pdbx_initial_refinement_model.details          ? 
# 
